data_7ZEW
#
_entry.id   7ZEW
#
_cell.length_a   1.000
_cell.length_b   1.000
_cell.length_c   1.000
_cell.angle_alpha   90.00
_cell.angle_beta   90.00
_cell.angle_gamma   90.00
#
_symmetry.space_group_name_H-M   'P 1'
#
loop_
_entity.id
_entity.type
_entity.pdbx_description
1 polymer 'Peptidyl-prolyl cis-trans isomerase E'
2 polymer "RNA (5'-R(*AP*AP*UP*AP*AP*A)-3')"
#
loop_
_entity_poly.entity_id
_entity_poly.type
_entity_poly.pdbx_seq_one_letter_code
_entity_poly.pdbx_strand_id
1 'polypeptide(L)'
;AGHMATTKRVLYVGGLAEEVDDKVLHAAFIPFGDITDIQIPLDYETEKHRGFAFVEFELAEDAAAAIDNMNESELFGRTI
RVNLAKPMRIKEGSSRPVWSDDDWLKKFSGKTLEENK
;
A
2 'polyribonucleotide' AAUAAA B
#
loop_
_chem_comp.id
_chem_comp.type
_chem_comp.name
_chem_comp.formula
A RNA linking ADENOSINE-5'-MONOPHOSPHATE 'C10 H14 N5 O7 P'
U RNA linking URIDINE-5'-MONOPHOSPHATE 'C9 H13 N2 O9 P'
#
# COMPACT_ATOMS: atom_id res chain seq x y z
N ALA A 1 3.75 11.82 -20.06
CA ALA A 1 4.47 10.71 -19.41
C ALA A 1 3.56 9.51 -19.20
N GLY A 2 4.14 8.33 -19.05
CA GLY A 2 3.39 7.10 -18.80
C GLY A 2 3.03 6.96 -17.33
N HIS A 3 2.05 6.09 -17.04
CA HIS A 3 1.56 5.84 -15.70
C HIS A 3 0.86 4.49 -15.62
N MET A 4 0.67 3.98 -14.41
CA MET A 4 0.01 2.70 -14.18
C MET A 4 -1.48 2.78 -14.50
N ALA A 5 -2.12 1.62 -14.66
CA ALA A 5 -3.52 1.50 -14.99
C ALA A 5 -4.42 2.07 -13.89
N THR A 6 -5.72 2.13 -14.18
CA THR A 6 -6.73 2.69 -13.28
C THR A 6 -6.97 1.93 -11.98
N THR A 7 -6.17 0.89 -11.69
CA THR A 7 -6.29 0.15 -10.44
C THR A 7 -6.01 1.03 -9.22
N LYS A 8 -6.96 1.04 -8.27
CA LYS A 8 -6.95 1.93 -7.10
C LYS A 8 -7.72 1.30 -5.95
N ARG A 9 -7.93 2.09 -4.88
CA ARG A 9 -8.63 1.71 -3.65
C ARG A 9 -8.05 0.48 -2.97
N VAL A 10 -6.77 0.18 -3.17
CA VAL A 10 -6.15 -0.99 -2.57
C VAL A 10 -4.69 -0.65 -2.30
N LEU A 11 -4.12 -1.18 -1.21
CA LEU A 11 -2.72 -0.97 -0.91
C LEU A 11 -2.13 -2.17 -0.20
N TYR A 12 -0.99 -2.63 -0.72
CA TYR A 12 -0.16 -3.61 -0.07
C TYR A 12 0.74 -2.99 1.00
N VAL A 13 0.96 -3.67 2.12
CA VAL A 13 1.88 -3.20 3.14
C VAL A 13 2.84 -4.29 3.58
N GLY A 14 4.13 -3.98 3.68
CA GLY A 14 5.14 -4.96 4.03
C GLY A 14 6.15 -4.41 5.02
N GLY A 15 6.93 -5.31 5.63
CA GLY A 15 7.95 -4.94 6.61
C GLY A 15 7.34 -4.67 7.99
N LEU A 16 6.08 -5.06 8.19
CA LEU A 16 5.36 -4.79 9.44
C LEU A 16 6.03 -5.48 10.63
N ALA A 17 5.88 -4.87 11.80
CA ALA A 17 6.32 -5.47 13.05
C ALA A 17 5.37 -6.60 13.45
N GLU A 18 5.77 -7.41 14.42
CA GLU A 18 5.01 -8.56 14.85
C GLU A 18 3.77 -8.19 15.67
N GLU A 19 3.42 -6.90 15.73
CA GLU A 19 2.28 -6.41 16.49
C GLU A 19 1.32 -5.57 15.64
N VAL A 20 1.65 -5.36 14.36
CA VAL A 20 0.84 -4.52 13.47
C VAL A 20 -0.39 -5.24 12.90
N ASP A 21 -1.32 -5.61 13.79
CA ASP A 21 -2.55 -6.27 13.43
C ASP A 21 -3.55 -5.35 12.72
N ASP A 22 -4.72 -5.86 12.37
CA ASP A 22 -5.72 -5.14 11.59
C ASP A 22 -6.13 -3.77 12.16
N LYS A 23 -6.32 -3.68 13.47
CA LYS A 23 -6.72 -2.44 14.11
C LYS A 23 -5.58 -1.42 14.11
N VAL A 24 -4.34 -1.87 13.94
CA VAL A 24 -3.19 -0.99 13.91
C VAL A 24 -3.07 -0.31 12.55
N LEU A 25 -3.34 -1.05 11.48
CA LEU A 25 -3.32 -0.50 10.14
C LEU A 25 -4.54 0.39 9.93
N HIS A 26 -5.66 0.06 10.58
CA HIS A 26 -6.87 0.86 10.49
C HIS A 26 -6.64 2.23 11.11
N ALA A 27 -5.85 2.31 12.19
CA ALA A 27 -5.55 3.57 12.84
C ALA A 27 -4.38 4.30 12.16
N ALA A 28 -3.54 3.57 11.41
CA ALA A 28 -2.36 4.13 10.78
C ALA A 28 -2.66 4.67 9.38
N PHE A 29 -3.82 4.35 8.81
CA PHE A 29 -4.18 4.77 7.46
C PHE A 29 -5.47 5.57 7.30
N ILE A 30 -6.18 5.82 8.42
CA ILE A 30 -7.45 6.52 8.38
C ILE A 30 -7.34 8.05 8.19
N PRO A 31 -6.26 8.73 8.61
CA PRO A 31 -6.16 10.18 8.47
C PRO A 31 -6.15 10.65 7.00
N PHE A 32 -5.92 9.72 6.07
CA PHE A 32 -5.78 10.06 4.65
C PHE A 32 -7.12 10.07 3.90
N GLY A 33 -8.20 9.63 4.56
CA GLY A 33 -9.49 9.52 3.92
C GLY A 33 -10.46 8.73 4.80
N ASP A 34 -10.98 7.62 4.29
CA ASP A 34 -11.87 6.76 5.05
C ASP A 34 -11.70 5.30 4.59
N ILE A 35 -11.22 4.45 5.51
CA ILE A 35 -10.97 3.04 5.24
C ILE A 35 -12.30 2.28 5.17
N THR A 36 -12.31 1.16 4.45
CA THR A 36 -13.49 0.31 4.35
C THR A 36 -13.24 -1.19 4.54
N ASP A 37 -11.98 -1.63 4.52
CA ASP A 37 -11.63 -3.02 4.77
C ASP A 37 -10.13 -3.12 5.07
N ILE A 38 -9.73 -4.22 5.73
CA ILE A 38 -8.36 -4.53 6.11
C ILE A 38 -8.15 -6.03 5.97
N GLN A 39 -6.90 -6.48 5.79
CA GLN A 39 -6.59 -7.89 5.66
C GLN A 39 -5.30 -8.23 6.38
N ILE A 40 -5.30 -9.33 7.16
CA ILE A 40 -4.13 -9.83 7.86
C ILE A 40 -3.94 -11.32 7.54
N PRO A 41 -3.38 -11.64 6.37
CA PRO A 41 -3.10 -13.00 5.98
C PRO A 41 -1.93 -13.56 6.79
N LEU A 42 -1.95 -14.88 7.00
CA LEU A 42 -0.91 -15.57 7.77
C LEU A 42 0.22 -16.04 6.87
N ASP A 43 1.28 -16.60 7.47
CA ASP A 43 2.40 -17.17 6.75
C ASP A 43 1.94 -18.50 6.14
N TYR A 44 0.85 -19.07 6.67
CA TYR A 44 0.28 -20.36 6.27
C TYR A 44 1.33 -21.48 6.29
N GLU A 45 2.39 -21.34 7.09
CA GLU A 45 3.34 -22.41 7.32
C GLU A 45 3.38 -22.74 8.81
N THR A 46 3.11 -21.73 9.64
CA THR A 46 3.00 -21.85 11.10
C THR A 46 1.81 -21.11 11.69
N GLU A 47 0.90 -20.65 10.81
CA GLU A 47 -0.32 -19.95 11.18
C GLU A 47 -0.07 -18.73 12.07
N LYS A 48 0.82 -17.83 11.60
CA LYS A 48 1.15 -16.58 12.29
C LYS A 48 1.25 -15.44 11.30
N HIS A 49 1.20 -14.20 11.80
CA HIS A 49 1.24 -13.00 10.97
C HIS A 49 2.60 -12.91 10.26
N ARG A 50 2.54 -12.88 8.92
CA ARG A 50 3.70 -12.95 8.04
C ARG A 50 4.48 -11.65 7.98
N GLY A 51 3.93 -10.54 8.50
CA GLY A 51 4.62 -9.26 8.47
C GLY A 51 4.19 -8.40 7.29
N PHE A 52 3.04 -8.70 6.67
CA PHE A 52 2.54 -7.92 5.54
C PHE A 52 1.02 -7.97 5.66
N ALA A 53 0.34 -7.04 4.99
CA ALA A 53 -1.09 -6.87 5.08
C ALA A 53 -1.63 -6.08 3.88
N PHE A 54 -2.93 -5.80 3.88
CA PHE A 54 -3.59 -5.02 2.85
C PHE A 54 -4.60 -4.03 3.42
N VAL A 55 -4.90 -2.98 2.64
CA VAL A 55 -5.86 -1.95 3.02
C VAL A 55 -6.73 -1.59 1.82
N GLU A 56 -7.99 -1.22 2.08
CA GLU A 56 -8.92 -0.78 1.04
C GLU A 56 -9.80 0.36 1.57
N PHE A 57 -10.24 1.24 0.66
CA PHE A 57 -10.97 2.44 1.01
C PHE A 57 -12.10 2.55 -0.02
N GLU A 58 -13.08 3.41 0.26
CA GLU A 58 -14.21 3.62 -0.63
C GLU A 58 -13.91 4.70 -1.66
N LEU A 59 -12.68 5.20 -1.70
CA LEU A 59 -12.28 6.28 -2.60
C LEU A 59 -10.83 6.09 -3.05
N ALA A 60 -10.55 6.43 -4.31
CA ALA A 60 -9.25 6.18 -4.92
C ALA A 60 -8.22 7.26 -4.59
N GLU A 61 -8.65 8.49 -4.29
CA GLU A 61 -7.72 9.57 -4.00
C GLU A 61 -7.04 9.36 -2.65
N ASP A 62 -7.65 8.54 -1.78
CA ASP A 62 -7.07 8.22 -0.48
C ASP A 62 -5.92 7.22 -0.65
N ALA A 63 -6.12 6.21 -1.50
CA ALA A 63 -5.11 5.18 -1.73
C ALA A 63 -3.87 5.78 -2.39
N ALA A 64 -4.07 6.65 -3.38
CA ALA A 64 -2.97 7.30 -4.08
C ALA A 64 -2.21 8.25 -3.16
N ALA A 65 -2.91 8.90 -2.22
CA ALA A 65 -2.27 9.83 -1.30
C ALA A 65 -1.40 9.07 -0.29
N ALA A 66 -1.81 7.86 0.08
CA ALA A 66 -1.04 7.04 1.01
C ALA A 66 0.25 6.55 0.36
N ILE A 67 0.25 6.37 -0.97
CA ILE A 67 1.48 6.03 -1.67
C ILE A 67 2.43 7.23 -1.62
N ASP A 68 1.87 8.44 -1.66
CA ASP A 68 2.64 9.68 -1.57
C ASP A 68 3.04 10.10 -0.14
N ASN A 69 2.45 9.48 0.89
CA ASN A 69 2.69 9.90 2.27
C ASN A 69 3.03 8.77 3.25
N MET A 70 2.93 7.51 2.83
CA MET A 70 3.21 6.38 3.71
C MET A 70 4.20 5.39 3.09
N ASN A 71 4.62 5.63 1.84
CA ASN A 71 5.63 4.77 1.23
C ASN A 71 6.96 4.96 1.94
N GLU A 72 7.64 3.85 2.23
CA GLU A 72 8.92 3.85 2.97
C GLU A 72 8.81 4.59 4.31
N SER A 73 7.59 4.65 4.86
CA SER A 73 7.34 5.26 6.17
C SER A 73 7.77 4.29 7.27
N GLU A 74 7.42 4.58 8.53
CA GLU A 74 7.85 3.79 9.67
C GLU A 74 6.70 3.49 10.61
N LEU A 75 6.57 2.22 11.03
CA LEU A 75 5.56 1.73 11.96
C LEU A 75 6.28 0.89 13.01
N PHE A 76 5.89 1.00 14.28
CA PHE A 76 6.47 0.20 15.35
C PHE A 76 7.99 0.25 15.55
N GLY A 77 8.63 1.28 15.00
CA GLY A 77 10.06 1.47 15.14
C GLY A 77 10.86 0.86 13.98
N ARG A 78 10.19 0.49 12.89
CA ARG A 78 10.85 -0.09 11.73
C ARG A 78 10.17 0.35 10.43
N THR A 79 10.93 0.36 9.34
CA THR A 79 10.45 0.75 8.04
C THR A 79 9.36 -0.15 7.44
N ILE A 80 8.42 0.44 6.70
CA ILE A 80 7.35 -0.28 6.03
C ILE A 80 7.18 0.24 4.61
N ARG A 81 6.62 -0.58 3.72
CA ARG A 81 6.38 -0.22 2.33
C ARG A 81 4.89 -0.09 2.08
N VAL A 82 4.50 0.80 1.18
CA VAL A 82 3.11 1.00 0.81
C VAL A 82 3.00 1.25 -0.69
N ASN A 83 2.18 0.44 -1.37
CA ASN A 83 1.99 0.55 -2.81
C ASN A 83 0.82 -0.30 -3.29
N LEU A 84 0.27 0.00 -4.47
CA LEU A 84 -0.77 -0.81 -5.07
C LEU A 84 -0.18 -2.16 -5.49
N ALA A 85 -1.00 -3.21 -5.51
CA ALA A 85 -0.53 -4.57 -5.73
C ALA A 85 0.16 -4.76 -7.09
N LYS A 86 1.18 -5.62 -7.10
CA LYS A 86 1.98 -5.99 -8.25
C LYS A 86 1.18 -6.89 -9.22
N PRO A 87 1.71 -7.22 -10.41
CA PRO A 87 0.96 -7.88 -11.47
C PRO A 87 0.41 -9.27 -11.12
N MET A 88 0.82 -9.89 -10.01
CA MET A 88 0.24 -11.17 -9.62
C MET A 88 -1.25 -10.95 -9.31
N ARG A 89 -2.08 -11.98 -9.51
CA ARG A 89 -3.51 -11.85 -9.22
C ARG A 89 -3.72 -11.51 -7.76
N ILE A 90 -4.83 -10.81 -7.52
CA ILE A 90 -5.25 -10.34 -6.20
C ILE A 90 -6.45 -11.17 -5.75
N LYS A 91 -6.94 -10.90 -4.53
CA LYS A 91 -8.03 -11.59 -3.87
C LYS A 91 -9.29 -11.80 -4.71
N GLU A 92 -9.41 -11.16 -5.88
CA GLU A 92 -10.59 -11.28 -6.73
C GLU A 92 -10.23 -11.56 -8.18
N GLY A 93 -9.00 -12.02 -8.43
CA GLY A 93 -8.53 -12.42 -9.75
C GLY A 93 -8.25 -11.22 -10.67
N SER A 94 -8.37 -9.99 -10.15
CA SER A 94 -8.13 -8.79 -10.95
C SER A 94 -6.66 -8.71 -11.38
N SER A 95 -6.43 -8.31 -12.64
CA SER A 95 -5.08 -8.15 -13.19
C SER A 95 -4.58 -6.73 -12.99
N ARG A 96 -3.25 -6.55 -13.00
CA ARG A 96 -2.62 -5.26 -12.77
C ARG A 96 -1.33 -5.13 -13.60
N PRO A 97 -0.86 -3.89 -13.82
CA PRO A 97 0.38 -3.61 -14.52
C PRO A 97 1.59 -4.21 -13.81
N VAL A 98 2.77 -4.06 -14.42
CA VAL A 98 4.01 -4.58 -13.88
C VAL A 98 4.52 -3.82 -12.65
N TRP A 99 4.10 -2.56 -12.48
CA TRP A 99 4.53 -1.74 -11.36
C TRP A 99 6.05 -1.68 -11.17
N SER A 100 6.76 -1.28 -12.22
CA SER A 100 8.21 -1.12 -12.17
C SER A 100 8.56 0.02 -11.21
N ASP A 101 9.21 -0.33 -10.09
CA ASP A 101 9.50 0.62 -9.03
C ASP A 101 10.53 1.70 -9.37
N ASP A 102 11.26 1.55 -10.48
CA ASP A 102 12.26 2.54 -10.84
C ASP A 102 11.64 3.86 -11.30
N ASP A 103 10.81 3.82 -12.35
CA ASP A 103 10.19 5.03 -12.86
C ASP A 103 9.00 5.50 -12.05
N TRP A 104 8.16 4.56 -11.59
CA TRP A 104 7.00 4.93 -10.80
C TRP A 104 7.40 5.58 -9.48
N LEU A 105 8.40 5.03 -8.79
CA LEU A 105 8.74 5.61 -7.50
C LEU A 105 9.63 6.84 -7.67
N LYS A 106 10.28 6.97 -8.83
CA LYS A 106 11.02 8.18 -9.17
C LYS A 106 10.07 9.38 -9.35
N LYS A 107 8.93 9.18 -10.02
CA LYS A 107 7.99 10.28 -10.25
C LYS A 107 7.14 10.54 -9.01
N PHE A 108 7.02 9.56 -8.10
CA PHE A 108 6.40 9.78 -6.80
C PHE A 108 7.31 10.42 -5.74
N SER A 109 8.63 10.29 -5.91
CA SER A 109 9.59 10.89 -4.99
C SER A 109 9.86 12.34 -5.39
N GLY A 110 9.79 12.65 -6.68
CA GLY A 110 9.97 14.00 -7.18
C GLY A 110 8.66 14.79 -7.14
N LYS A 111 8.76 16.12 -7.26
CA LYS A 111 7.60 17.00 -7.22
C LYS A 111 6.82 17.01 -8.54
N THR A 112 7.19 16.16 -9.50
CA THR A 112 6.55 16.13 -10.81
C THR A 112 5.09 15.70 -10.81
N LEU A 113 4.64 15.01 -9.75
CA LEU A 113 3.26 14.58 -9.63
C LEU A 113 2.34 15.71 -9.14
N GLU A 114 2.90 16.89 -8.88
CA GLU A 114 2.14 18.03 -8.37
C GLU A 114 2.41 19.30 -9.17
N GLU A 115 3.54 19.38 -9.87
CA GLU A 115 3.83 20.54 -10.70
C GLU A 115 2.99 20.50 -11.97
N ASN A 116 2.69 19.31 -12.47
CA ASN A 116 1.87 19.12 -13.67
C ASN A 116 0.38 19.09 -13.32
N LYS A 117 -0.47 19.37 -14.31
CA LYS A 117 -1.91 19.39 -14.14
C LYS A 117 -2.60 19.09 -15.47
N ALA A 1 -3.78 11.49 -13.97
CA ALA A 1 -3.03 11.28 -15.22
C ALA A 1 -1.53 11.09 -14.94
N GLY A 2 -0.82 10.48 -15.88
CA GLY A 2 0.61 10.22 -15.74
C GLY A 2 0.91 9.10 -14.75
N HIS A 3 -0.14 8.49 -14.21
CA HIS A 3 -0.02 7.40 -13.25
C HIS A 3 0.55 6.14 -13.92
N MET A 4 1.05 5.21 -13.11
CA MET A 4 1.62 3.96 -13.61
C MET A 4 0.53 3.04 -14.14
N ALA A 5 -0.69 3.12 -13.58
CA ALA A 5 -1.80 2.27 -13.96
C ALA A 5 -3.11 2.81 -13.40
N THR A 6 -4.23 2.30 -13.90
CA THR A 6 -5.56 2.68 -13.42
C THR A 6 -5.99 2.04 -12.10
N THR A 7 -5.19 1.09 -11.57
CA THR A 7 -5.50 0.41 -10.32
C THR A 7 -5.46 1.37 -9.13
N LYS A 8 -6.48 1.29 -8.27
CA LYS A 8 -6.66 2.15 -7.11
C LYS A 8 -7.50 1.44 -6.04
N ARG A 9 -7.78 2.15 -4.94
CA ARG A 9 -8.56 1.70 -3.79
C ARG A 9 -8.04 0.43 -3.13
N VAL A 10 -6.75 0.13 -3.26
CA VAL A 10 -6.15 -1.06 -2.63
C VAL A 10 -4.71 -0.73 -2.31
N LEU A 11 -4.19 -1.23 -1.19
CA LEU A 11 -2.79 -1.02 -0.85
C LEU A 11 -2.23 -2.22 -0.10
N TYR A 12 -1.09 -2.70 -0.60
CA TYR A 12 -0.28 -3.69 0.08
C TYR A 12 0.64 -3.04 1.11
N VAL A 13 0.87 -3.73 2.23
CA VAL A 13 1.82 -3.26 3.24
C VAL A 13 2.75 -4.37 3.66
N GLY A 14 4.05 -4.07 3.76
CA GLY A 14 5.05 -5.07 4.11
C GLY A 14 6.07 -4.51 5.10
N GLY A 15 6.83 -5.42 5.73
CA GLY A 15 7.85 -5.04 6.70
C GLY A 15 7.25 -4.78 8.07
N LEU A 16 5.98 -5.12 8.26
CA LEU A 16 5.27 -4.88 9.51
C LEU A 16 5.92 -5.62 10.68
N ALA A 17 5.81 -5.03 11.88
CA ALA A 17 6.26 -5.65 13.10
C ALA A 17 5.32 -6.77 13.52
N GLU A 18 5.71 -7.54 14.54
CA GLU A 18 4.95 -8.69 15.03
C GLU A 18 3.63 -8.29 15.70
N GLU A 19 3.27 -7.00 15.70
CA GLU A 19 2.13 -6.49 16.44
C GLU A 19 1.22 -5.59 15.60
N VAL A 20 1.58 -5.32 14.35
CA VAL A 20 0.82 -4.42 13.49
C VAL A 20 -0.44 -5.04 12.88
N ASP A 21 -1.34 -5.50 13.75
CA ASP A 21 -2.59 -6.16 13.36
C ASP A 21 -3.61 -5.21 12.71
N ASP A 22 -4.78 -5.74 12.35
CA ASP A 22 -5.79 -4.99 11.64
C ASP A 22 -6.17 -3.63 12.23
N LYS A 23 -6.33 -3.58 13.56
CA LYS A 23 -6.70 -2.35 14.25
C LYS A 23 -5.56 -1.32 14.23
N VAL A 24 -4.32 -1.79 14.06
CA VAL A 24 -3.17 -0.90 14.00
C VAL A 24 -3.07 -0.22 12.64
N LEU A 25 -3.34 -0.98 11.56
CA LEU A 25 -3.34 -0.45 10.21
C LEU A 25 -4.58 0.42 9.99
N HIS A 26 -5.69 0.09 10.65
CA HIS A 26 -6.90 0.87 10.54
C HIS A 26 -6.69 2.25 11.16
N ALA A 27 -5.90 2.33 12.23
CA ALA A 27 -5.60 3.59 12.87
C ALA A 27 -4.43 4.33 12.20
N ALA A 28 -3.63 3.62 11.41
CA ALA A 28 -2.46 4.19 10.76
C ALA A 28 -2.77 4.71 9.35
N PHE A 29 -3.90 4.33 8.77
CA PHE A 29 -4.26 4.71 7.40
C PHE A 29 -5.54 5.53 7.24
N ILE A 30 -6.21 5.84 8.34
CA ILE A 30 -7.48 6.56 8.34
C ILE A 30 -7.37 8.08 8.16
N PRO A 31 -6.24 8.77 8.49
CA PRO A 31 -6.22 10.21 8.44
C PRO A 31 -6.14 10.76 7.01
N PHE A 32 -5.87 9.90 6.02
CA PHE A 32 -5.75 10.33 4.64
C PHE A 32 -7.12 10.23 3.95
N GLY A 33 -8.04 9.45 4.53
CA GLY A 33 -9.37 9.25 3.99
C GLY A 33 -10.05 8.05 4.63
N ASP A 34 -11.34 7.86 4.35
CA ASP A 34 -12.12 6.80 4.98
C ASP A 34 -11.79 5.39 4.52
N ILE A 35 -11.40 4.53 5.47
CA ILE A 35 -11.12 3.13 5.20
C ILE A 35 -12.44 2.35 5.12
N THR A 36 -12.44 1.22 4.41
CA THR A 36 -13.60 0.36 4.32
C THR A 36 -13.31 -1.13 4.54
N ASP A 37 -12.04 -1.54 4.44
CA ASP A 37 -11.59 -2.90 4.67
C ASP A 37 -10.11 -3.03 5.05
N ILE A 38 -9.79 -4.10 5.77
CA ILE A 38 -8.44 -4.46 6.19
C ILE A 38 -8.30 -5.98 6.07
N GLN A 39 -7.08 -6.48 5.90
CA GLN A 39 -6.84 -7.91 5.80
C GLN A 39 -5.50 -8.27 6.41
N ILE A 40 -5.47 -9.33 7.24
CA ILE A 40 -4.26 -9.80 7.90
C ILE A 40 -4.06 -11.29 7.60
N PRO A 41 -3.52 -11.62 6.42
CA PRO A 41 -3.18 -12.98 6.04
C PRO A 41 -1.98 -13.47 6.87
N LEU A 42 -1.70 -14.78 6.79
CA LEU A 42 -0.68 -15.41 7.61
C LEU A 42 0.50 -15.91 6.77
N ASP A 43 1.52 -16.46 7.44
CA ASP A 43 2.66 -17.07 6.80
C ASP A 43 2.23 -18.42 6.24
N TYR A 44 1.10 -18.94 6.73
CA TYR A 44 0.50 -20.22 6.35
C TYR A 44 1.50 -21.38 6.40
N GLU A 45 2.56 -21.28 7.20
CA GLU A 45 3.45 -22.38 7.49
C GLU A 45 3.44 -22.66 8.99
N THR A 46 3.17 -21.62 9.79
CA THR A 46 3.03 -21.68 11.23
C THR A 46 1.81 -20.92 11.77
N GLU A 47 0.92 -20.51 10.85
CA GLU A 47 -0.34 -19.83 11.17
C GLU A 47 -0.17 -18.52 11.93
N LYS A 48 0.96 -17.83 11.72
CA LYS A 48 1.18 -16.51 12.32
C LYS A 48 1.22 -15.43 11.25
N HIS A 49 1.06 -14.17 11.66
CA HIS A 49 1.15 -13.02 10.78
C HIS A 49 2.58 -12.91 10.23
N ARG A 50 2.73 -12.93 8.91
CA ARG A 50 4.03 -12.93 8.26
C ARG A 50 4.75 -11.58 8.33
N GLY A 51 4.01 -10.49 8.55
CA GLY A 51 4.61 -9.16 8.53
C GLY A 51 4.13 -8.35 7.33
N PHE A 52 2.98 -8.70 6.75
CA PHE A 52 2.45 -7.96 5.61
C PHE A 52 0.93 -8.02 5.77
N ALA A 53 0.24 -7.10 5.09
CA ALA A 53 -1.21 -6.94 5.19
C ALA A 53 -1.75 -6.14 4.01
N PHE A 54 -3.07 -5.88 4.01
CA PHE A 54 -3.73 -5.12 2.97
C PHE A 54 -4.74 -4.12 3.51
N VAL A 55 -5.08 -3.12 2.70
CA VAL A 55 -6.03 -2.07 3.03
C VAL A 55 -6.86 -1.69 1.81
N GLU A 56 -8.11 -1.25 2.03
CA GLU A 56 -9.00 -0.79 0.98
C GLU A 56 -9.84 0.39 1.47
N PHE A 57 -10.22 1.27 0.55
CA PHE A 57 -10.90 2.52 0.89
C PHE A 57 -11.98 2.70 -0.18
N GLU A 58 -12.96 3.56 0.11
CA GLU A 58 -14.01 3.90 -0.83
C GLU A 58 -13.61 5.08 -1.71
N LEU A 59 -12.33 5.45 -1.72
CA LEU A 59 -11.81 6.55 -2.50
C LEU A 59 -10.54 6.14 -3.24
N ALA A 60 -10.43 6.51 -4.51
CA ALA A 60 -9.26 6.19 -5.32
C ALA A 60 -8.14 7.21 -5.10
N GLU A 61 -8.48 8.44 -4.69
CA GLU A 61 -7.50 9.47 -4.46
C GLU A 61 -6.84 9.31 -3.10
N ASP A 62 -7.51 8.60 -2.18
CA ASP A 62 -6.97 8.34 -0.86
C ASP A 62 -5.84 7.30 -0.94
N ALA A 63 -6.03 6.28 -1.78
CA ALA A 63 -5.05 5.23 -1.95
C ALA A 63 -3.75 5.78 -2.52
N ALA A 64 -3.85 6.64 -3.53
CA ALA A 64 -2.68 7.24 -4.15
C ALA A 64 -1.99 8.20 -3.19
N ALA A 65 -2.75 8.85 -2.30
CA ALA A 65 -2.19 9.78 -1.33
C ALA A 65 -1.44 9.02 -0.23
N ALA A 66 -1.93 7.85 0.17
CA ALA A 66 -1.28 7.05 1.19
C ALA A 66 0.05 6.50 0.68
N ILE A 67 0.18 6.31 -0.64
CA ILE A 67 1.47 5.92 -1.21
C ILE A 67 2.44 7.08 -1.08
N ASP A 68 1.99 8.31 -1.37
CA ASP A 68 2.82 9.49 -1.30
C ASP A 68 3.15 9.92 0.14
N ASN A 69 2.43 9.37 1.13
CA ASN A 69 2.61 9.76 2.52
C ASN A 69 3.12 8.63 3.42
N MET A 70 3.16 7.37 2.93
CA MET A 70 3.62 6.26 3.77
C MET A 70 4.52 5.26 3.05
N ASN A 71 4.87 5.49 1.78
CA ASN A 71 5.81 4.61 1.11
C ASN A 71 7.17 4.73 1.80
N GLU A 72 7.81 3.59 2.09
CA GLU A 72 9.07 3.53 2.80
C GLU A 72 9.03 4.25 4.15
N SER A 73 7.83 4.41 4.72
CA SER A 73 7.63 5.03 6.03
C SER A 73 8.02 4.06 7.14
N GLU A 74 7.61 4.33 8.39
CA GLU A 74 8.00 3.52 9.53
C GLU A 74 6.81 3.28 10.47
N LEU A 75 6.67 2.03 10.94
CA LEU A 75 5.65 1.60 11.88
C LEU A 75 6.33 0.71 12.91
N PHE A 76 5.95 0.83 14.18
CA PHE A 76 6.50 -0.01 15.23
C PHE A 76 8.02 -0.04 15.39
N GLY A 77 8.71 1.01 14.91
CA GLY A 77 10.14 1.14 15.09
C GLY A 77 10.94 0.56 13.93
N ARG A 78 10.29 0.24 12.80
CA ARG A 78 10.97 -0.32 11.65
C ARG A 78 10.28 0.06 10.34
N THR A 79 11.03 0.06 9.25
CA THR A 79 10.54 0.44 7.93
C THR A 79 9.41 -0.41 7.37
N ILE A 80 8.49 0.22 6.63
CA ILE A 80 7.38 -0.47 5.98
C ILE A 80 7.21 0.05 4.56
N ARG A 81 6.58 -0.75 3.70
CA ARG A 81 6.34 -0.40 2.31
C ARG A 81 4.84 -0.23 2.09
N VAL A 82 4.46 0.66 1.18
CA VAL A 82 3.07 0.89 0.80
C VAL A 82 2.97 1.08 -0.70
N ASN A 83 2.15 0.27 -1.36
CA ASN A 83 1.97 0.33 -2.81
C ASN A 83 0.79 -0.53 -3.26
N LEU A 84 0.27 -0.28 -4.47
CA LEU A 84 -0.81 -1.09 -5.04
C LEU A 84 -0.25 -2.45 -5.48
N ALA A 85 -1.12 -3.46 -5.57
CA ALA A 85 -0.70 -4.84 -5.77
C ALA A 85 0.04 -5.09 -7.09
N LYS A 86 1.03 -5.98 -7.01
CA LYS A 86 1.82 -6.46 -8.14
C LYS A 86 1.06 -7.53 -8.93
N PRO A 87 1.59 -8.03 -10.06
CA PRO A 87 0.90 -8.92 -11.00
C PRO A 87 0.28 -10.20 -10.46
N MET A 88 0.61 -10.65 -9.25
CA MET A 88 0.01 -11.88 -8.73
C MET A 88 -1.50 -11.70 -8.59
N ARG A 89 -2.27 -12.79 -8.62
CA ARG A 89 -3.72 -12.73 -8.51
C ARG A 89 -4.10 -12.02 -7.21
N ILE A 90 -4.91 -10.97 -7.35
CA ILE A 90 -5.35 -10.15 -6.21
C ILE A 90 -6.72 -10.63 -5.72
N LYS A 91 -7.22 -9.98 -4.66
CA LYS A 91 -8.43 -10.32 -3.91
C LYS A 91 -9.74 -10.41 -4.73
N GLU A 92 -9.69 -10.32 -6.06
CA GLU A 92 -10.88 -10.39 -6.89
C GLU A 92 -10.65 -11.26 -8.13
N GLY A 93 -9.56 -12.03 -8.14
CA GLY A 93 -9.21 -12.92 -9.24
C GLY A 93 -8.57 -12.15 -10.40
N SER A 94 -8.51 -10.83 -10.30
CA SER A 94 -7.93 -9.98 -11.34
C SER A 94 -6.40 -9.91 -11.19
N SER A 95 -5.74 -9.25 -12.14
CA SER A 95 -4.29 -9.11 -12.15
C SER A 95 -3.91 -7.66 -12.48
N ARG A 96 -2.64 -7.31 -12.28
CA ARG A 96 -2.15 -5.93 -12.41
C ARG A 96 -0.83 -5.89 -13.16
N PRO A 97 -0.44 -4.72 -13.70
CA PRO A 97 0.84 -4.53 -14.36
C PRO A 97 2.00 -4.72 -13.37
N VAL A 98 3.23 -4.70 -13.89
CA VAL A 98 4.42 -5.03 -13.12
C VAL A 98 4.82 -4.03 -12.04
N TRP A 99 4.35 -2.78 -12.11
CA TRP A 99 4.71 -1.78 -11.12
C TRP A 99 6.21 -1.57 -10.98
N SER A 100 6.86 -1.14 -12.07
CA SER A 100 8.29 -0.85 -12.07
C SER A 100 8.59 0.31 -11.12
N ASP A 101 9.34 0.01 -10.05
CA ASP A 101 9.63 0.98 -9.01
C ASP A 101 10.55 2.12 -9.44
N ASP A 102 11.22 1.97 -10.60
CA ASP A 102 12.13 3.00 -11.07
C ASP A 102 11.41 4.28 -11.51
N ASP A 103 10.50 4.17 -12.48
CA ASP A 103 9.81 5.34 -13.00
C ASP A 103 8.60 5.77 -12.18
N TRP A 104 7.90 4.83 -11.56
CA TRP A 104 6.79 5.18 -10.68
C TRP A 104 7.30 5.92 -9.45
N LEU A 105 8.43 5.48 -8.87
CA LEU A 105 8.87 6.11 -7.65
C LEU A 105 9.64 7.40 -7.91
N LYS A 106 10.16 7.60 -9.14
CA LYS A 106 10.73 8.90 -9.48
C LYS A 106 9.65 9.98 -9.53
N LYS A 107 8.49 9.71 -10.15
CA LYS A 107 7.46 10.74 -10.29
C LYS A 107 6.76 10.98 -8.94
N PHE A 108 6.74 9.98 -8.05
CA PHE A 108 6.24 10.18 -6.69
C PHE A 108 7.18 10.90 -5.75
N SER A 109 8.50 10.66 -5.88
CA SER A 109 9.50 11.27 -5.02
C SER A 109 9.88 12.67 -5.49
N GLY A 110 9.48 13.05 -6.71
CA GLY A 110 9.85 14.33 -7.31
C GLY A 110 9.23 15.53 -6.60
N LYS A 111 8.33 15.30 -5.63
CA LYS A 111 7.68 16.39 -4.90
C LYS A 111 7.26 15.96 -3.50
N THR A 112 7.52 14.72 -3.10
CA THR A 112 7.09 14.21 -1.81
C THR A 112 7.70 14.93 -0.61
N LEU A 113 8.83 15.60 -0.82
CA LEU A 113 9.56 16.32 0.22
C LEU A 113 9.01 17.73 0.43
N GLU A 114 7.92 18.09 -0.24
CA GLU A 114 7.37 19.45 -0.14
C GLU A 114 5.84 19.47 -0.27
N GLU A 115 5.24 18.48 -0.92
CA GLU A 115 3.79 18.47 -1.11
C GLU A 115 3.04 18.21 0.20
N ASN A 116 3.67 17.52 1.15
CA ASN A 116 3.04 17.20 2.42
C ASN A 116 4.04 16.95 3.55
N LYS A 117 5.30 17.39 3.37
CA LYS A 117 6.37 17.17 4.33
C LYS A 117 7.24 18.42 4.46
N ALA A 1 -6.55 10.26 -10.50
CA ALA A 1 -5.33 9.48 -10.23
C ALA A 1 -5.04 8.53 -11.38
N GLY A 2 -4.46 9.05 -12.47
CA GLY A 2 -4.14 8.28 -13.67
C GLY A 2 -2.87 7.44 -13.50
N HIS A 3 -2.38 7.31 -12.27
CA HIS A 3 -1.14 6.60 -11.98
C HIS A 3 -1.22 5.14 -12.38
N MET A 4 -0.19 4.67 -13.10
CA MET A 4 -0.01 3.28 -13.50
C MET A 4 -1.16 2.67 -14.29
N ALA A 5 -2.27 2.32 -13.62
CA ALA A 5 -3.40 1.66 -14.25
C ALA A 5 -4.67 1.88 -13.44
N THR A 6 -5.79 1.33 -13.93
CA THR A 6 -7.07 1.49 -13.27
C THR A 6 -7.18 0.89 -11.87
N THR A 7 -6.15 0.17 -11.42
CA THR A 7 -6.13 -0.40 -10.08
C THR A 7 -6.01 0.71 -9.04
N LYS A 8 -7.00 0.79 -8.15
CA LYS A 8 -7.09 1.80 -7.10
C LYS A 8 -7.94 1.26 -5.95
N ARG A 9 -8.09 2.05 -4.88
CA ARG A 9 -8.79 1.68 -3.65
C ARG A 9 -8.22 0.44 -2.97
N VAL A 10 -6.93 0.16 -3.17
CA VAL A 10 -6.29 -1.01 -2.58
C VAL A 10 -4.82 -0.70 -2.36
N LEU A 11 -4.24 -1.22 -1.27
CA LEU A 11 -2.82 -1.04 -1.01
C LEU A 11 -2.24 -2.24 -0.28
N TYR A 12 -1.10 -2.70 -0.78
CA TYR A 12 -0.27 -3.69 -0.12
C TYR A 12 0.64 -3.06 0.93
N VAL A 13 0.88 -3.77 2.03
CA VAL A 13 1.81 -3.29 3.05
C VAL A 13 2.77 -4.40 3.47
N GLY A 14 4.06 -4.09 3.54
CA GLY A 14 5.08 -5.07 3.89
C GLY A 14 6.08 -4.52 4.90
N GLY A 15 6.88 -5.41 5.49
CA GLY A 15 7.90 -5.02 6.46
C GLY A 15 7.33 -4.75 7.84
N LEU A 16 6.06 -5.10 8.07
CA LEU A 16 5.38 -4.84 9.33
C LEU A 16 6.02 -5.60 10.50
N ALA A 17 5.93 -5.02 11.70
CA ALA A 17 6.35 -5.68 12.92
C ALA A 17 5.32 -6.75 13.30
N GLU A 18 5.70 -7.63 14.23
CA GLU A 18 4.86 -8.74 14.67
C GLU A 18 3.67 -8.28 15.53
N GLU A 19 3.41 -6.97 15.59
CA GLU A 19 2.33 -6.41 16.40
C GLU A 19 1.42 -5.49 15.59
N VAL A 20 1.72 -5.28 14.30
CA VAL A 20 0.94 -4.39 13.45
C VAL A 20 -0.33 -5.02 12.90
N ASP A 21 -1.23 -5.43 13.80
CA ASP A 21 -2.50 -6.04 13.46
C ASP A 21 -3.48 -5.10 12.74
N ASP A 22 -4.64 -5.62 12.34
CA ASP A 22 -5.61 -4.85 11.58
C ASP A 22 -6.06 -3.53 12.21
N LYS A 23 -6.17 -3.48 13.54
CA LYS A 23 -6.56 -2.27 14.23
C LYS A 23 -5.43 -1.25 14.21
N VAL A 24 -4.19 -1.70 14.02
CA VAL A 24 -3.03 -0.82 13.96
C VAL A 24 -2.92 -0.17 12.59
N LEU A 25 -3.16 -0.94 11.52
CA LEU A 25 -3.14 -0.41 10.17
C LEU A 25 -4.36 0.49 9.94
N HIS A 26 -5.49 0.17 10.59
CA HIS A 26 -6.68 0.99 10.47
C HIS A 26 -6.41 2.39 11.03
N ALA A 27 -5.72 2.46 12.18
CA ALA A 27 -5.41 3.74 12.80
C ALA A 27 -4.24 4.44 12.08
N ALA A 28 -3.41 3.68 11.37
CA ALA A 28 -2.25 4.24 10.68
C ALA A 28 -2.59 4.72 9.26
N PHE A 29 -3.77 4.40 8.75
CA PHE A 29 -4.18 4.76 7.40
C PHE A 29 -5.46 5.59 7.25
N ILE A 30 -6.15 5.83 8.36
CA ILE A 30 -7.41 6.57 8.37
C ILE A 30 -7.24 8.08 8.17
N PRO A 31 -6.13 8.72 8.55
CA PRO A 31 -5.97 10.16 8.41
C PRO A 31 -6.01 10.66 6.96
N PHE A 32 -5.76 9.77 5.99
CA PHE A 32 -5.68 10.15 4.59
C PHE A 32 -7.05 10.05 3.93
N GLY A 33 -7.99 9.33 4.55
CA GLY A 33 -9.33 9.14 4.01
C GLY A 33 -10.02 7.93 4.66
N ASP A 34 -11.32 7.78 4.41
CA ASP A 34 -12.10 6.73 5.05
C ASP A 34 -11.79 5.32 4.60
N ILE A 35 -11.32 4.48 5.54
CA ILE A 35 -11.04 3.07 5.29
C ILE A 35 -12.35 2.30 5.24
N THR A 36 -12.35 1.16 4.54
CA THR A 36 -13.52 0.30 4.46
C THR A 36 -13.26 -1.19 4.66
N ASP A 37 -12.00 -1.63 4.63
CA ASP A 37 -11.65 -3.02 4.92
C ASP A 37 -10.15 -3.10 5.18
N ILE A 38 -9.74 -4.17 5.86
CA ILE A 38 -8.35 -4.48 6.19
C ILE A 38 -8.16 -5.99 6.08
N GLN A 39 -6.94 -6.45 5.81
CA GLN A 39 -6.67 -7.88 5.66
C GLN A 39 -5.31 -8.23 6.29
N ILE A 40 -5.28 -9.27 7.12
CA ILE A 40 -4.07 -9.75 7.76
C ILE A 40 -3.90 -11.24 7.48
N PRO A 41 -3.35 -11.60 6.31
CA PRO A 41 -3.10 -12.98 5.94
C PRO A 41 -1.94 -13.53 6.78
N LEU A 42 -1.97 -14.84 7.03
CA LEU A 42 -0.97 -15.50 7.85
C LEU A 42 0.23 -15.97 7.03
N ASP A 43 1.22 -16.55 7.72
CA ASP A 43 2.38 -17.16 7.08
C ASP A 43 1.93 -18.49 6.49
N TYR A 44 0.82 -19.04 7.02
CA TYR A 44 0.24 -20.32 6.69
C TYR A 44 1.27 -21.46 6.74
N GLU A 45 2.34 -21.27 7.50
CA GLU A 45 3.30 -22.33 7.80
C GLU A 45 3.36 -22.56 9.31
N THR A 46 3.00 -21.52 10.08
CA THR A 46 2.94 -21.55 11.53
C THR A 46 1.70 -20.88 12.11
N GLU A 47 0.75 -20.51 11.25
CA GLU A 47 -0.53 -19.91 11.62
C GLU A 47 -0.38 -18.61 12.42
N LYS A 48 0.56 -17.76 12.02
CA LYS A 48 0.76 -16.45 12.63
C LYS A 48 0.83 -15.36 11.57
N HIS A 49 0.75 -14.11 11.98
CA HIS A 49 0.88 -12.97 11.09
C HIS A 49 2.28 -12.98 10.48
N ARG A 50 2.35 -12.90 9.15
CA ARG A 50 3.59 -13.09 8.39
C ARG A 50 4.46 -11.84 8.44
N GLY A 51 3.85 -10.66 8.44
CA GLY A 51 4.59 -9.40 8.40
C GLY A 51 4.17 -8.51 7.22
N PHE A 52 3.03 -8.80 6.60
CA PHE A 52 2.53 -8.00 5.49
C PHE A 52 1.00 -8.04 5.61
N ALA A 53 0.33 -7.12 4.93
CA ALA A 53 -1.10 -6.94 5.03
C ALA A 53 -1.65 -6.15 3.83
N PHE A 54 -2.95 -5.86 3.86
CA PHE A 54 -3.60 -5.06 2.82
C PHE A 54 -4.60 -4.09 3.42
N VAL A 55 -4.98 -3.08 2.63
CA VAL A 55 -5.92 -2.03 3.01
C VAL A 55 -6.81 -1.67 1.83
N GLU A 56 -8.06 -1.27 2.10
CA GLU A 56 -9.00 -0.82 1.08
C GLU A 56 -9.85 0.33 1.60
N PHE A 57 -10.27 1.21 0.70
CA PHE A 57 -10.95 2.46 1.05
C PHE A 57 -12.08 2.62 0.04
N GLU A 58 -13.02 3.51 0.34
CA GLU A 58 -14.11 3.86 -0.57
C GLU A 58 -13.70 5.01 -1.50
N LEU A 59 -12.41 5.35 -1.54
CA LEU A 59 -11.89 6.44 -2.36
C LEU A 59 -10.64 5.99 -3.11
N ALA A 60 -10.54 6.36 -4.39
CA ALA A 60 -9.39 6.02 -5.21
C ALA A 60 -8.27 7.03 -5.03
N GLU A 61 -8.60 8.27 -4.65
CA GLU A 61 -7.60 9.32 -4.46
C GLU A 61 -6.92 9.15 -3.11
N ASP A 62 -7.55 8.47 -2.17
CA ASP A 62 -6.98 8.21 -0.85
C ASP A 62 -5.86 7.16 -0.96
N ALA A 63 -6.09 6.15 -1.80
CA ALA A 63 -5.11 5.10 -1.99
C ALA A 63 -3.83 5.67 -2.61
N ALA A 64 -3.97 6.53 -3.62
CA ALA A 64 -2.83 7.16 -4.26
C ALA A 64 -2.14 8.15 -3.31
N ALA A 65 -2.90 8.80 -2.43
CA ALA A 65 -2.32 9.74 -1.49
C ALA A 65 -1.53 9.01 -0.41
N ALA A 66 -1.97 7.82 -0.01
CA ALA A 66 -1.25 7.03 0.97
C ALA A 66 0.05 6.49 0.39
N ILE A 67 0.15 6.33 -0.94
CA ILE A 67 1.42 5.98 -1.55
C ILE A 67 2.37 7.18 -1.44
N ASP A 68 1.83 8.39 -1.55
CA ASP A 68 2.60 9.62 -1.43
C ASP A 68 2.96 10.00 0.01
N ASN A 69 2.30 9.40 1.01
CA ASN A 69 2.49 9.77 2.41
C ASN A 69 2.86 8.61 3.34
N MET A 70 2.83 7.36 2.88
CA MET A 70 3.14 6.22 3.73
C MET A 70 4.12 5.24 3.07
N ASN A 71 4.51 5.48 1.82
CA ASN A 71 5.50 4.64 1.17
C ASN A 71 6.84 4.83 1.90
N GLU A 72 7.56 3.72 2.15
CA GLU A 72 8.81 3.74 2.87
C GLU A 72 8.70 4.40 4.26
N SER A 73 7.48 4.40 4.82
CA SER A 73 7.22 4.93 6.15
C SER A 73 7.73 3.95 7.21
N GLU A 74 7.45 4.21 8.48
CA GLU A 74 7.95 3.40 9.58
C GLU A 74 6.87 3.12 10.62
N LEU A 75 6.66 1.84 10.93
CA LEU A 75 5.71 1.37 11.93
C LEU A 75 6.48 0.55 12.95
N PHE A 76 6.13 0.70 14.24
CA PHE A 76 6.74 -0.11 15.30
C PHE A 76 8.27 -0.11 15.41
N GLY A 77 8.91 0.90 14.82
CA GLY A 77 10.36 1.06 14.91
C GLY A 77 11.09 0.44 13.71
N ARG A 78 10.37 0.08 12.64
CA ARG A 78 10.97 -0.50 11.44
C ARG A 78 10.25 -0.04 10.18
N THR A 79 10.99 0.00 9.08
CA THR A 79 10.48 0.45 7.78
C THR A 79 9.41 -0.44 7.16
N ILE A 80 8.53 0.15 6.34
CA ILE A 80 7.47 -0.56 5.64
C ILE A 80 7.44 -0.16 4.18
N ARG A 81 6.53 -0.77 3.42
CA ARG A 81 6.27 -0.43 2.02
C ARG A 81 4.78 -0.24 1.83
N VAL A 82 4.38 0.67 0.93
CA VAL A 82 2.98 0.91 0.60
C VAL A 82 2.84 1.13 -0.89
N ASN A 83 2.03 0.29 -1.56
CA ASN A 83 1.84 0.39 -3.00
C ASN A 83 0.70 -0.50 -3.48
N LEU A 84 0.15 -0.21 -4.67
CA LEU A 84 -0.88 -1.05 -5.29
C LEU A 84 -0.24 -2.36 -5.76
N ALA A 85 -1.04 -3.43 -5.83
CA ALA A 85 -0.54 -4.78 -6.05
C ALA A 85 0.20 -4.98 -7.37
N LYS A 86 1.21 -5.85 -7.33
CA LYS A 86 2.04 -6.27 -8.45
C LYS A 86 1.34 -7.37 -9.28
N PRO A 87 1.91 -7.82 -10.41
CA PRO A 87 1.29 -8.74 -11.35
C PRO A 87 0.76 -10.06 -10.79
N MET A 88 1.28 -10.55 -9.66
CA MET A 88 0.78 -11.79 -9.09
C MET A 88 -0.69 -11.58 -8.73
N ARG A 89 -1.55 -12.58 -8.99
CA ARG A 89 -2.98 -12.39 -8.88
C ARG A 89 -3.39 -11.95 -7.48
N ILE A 90 -4.23 -10.92 -7.44
CA ILE A 90 -4.75 -10.28 -6.24
C ILE A 90 -5.95 -11.07 -5.72
N LYS A 91 -6.50 -10.61 -4.59
CA LYS A 91 -7.66 -11.17 -3.89
C LYS A 91 -8.81 -11.61 -4.81
N GLU A 92 -8.84 -11.16 -6.06
CA GLU A 92 -9.88 -11.51 -7.01
C GLU A 92 -9.27 -11.65 -8.40
N GLY A 93 -10.00 -12.31 -9.31
CA GLY A 93 -9.51 -12.65 -10.64
C GLY A 93 -9.30 -11.42 -11.53
N SER A 94 -8.19 -10.71 -11.34
CA SER A 94 -7.82 -9.57 -12.16
C SER A 94 -6.30 -9.37 -12.12
N SER A 95 -5.68 -9.11 -13.28
CA SER A 95 -4.24 -8.95 -13.39
C SER A 95 -3.81 -7.49 -13.19
N ARG A 96 -2.52 -7.27 -12.99
CA ARG A 96 -1.96 -5.95 -12.72
C ARG A 96 -0.65 -5.75 -13.49
N PRO A 97 -0.28 -4.49 -13.78
CA PRO A 97 0.96 -4.14 -14.44
C PRO A 97 2.15 -4.38 -13.50
N VAL A 98 3.37 -4.26 -14.03
CA VAL A 98 4.59 -4.60 -13.30
C VAL A 98 4.96 -3.68 -12.14
N TRP A 99 4.46 -2.44 -12.13
CA TRP A 99 4.81 -1.48 -11.08
C TRP A 99 6.31 -1.32 -10.89
N SER A 100 7.01 -0.91 -11.96
CA SER A 100 8.45 -0.68 -11.91
C SER A 100 8.76 0.48 -10.96
N ASP A 101 9.44 0.17 -9.86
CA ASP A 101 9.72 1.16 -8.82
C ASP A 101 10.67 2.28 -9.19
N ASP A 102 11.39 2.14 -10.31
CA ASP A 102 12.32 3.19 -10.73
C ASP A 102 11.63 4.46 -11.20
N ASP A 103 10.78 4.35 -12.22
CA ASP A 103 10.10 5.51 -12.78
C ASP A 103 8.87 5.95 -11.99
N TRP A 104 8.14 5.00 -11.40
CA TRP A 104 6.98 5.34 -10.60
C TRP A 104 7.39 6.05 -9.32
N LEU A 105 8.42 5.56 -8.62
CA LEU A 105 8.76 6.17 -7.36
C LEU A 105 9.61 7.43 -7.55
N LYS A 106 10.23 7.56 -8.73
CA LYS A 106 10.96 8.77 -9.09
C LYS A 106 10.00 9.95 -9.23
N LYS A 107 8.82 9.77 -9.85
CA LYS A 107 7.88 10.85 -10.02
C LYS A 107 7.08 11.10 -8.75
N PHE A 108 6.89 10.07 -7.92
CA PHE A 108 6.28 10.24 -6.61
C PHE A 108 7.16 10.95 -5.58
N SER A 109 8.48 10.81 -5.71
CA SER A 109 9.43 11.52 -4.88
C SER A 109 9.64 12.94 -5.40
N GLY A 110 9.34 13.16 -6.70
CA GLY A 110 9.42 14.46 -7.34
C GLY A 110 8.20 15.32 -7.08
N LYS A 111 7.94 16.27 -7.98
CA LYS A 111 6.86 17.23 -7.86
C LYS A 111 6.03 17.32 -9.13
N THR A 112 5.74 16.16 -9.73
CA THR A 112 4.92 16.11 -10.93
C THR A 112 3.87 14.98 -10.95
N LEU A 113 3.75 14.25 -9.83
CA LEU A 113 2.77 13.17 -9.74
C LEU A 113 1.33 13.70 -9.78
N GLU A 114 1.15 14.99 -9.49
CA GLU A 114 -0.17 15.61 -9.49
C GLU A 114 -0.65 15.91 -10.91
N GLU A 115 0.28 15.97 -11.87
CA GLU A 115 -0.05 16.28 -13.25
C GLU A 115 -0.75 15.09 -13.93
N ASN A 116 -0.58 13.88 -13.37
CA ASN A 116 -1.19 12.68 -13.88
C ASN A 116 -2.63 12.58 -13.37
N LYS A 117 -3.48 13.53 -13.78
CA LYS A 117 -4.89 13.58 -13.39
C LYS A 117 -5.62 12.30 -13.77
N ALA A 1 -2.23 12.07 -8.94
CA ALA A 1 -2.38 10.59 -8.90
C ALA A 1 -1.36 9.92 -9.79
N GLY A 2 -1.24 8.58 -9.69
CA GLY A 2 -0.31 7.81 -10.50
C GLY A 2 -0.77 7.69 -11.94
N HIS A 3 0.09 7.13 -12.80
CA HIS A 3 -0.17 7.00 -14.23
C HIS A 3 0.18 5.60 -14.72
N MET A 4 0.77 4.77 -13.85
CA MET A 4 1.22 3.43 -14.19
C MET A 4 0.05 2.46 -14.38
N ALA A 5 -1.11 2.74 -13.78
CA ALA A 5 -2.24 1.84 -13.84
C ALA A 5 -3.52 2.51 -13.38
N THR A 6 -4.65 1.95 -13.83
CA THR A 6 -5.98 2.37 -13.40
C THR A 6 -6.41 1.77 -12.06
N THR A 7 -5.64 0.83 -11.53
CA THR A 7 -5.93 0.17 -10.26
C THR A 7 -5.82 1.13 -9.09
N LYS A 8 -6.74 0.99 -8.12
CA LYS A 8 -6.83 1.85 -6.95
C LYS A 8 -7.52 1.12 -5.80
N ARG A 9 -7.54 1.74 -4.62
CA ARG A 9 -8.23 1.29 -3.41
C ARG A 9 -7.83 -0.10 -2.93
N VAL A 10 -6.63 -0.59 -3.26
CA VAL A 10 -6.19 -1.91 -2.80
C VAL A 10 -4.68 -1.94 -2.59
N LEU A 11 -4.23 -1.21 -1.56
CA LEU A 11 -2.81 -1.07 -1.27
C LEU A 11 -2.25 -2.28 -0.55
N TYR A 12 -1.03 -2.65 -0.94
CA TYR A 12 -0.20 -3.62 -0.27
C TYR A 12 0.66 -2.96 0.82
N VAL A 13 0.93 -3.69 1.91
CA VAL A 13 1.84 -3.20 2.94
C VAL A 13 2.79 -4.31 3.38
N GLY A 14 4.05 -3.99 3.59
CA GLY A 14 5.06 -4.97 3.98
C GLY A 14 6.09 -4.38 4.91
N GLY A 15 6.90 -5.25 5.54
CA GLY A 15 7.92 -4.85 6.48
C GLY A 15 7.34 -4.57 7.86
N LEU A 16 6.07 -4.92 8.08
CA LEU A 16 5.39 -4.67 9.34
C LEU A 16 6.02 -5.46 10.48
N ALA A 17 5.93 -4.90 11.70
CA ALA A 17 6.35 -5.59 12.91
C ALA A 17 5.35 -6.69 13.24
N GLU A 18 5.71 -7.60 14.14
CA GLU A 18 4.87 -8.74 14.51
C GLU A 18 3.69 -8.33 15.39
N GLU A 19 3.39 -7.03 15.49
CA GLU A 19 2.30 -6.52 16.32
C GLU A 19 1.37 -5.59 15.54
N VAL A 20 1.67 -5.33 14.26
CA VAL A 20 0.89 -4.41 13.44
C VAL A 20 -0.38 -5.05 12.87
N ASP A 21 -1.27 -5.47 13.75
CA ASP A 21 -2.55 -6.08 13.38
C ASP A 21 -3.53 -5.11 12.72
N ASP A 22 -4.71 -5.61 12.33
CA ASP A 22 -5.68 -4.82 11.58
C ASP A 22 -6.12 -3.52 12.25
N LYS A 23 -6.22 -3.49 13.58
CA LYS A 23 -6.61 -2.28 14.29
C LYS A 23 -5.48 -1.26 14.27
N VAL A 24 -4.24 -1.72 14.07
CA VAL A 24 -3.08 -0.83 14.01
C VAL A 24 -2.97 -0.15 12.66
N LEU A 25 -3.22 -0.90 11.59
CA LEU A 25 -3.21 -0.35 10.23
C LEU A 25 -4.44 0.53 10.02
N HIS A 26 -5.56 0.19 10.66
CA HIS A 26 -6.76 0.99 10.55
C HIS A 26 -6.52 2.37 11.16
N ALA A 27 -5.79 2.44 12.28
CA ALA A 27 -5.49 3.71 12.92
C ALA A 27 -4.35 4.44 12.23
N ALA A 28 -3.51 3.71 11.48
CA ALA A 28 -2.35 4.29 10.80
C ALA A 28 -2.66 4.75 9.38
N PHE A 29 -3.86 4.43 8.86
CA PHE A 29 -4.25 4.78 7.52
C PHE A 29 -5.56 5.57 7.36
N ILE A 30 -6.24 5.84 8.46
CA ILE A 30 -7.52 6.54 8.45
C ILE A 30 -7.41 8.05 8.24
N PRO A 31 -6.34 8.75 8.68
CA PRO A 31 -6.26 10.20 8.55
C PRO A 31 -6.29 10.70 7.10
N PHE A 32 -6.06 9.80 6.13
CA PHE A 32 -5.96 10.17 4.73
C PHE A 32 -7.33 10.19 4.02
N GLY A 33 -8.37 9.69 4.68
CA GLY A 33 -9.70 9.59 4.08
C GLY A 33 -10.62 8.76 4.96
N ASP A 34 -11.11 7.62 4.43
CA ASP A 34 -11.95 6.71 5.20
C ASP A 34 -11.75 5.28 4.71
N ILE A 35 -11.27 4.42 5.61
CA ILE A 35 -11.01 3.01 5.32
C ILE A 35 -12.31 2.23 5.23
N THR A 36 -12.29 1.10 4.49
CA THR A 36 -13.46 0.24 4.39
C THR A 36 -13.17 -1.26 4.56
N ASP A 37 -11.89 -1.67 4.53
CA ASP A 37 -11.52 -3.06 4.76
C ASP A 37 -10.02 -3.12 5.05
N ILE A 38 -9.59 -4.20 5.72
CA ILE A 38 -8.21 -4.47 6.09
C ILE A 38 -7.99 -5.98 6.04
N GLN A 39 -6.77 -6.44 5.75
CA GLN A 39 -6.47 -7.86 5.71
C GLN A 39 -5.15 -8.15 6.41
N ILE A 40 -5.14 -9.22 7.23
CA ILE A 40 -3.95 -9.69 7.94
C ILE A 40 -3.77 -11.18 7.66
N PRO A 41 -3.47 -11.55 6.40
CA PRO A 41 -3.22 -12.93 6.01
C PRO A 41 -1.98 -13.48 6.73
N LEU A 42 -2.03 -14.77 7.05
CA LEU A 42 -0.97 -15.45 7.79
C LEU A 42 0.15 -15.92 6.86
N ASP A 43 1.21 -16.46 7.44
CA ASP A 43 2.32 -17.05 6.70
C ASP A 43 1.87 -18.44 6.22
N TYR A 44 0.86 -19.02 6.89
CA TYR A 44 0.32 -20.35 6.66
C TYR A 44 1.46 -21.40 6.68
N GLU A 45 2.57 -21.09 7.37
CA GLU A 45 3.63 -22.07 7.62
C GLU A 45 3.66 -22.38 9.12
N THR A 46 3.27 -21.39 9.93
CA THR A 46 3.11 -21.49 11.37
C THR A 46 1.84 -20.81 11.88
N GLU A 47 0.96 -20.42 10.94
CA GLU A 47 -0.31 -19.77 11.23
C GLU A 47 -0.16 -18.47 12.01
N LYS A 48 0.91 -17.72 11.77
CA LYS A 48 1.14 -16.43 12.39
C LYS A 48 1.14 -15.33 11.34
N HIS A 49 1.04 -14.07 11.78
CA HIS A 49 1.08 -12.91 10.90
C HIS A 49 2.45 -12.82 10.23
N ARG A 50 2.43 -12.74 8.89
CA ARG A 50 3.61 -12.82 8.03
C ARG A 50 4.41 -11.53 7.97
N GLY A 51 3.85 -10.42 8.45
CA GLY A 51 4.53 -9.13 8.40
C GLY A 51 4.12 -8.29 7.19
N PHE A 52 2.98 -8.60 6.58
CA PHE A 52 2.49 -7.85 5.43
C PHE A 52 0.97 -7.85 5.57
N ALA A 53 0.31 -6.91 4.87
CA ALA A 53 -1.12 -6.71 4.98
C ALA A 53 -1.65 -5.96 3.75
N PHE A 54 -2.95 -5.65 3.75
CA PHE A 54 -3.57 -4.90 2.66
C PHE A 54 -4.56 -3.87 3.21
N VAL A 55 -4.81 -2.81 2.43
CA VAL A 55 -5.73 -1.75 2.80
C VAL A 55 -6.64 -1.35 1.65
N GLU A 56 -7.93 -1.15 1.93
CA GLU A 56 -8.91 -0.71 0.95
C GLU A 56 -9.78 0.40 1.54
N PHE A 57 -10.19 1.34 0.68
CA PHE A 57 -10.93 2.53 1.07
C PHE A 57 -12.03 2.67 0.03
N GLU A 58 -13.02 3.51 0.31
CA GLU A 58 -14.09 3.79 -0.64
C GLU A 58 -13.75 4.99 -1.53
N LEU A 59 -12.48 5.40 -1.56
CA LEU A 59 -12.03 6.55 -2.34
C LEU A 59 -10.72 6.22 -3.05
N ALA A 60 -10.63 6.58 -4.34
CA ALA A 60 -9.44 6.32 -5.12
C ALA A 60 -8.34 7.36 -4.84
N GLU A 61 -8.74 8.57 -4.43
CA GLU A 61 -7.78 9.62 -4.12
C GLU A 61 -7.13 9.38 -2.76
N ASP A 62 -7.81 8.64 -1.88
CA ASP A 62 -7.27 8.30 -0.57
C ASP A 62 -6.17 7.25 -0.73
N ALA A 63 -6.38 6.30 -1.64
CA ALA A 63 -5.41 5.25 -1.91
C ALA A 63 -4.14 5.83 -2.51
N ALA A 64 -4.27 6.70 -3.52
CA ALA A 64 -3.13 7.30 -4.17
C ALA A 64 -2.36 8.21 -3.21
N ALA A 65 -3.05 8.84 -2.26
CA ALA A 65 -2.41 9.72 -1.29
C ALA A 65 -1.60 8.90 -0.28
N ALA A 66 -2.08 7.70 0.07
CA ALA A 66 -1.36 6.85 1.00
C ALA A 66 -0.06 6.34 0.38
N ILE A 67 -0.01 6.19 -0.94
CA ILE A 67 1.24 5.82 -1.61
C ILE A 67 2.22 6.99 -1.53
N ASP A 68 1.70 8.22 -1.62
CA ASP A 68 2.50 9.42 -1.55
C ASP A 68 2.92 9.84 -0.12
N ASN A 69 2.30 9.25 0.92
CA ASN A 69 2.54 9.69 2.29
C ASN A 69 2.88 8.56 3.28
N MET A 70 2.78 7.29 2.89
CA MET A 70 3.09 6.18 3.79
C MET A 70 4.09 5.19 3.20
N ASN A 71 4.48 5.37 1.94
CA ASN A 71 5.50 4.51 1.35
C ASN A 71 6.83 4.86 2.02
N GLU A 72 7.58 3.84 2.44
CA GLU A 72 8.84 4.00 3.15
C GLU A 72 8.65 4.72 4.50
N SER A 73 7.43 4.71 5.03
CA SER A 73 7.13 5.24 6.35
C SER A 73 7.61 4.25 7.42
N GLU A 74 7.36 4.54 8.69
CA GLU A 74 7.85 3.72 9.79
C GLU A 74 6.76 3.43 10.81
N LEU A 75 6.56 2.14 11.09
CA LEU A 75 5.60 1.64 12.08
C LEU A 75 6.38 0.74 13.04
N PHE A 76 6.03 0.78 14.33
CA PHE A 76 6.67 -0.10 15.31
C PHE A 76 8.19 -0.10 15.40
N GLY A 77 8.84 0.97 14.90
CA GLY A 77 10.28 1.13 14.99
C GLY A 77 11.02 0.59 13.77
N ARG A 78 10.31 0.31 12.67
CA ARG A 78 10.93 -0.21 11.46
C ARG A 78 10.16 0.23 10.21
N THR A 79 10.88 0.31 9.08
CA THR A 79 10.32 0.75 7.81
C THR A 79 9.25 -0.16 7.20
N ILE A 80 8.34 0.43 6.42
CA ILE A 80 7.29 -0.31 5.72
C ILE A 80 7.24 0.14 4.26
N ARG A 81 6.62 -0.69 3.41
CA ARG A 81 6.35 -0.36 2.02
C ARG A 81 4.86 -0.17 1.85
N VAL A 82 4.45 0.77 0.98
CA VAL A 82 3.04 1.02 0.72
C VAL A 82 2.84 1.32 -0.75
N ASN A 83 2.11 0.46 -1.45
CA ASN A 83 1.93 0.57 -2.89
C ASN A 83 0.84 -0.38 -3.40
N LEU A 84 0.23 -0.08 -4.55
CA LEU A 84 -0.77 -0.96 -5.14
C LEU A 84 -0.11 -2.26 -5.62
N ALA A 85 -0.89 -3.32 -5.74
CA ALA A 85 -0.38 -4.67 -5.98
C ALA A 85 0.42 -4.81 -7.27
N LYS A 86 1.48 -5.61 -7.20
CA LYS A 86 2.33 -6.00 -8.32
C LYS A 86 1.59 -6.99 -9.23
N PRO A 87 2.14 -7.30 -10.42
CA PRO A 87 1.52 -8.19 -11.39
C PRO A 87 1.38 -9.62 -10.88
N MET A 88 0.30 -9.88 -10.14
CA MET A 88 -0.10 -11.20 -9.68
C MET A 88 -1.58 -11.11 -9.31
N ARG A 89 -2.31 -12.23 -9.31
CA ARG A 89 -3.75 -12.20 -9.05
C ARG A 89 -4.01 -11.80 -7.59
N ILE A 90 -5.12 -11.10 -7.38
CA ILE A 90 -5.50 -10.54 -6.09
C ILE A 90 -6.86 -11.10 -5.68
N LYS A 91 -7.33 -10.71 -4.48
CA LYS A 91 -8.55 -11.17 -3.82
C LYS A 91 -9.85 -11.10 -4.65
N GLU A 92 -9.79 -10.73 -5.92
CA GLU A 92 -10.97 -10.66 -6.78
C GLU A 92 -10.73 -11.40 -8.11
N GLY A 93 -9.60 -12.11 -8.21
CA GLY A 93 -9.24 -12.88 -9.39
C GLY A 93 -8.76 -11.98 -10.54
N SER A 94 -8.78 -10.67 -10.34
CA SER A 94 -8.35 -9.72 -11.36
C SER A 94 -6.83 -9.64 -11.42
N SER A 95 -6.29 -9.43 -12.63
CA SER A 95 -4.85 -9.31 -12.85
C SER A 95 -4.42 -7.84 -12.73
N ARG A 96 -3.10 -7.60 -12.71
CA ARG A 96 -2.54 -6.26 -12.58
C ARG A 96 -1.35 -6.06 -13.50
N PRO A 97 -1.12 -4.82 -13.96
CA PRO A 97 0.01 -4.46 -14.81
C PRO A 97 1.33 -4.59 -14.05
N VAL A 98 2.44 -4.37 -14.76
CA VAL A 98 3.78 -4.65 -14.25
C VAL A 98 4.28 -3.78 -13.09
N TRP A 99 3.79 -2.54 -12.95
CA TRP A 99 4.23 -1.65 -11.89
C TRP A 99 5.74 -1.52 -11.77
N SER A 100 6.39 -0.98 -12.82
CA SER A 100 7.82 -0.76 -12.85
C SER A 100 8.22 0.21 -11.74
N ASP A 101 8.82 -0.31 -10.68
CA ASP A 101 9.14 0.45 -9.48
C ASP A 101 10.24 1.49 -9.62
N ASP A 102 11.02 1.46 -10.71
CA ASP A 102 12.06 2.44 -10.92
C ASP A 102 11.55 3.83 -11.27
N ASP A 103 10.78 3.95 -12.35
CA ASP A 103 10.25 5.24 -12.78
C ASP A 103 9.03 5.71 -11.98
N TRP A 104 8.19 4.79 -11.52
CA TRP A 104 7.05 5.17 -10.70
C TRP A 104 7.50 5.69 -9.34
N LEU A 105 8.42 4.97 -8.67
CA LEU A 105 8.78 5.39 -7.33
C LEU A 105 9.72 6.59 -7.37
N LYS A 106 10.39 6.81 -8.51
CA LYS A 106 11.23 7.98 -8.70
C LYS A 106 10.39 9.26 -8.74
N LYS A 107 9.24 9.25 -9.43
CA LYS A 107 8.43 10.45 -9.52
C LYS A 107 7.61 10.67 -8.25
N PHE A 108 7.29 9.60 -7.50
CA PHE A 108 6.64 9.73 -6.20
C PHE A 108 7.55 10.22 -5.07
N SER A 109 8.84 9.88 -5.14
CA SER A 109 9.81 10.31 -4.14
C SER A 109 10.25 11.75 -4.42
N GLY A 110 10.29 12.14 -5.69
CA GLY A 110 10.65 13.48 -6.10
C GLY A 110 9.45 14.42 -6.12
N LYS A 111 8.26 13.89 -5.83
CA LYS A 111 6.97 14.59 -5.80
C LYS A 111 6.72 15.46 -7.03
N THR A 112 7.40 15.18 -8.15
CA THR A 112 7.24 15.93 -9.38
C THR A 112 5.85 15.81 -10.00
N LEU A 113 5.09 14.78 -9.58
CA LEU A 113 3.73 14.56 -10.05
C LEU A 113 2.74 15.54 -9.40
N GLU A 114 3.22 16.39 -8.50
CA GLU A 114 2.39 17.38 -7.80
C GLU A 114 3.07 18.75 -7.80
N GLU A 115 4.39 18.80 -8.02
CA GLU A 115 5.12 20.05 -8.12
C GLU A 115 4.69 20.83 -9.37
N ASN A 116 4.26 20.10 -10.41
CA ASN A 116 3.84 20.69 -11.67
C ASN A 116 2.32 20.88 -11.73
N LYS A 117 1.63 20.75 -10.59
CA LYS A 117 0.18 20.88 -10.51
C LYS A 117 -0.25 22.30 -10.88
N ALA A 1 -2.26 12.02 -15.09
CA ALA A 1 -1.76 11.20 -16.22
C ALA A 1 -0.33 10.74 -15.96
N GLY A 2 0.18 9.84 -16.80
CA GLY A 2 1.53 9.30 -16.67
C GLY A 2 1.64 8.28 -15.54
N HIS A 3 0.51 7.92 -14.94
CA HIS A 3 0.44 6.94 -13.87
C HIS A 3 0.83 5.56 -14.38
N MET A 4 1.31 4.71 -13.47
CA MET A 4 1.74 3.35 -13.79
C MET A 4 0.56 2.41 -14.03
N ALA A 5 -0.62 2.74 -13.50
CA ALA A 5 -1.75 1.84 -13.59
C ALA A 5 -3.07 2.54 -13.26
N THR A 6 -4.19 1.92 -13.66
CA THR A 6 -5.52 2.37 -13.30
C THR A 6 -6.03 1.76 -11.98
N THR A 7 -5.26 0.83 -11.42
CA THR A 7 -5.62 0.14 -10.18
C THR A 7 -5.63 1.11 -8.98
N LYS A 8 -6.60 0.93 -8.08
CA LYS A 8 -6.79 1.78 -6.92
C LYS A 8 -7.53 1.05 -5.81
N ARG A 9 -7.62 1.69 -4.63
CA ARG A 9 -8.37 1.24 -3.47
C ARG A 9 -7.99 -0.14 -2.95
N VAL A 10 -6.76 -0.60 -3.21
CA VAL A 10 -6.28 -1.91 -2.73
C VAL A 10 -4.77 -1.86 -2.51
N LEU A 11 -4.35 -1.13 -1.48
CA LEU A 11 -2.93 -0.96 -1.18
C LEU A 11 -2.35 -2.20 -0.53
N TYR A 12 -1.09 -2.48 -0.87
CA TYR A 12 -0.26 -3.47 -0.22
C TYR A 12 0.65 -2.89 0.84
N VAL A 13 0.91 -3.62 1.92
CA VAL A 13 1.84 -3.19 2.95
C VAL A 13 2.79 -4.30 3.35
N GLY A 14 4.07 -3.98 3.53
CA GLY A 14 5.07 -4.98 3.90
C GLY A 14 6.08 -4.41 4.88
N GLY A 15 6.87 -5.29 5.49
CA GLY A 15 7.89 -4.91 6.45
C GLY A 15 7.31 -4.64 7.84
N LEU A 16 6.03 -4.93 8.05
CA LEU A 16 5.37 -4.71 9.32
C LEU A 16 5.96 -5.58 10.43
N ALA A 17 5.88 -5.08 11.66
CA ALA A 17 6.24 -5.86 12.84
C ALA A 17 5.15 -6.89 13.11
N GLU A 18 5.44 -7.88 13.97
CA GLU A 18 4.52 -8.96 14.25
C GLU A 18 3.39 -8.53 15.19
N GLU A 19 3.19 -7.22 15.35
CA GLU A 19 2.16 -6.67 16.23
C GLU A 19 1.31 -5.62 15.51
N VAL A 20 1.64 -5.32 14.24
CA VAL A 20 0.89 -4.34 13.45
C VAL A 20 -0.40 -4.90 12.86
N ASP A 21 -1.30 -5.37 13.73
CA ASP A 21 -2.56 -5.97 13.34
C ASP A 21 -3.54 -5.01 12.67
N ASP A 22 -4.71 -5.51 12.29
CA ASP A 22 -5.71 -4.73 11.57
C ASP A 22 -6.13 -3.42 12.22
N LYS A 23 -6.24 -3.41 13.55
CA LYS A 23 -6.61 -2.19 14.28
C LYS A 23 -5.48 -1.18 14.25
N VAL A 24 -4.24 -1.65 14.06
CA VAL A 24 -3.07 -0.79 14.01
C VAL A 24 -2.95 -0.12 12.64
N LEU A 25 -3.21 -0.87 11.57
CA LEU A 25 -3.17 -0.34 10.22
C LEU A 25 -4.39 0.54 9.97
N HIS A 26 -5.52 0.21 10.58
CA HIS A 26 -6.72 1.02 10.44
C HIS A 26 -6.47 2.41 11.02
N ALA A 27 -5.80 2.49 12.18
CA ALA A 27 -5.51 3.76 12.81
C ALA A 27 -4.33 4.47 12.13
N ALA A 28 -3.48 3.73 11.41
CA ALA A 28 -2.31 4.29 10.75
C ALA A 28 -2.63 4.75 9.32
N PHE A 29 -3.82 4.43 8.81
CA PHE A 29 -4.22 4.80 7.45
C PHE A 29 -5.50 5.59 7.30
N ILE A 30 -6.21 5.84 8.40
CA ILE A 30 -7.49 6.55 8.39
C ILE A 30 -7.34 8.07 8.15
N PRO A 31 -6.24 8.73 8.53
CA PRO A 31 -6.10 10.17 8.33
C PRO A 31 -6.10 10.57 6.86
N PHE A 32 -5.80 9.63 5.95
CA PHE A 32 -5.71 9.92 4.53
C PHE A 32 -7.08 9.82 3.86
N GLY A 33 -8.03 9.13 4.49
CA GLY A 33 -9.36 8.96 3.93
C GLY A 33 -10.10 7.81 4.61
N ASP A 34 -11.42 7.77 4.45
CA ASP A 34 -12.24 6.74 5.07
C ASP A 34 -11.94 5.33 4.60
N ILE A 35 -11.43 4.49 5.51
CA ILE A 35 -11.13 3.10 5.23
C ILE A 35 -12.43 2.29 5.17
N THR A 36 -12.42 1.18 4.45
CA THR A 36 -13.56 0.28 4.38
C THR A 36 -13.23 -1.20 4.54
N ASP A 37 -11.95 -1.57 4.38
CA ASP A 37 -11.45 -2.93 4.57
C ASP A 37 -9.96 -3.03 4.93
N ILE A 38 -9.59 -4.11 5.63
CA ILE A 38 -8.22 -4.41 6.03
C ILE A 38 -8.02 -5.92 5.93
N GLN A 39 -6.78 -6.36 5.74
CA GLN A 39 -6.46 -7.79 5.66
C GLN A 39 -5.14 -8.08 6.38
N ILE A 40 -5.14 -9.12 7.21
CA ILE A 40 -3.96 -9.58 7.94
C ILE A 40 -3.77 -11.08 7.71
N PRO A 41 -3.42 -11.51 6.50
CA PRO A 41 -3.21 -12.90 6.16
C PRO A 41 -1.98 -13.45 6.90
N LEU A 42 -1.99 -14.75 7.18
CA LEU A 42 -0.93 -15.42 7.92
C LEU A 42 0.24 -15.81 7.01
N ASP A 43 1.31 -16.33 7.61
CA ASP A 43 2.46 -16.84 6.88
C ASP A 43 2.09 -18.22 6.32
N TYR A 44 1.05 -18.84 6.87
CA TYR A 44 0.56 -20.17 6.52
C TYR A 44 1.68 -21.22 6.56
N GLU A 45 2.73 -20.96 7.34
CA GLU A 45 3.76 -21.96 7.62
C GLU A 45 3.82 -22.22 9.11
N THR A 46 3.47 -21.20 9.90
CA THR A 46 3.42 -21.26 11.36
C THR A 46 2.17 -20.63 11.97
N GLU A 47 1.18 -20.30 11.13
CA GLU A 47 -0.10 -19.77 11.53
C GLU A 47 -0.01 -18.43 12.29
N LYS A 48 0.96 -17.59 11.95
CA LYS A 48 1.11 -16.26 12.54
C LYS A 48 1.10 -15.20 11.44
N HIS A 49 0.90 -13.93 11.83
CA HIS A 49 0.93 -12.82 10.90
C HIS A 49 2.34 -12.64 10.35
N ARG A 50 2.46 -12.62 9.01
CA ARG A 50 3.74 -12.67 8.32
C ARG A 50 4.47 -11.32 8.27
N GLY A 51 3.79 -10.24 8.62
CA GLY A 51 4.41 -8.92 8.57
C GLY A 51 4.05 -8.15 7.30
N PHE A 52 2.93 -8.49 6.65
CA PHE A 52 2.48 -7.77 5.47
C PHE A 52 0.95 -7.79 5.57
N ALA A 53 0.30 -6.86 4.87
CA ALA A 53 -1.13 -6.65 4.96
C ALA A 53 -1.65 -5.89 3.73
N PHE A 54 -2.95 -5.55 3.75
CA PHE A 54 -3.58 -4.78 2.69
C PHE A 54 -4.58 -3.79 3.26
N VAL A 55 -4.87 -2.73 2.51
CA VAL A 55 -5.82 -1.70 2.90
C VAL A 55 -6.70 -1.28 1.72
N GLU A 56 -8.00 -1.06 1.98
CA GLU A 56 -8.95 -0.64 0.97
C GLU A 56 -9.84 0.48 1.51
N PHE A 57 -10.24 1.39 0.62
CA PHE A 57 -10.99 2.59 0.98
C PHE A 57 -12.07 2.72 -0.09
N GLU A 58 -13.11 3.49 0.20
CA GLU A 58 -14.18 3.74 -0.77
C GLU A 58 -13.83 4.91 -1.69
N LEU A 59 -12.57 5.38 -1.67
CA LEU A 59 -12.13 6.51 -2.48
C LEU A 59 -10.83 6.18 -3.21
N ALA A 60 -10.78 6.47 -4.51
CA ALA A 60 -9.62 6.16 -5.35
C ALA A 60 -8.53 7.23 -5.25
N GLU A 61 -8.83 8.38 -4.67
CA GLU A 61 -7.87 9.47 -4.54
C GLU A 61 -7.18 9.44 -3.18
N ASP A 62 -7.84 8.89 -2.15
CA ASP A 62 -7.26 8.79 -0.83
C ASP A 62 -6.27 7.64 -0.68
N ALA A 63 -6.43 6.62 -1.53
CA ALA A 63 -5.49 5.51 -1.58
C ALA A 63 -4.18 5.95 -2.23
N ALA A 64 -4.27 6.79 -3.27
CA ALA A 64 -3.10 7.29 -3.95
C ALA A 64 -2.33 8.25 -3.04
N ALA A 65 -3.04 8.98 -2.18
CA ALA A 65 -2.40 9.89 -1.23
C ALA A 65 -1.65 9.10 -0.17
N ALA A 66 -2.16 7.92 0.21
CA ALA A 66 -1.51 7.08 1.19
C ALA A 66 -0.20 6.52 0.64
N ILE A 67 -0.11 6.30 -0.67
CA ILE A 67 1.15 5.86 -1.27
C ILE A 67 2.19 6.97 -1.15
N ASP A 68 1.76 8.21 -1.40
CA ASP A 68 2.63 9.37 -1.31
C ASP A 68 3.04 9.77 0.11
N ASN A 69 2.31 9.31 1.13
CA ASN A 69 2.56 9.71 2.51
C ASN A 69 2.93 8.57 3.46
N MET A 70 2.89 7.31 3.00
CA MET A 70 3.22 6.17 3.85
C MET A 70 4.22 5.22 3.21
N ASN A 71 4.62 5.47 1.96
CA ASN A 71 5.65 4.65 1.34
C ASN A 71 6.97 4.84 2.06
N GLU A 72 7.70 3.73 2.30
CA GLU A 72 8.95 3.75 3.04
C GLU A 72 8.83 4.39 4.43
N SER A 73 7.61 4.41 4.99
CA SER A 73 7.35 4.91 6.33
C SER A 73 7.85 3.91 7.36
N GLU A 74 7.53 4.12 8.64
CA GLU A 74 8.01 3.27 9.72
C GLU A 74 6.90 2.96 10.72
N LEU A 75 6.67 1.67 10.98
CA LEU A 75 5.70 1.19 11.95
C LEU A 75 6.44 0.32 12.96
N PHE A 76 6.09 0.42 14.25
CA PHE A 76 6.65 -0.42 15.28
C PHE A 76 8.16 -0.47 15.43
N GLY A 77 8.85 0.56 14.90
CA GLY A 77 10.30 0.66 15.02
C GLY A 77 11.05 0.07 13.82
N ARG A 78 10.34 -0.20 12.71
CA ARG A 78 10.95 -0.75 11.52
C ARG A 78 10.28 -0.24 10.25
N THR A 79 11.05 -0.14 9.17
CA THR A 79 10.56 0.35 7.89
C THR A 79 9.49 -0.50 7.21
N ILE A 80 8.63 0.12 6.40
CA ILE A 80 7.56 -0.57 5.69
C ILE A 80 7.54 -0.15 4.23
N ARG A 81 6.61 -0.72 3.47
CA ARG A 81 6.39 -0.37 2.07
C ARG A 81 4.89 -0.16 1.85
N VAL A 82 4.53 0.73 0.94
CA VAL A 82 3.13 0.97 0.58
C VAL A 82 3.03 1.20 -0.92
N ASN A 83 2.22 0.37 -1.59
CA ASN A 83 2.02 0.46 -3.04
C ASN A 83 0.88 -0.46 -3.48
N LEU A 84 0.25 -0.19 -4.62
CA LEU A 84 -0.81 -1.03 -5.15
C LEU A 84 -0.24 -2.36 -5.65
N ALA A 85 -1.07 -3.40 -5.66
CA ALA A 85 -0.61 -4.77 -5.91
C ALA A 85 0.08 -4.97 -7.25
N LYS A 86 1.09 -5.85 -7.24
CA LYS A 86 1.89 -6.27 -8.39
C LYS A 86 1.13 -7.31 -9.23
N PRO A 87 1.69 -7.75 -10.37
CA PRO A 87 1.02 -8.60 -11.36
C PRO A 87 0.34 -9.88 -10.85
N MET A 88 0.70 -10.42 -9.68
CA MET A 88 0.02 -11.61 -9.19
C MET A 88 -1.45 -11.26 -8.93
N ARG A 89 -2.37 -12.20 -9.18
CA ARG A 89 -3.79 -11.92 -9.06
C ARG A 89 -4.13 -11.47 -7.64
N ILE A 90 -4.98 -10.45 -7.57
CA ILE A 90 -5.45 -9.86 -6.31
C ILE A 90 -6.66 -10.62 -5.81
N LYS A 91 -7.18 -10.22 -4.64
CA LYS A 91 -8.26 -10.88 -3.92
C LYS A 91 -9.59 -11.03 -4.69
N GLU A 92 -9.62 -10.68 -5.98
CA GLU A 92 -10.83 -10.84 -6.79
C GLU A 92 -10.50 -11.44 -8.16
N GLY A 93 -9.29 -12.01 -8.30
CA GLY A 93 -8.85 -12.67 -9.51
C GLY A 93 -8.38 -11.69 -10.59
N SER A 94 -8.45 -10.39 -10.30
CA SER A 94 -8.02 -9.36 -11.25
C SER A 94 -6.50 -9.31 -11.34
N SER A 95 -5.98 -9.00 -12.54
CA SER A 95 -4.55 -8.91 -12.79
C SER A 95 -4.12 -7.45 -12.90
N ARG A 96 -2.88 -7.14 -12.49
CA ARG A 96 -2.37 -5.78 -12.43
C ARG A 96 -1.13 -5.61 -13.31
N PRO A 97 -0.79 -4.37 -13.69
CA PRO A 97 0.42 -4.05 -14.43
C PRO A 97 1.69 -4.38 -13.65
N VAL A 98 2.83 -4.19 -14.31
CA VAL A 98 4.14 -4.55 -13.78
C VAL A 98 4.59 -3.75 -12.55
N TRP A 99 4.14 -2.50 -12.42
CA TRP A 99 4.56 -1.65 -11.30
C TRP A 99 6.07 -1.56 -11.13
N SER A 100 6.76 -1.07 -12.18
CA SER A 100 8.21 -0.89 -12.14
C SER A 100 8.57 0.18 -11.11
N ASP A 101 9.29 -0.24 -10.07
CA ASP A 101 9.63 0.65 -8.96
C ASP A 101 10.58 1.79 -9.30
N ASP A 102 11.32 1.68 -10.40
CA ASP A 102 12.25 2.73 -10.78
C ASP A 102 11.57 4.02 -11.21
N ASP A 103 10.72 3.95 -12.24
CA ASP A 103 10.08 5.15 -12.77
C ASP A 103 8.91 5.65 -11.95
N TRP A 104 8.11 4.74 -11.38
CA TRP A 104 6.99 5.16 -10.56
C TRP A 104 7.50 5.84 -9.30
N LEU A 105 8.54 5.29 -8.67
CA LEU A 105 8.97 5.86 -7.41
C LEU A 105 9.79 7.14 -7.61
N LYS A 106 10.33 7.34 -8.81
CA LYS A 106 10.99 8.61 -9.14
C LYS A 106 9.98 9.75 -9.19
N LYS A 107 8.80 9.54 -9.78
CA LYS A 107 7.81 10.62 -9.87
C LYS A 107 7.02 10.76 -8.57
N PHE A 108 7.04 9.74 -7.69
CA PHE A 108 6.46 9.85 -6.36
C PHE A 108 7.36 10.46 -5.29
N SER A 109 8.68 10.30 -5.43
CA SER A 109 9.65 10.90 -4.53
C SER A 109 10.03 12.30 -5.00
N GLY A 110 10.00 12.53 -6.31
CA GLY A 110 10.29 13.82 -6.92
C GLY A 110 9.02 14.59 -7.25
N LYS A 111 9.16 15.58 -8.13
CA LYS A 111 8.06 16.41 -8.58
C LYS A 111 7.06 15.61 -9.43
N THR A 112 5.83 16.11 -9.51
CA THR A 112 4.76 15.53 -10.32
C THR A 112 3.78 16.55 -10.88
N LEU A 113 4.02 17.84 -10.61
CA LEU A 113 3.17 18.95 -11.02
C LEU A 113 3.23 19.22 -12.53
N GLU A 114 3.99 18.41 -13.27
CA GLU A 114 4.14 18.56 -14.72
C GLU A 114 4.31 17.20 -15.38
N GLU A 115 3.92 16.12 -14.69
CA GLU A 115 4.01 14.77 -15.20
C GLU A 115 2.99 14.51 -16.31
N ASN A 116 1.96 15.36 -16.39
CA ASN A 116 0.92 15.25 -17.41
C ASN A 116 1.46 15.60 -18.79
N LYS A 117 0.79 15.11 -19.84
CA LYS A 117 1.16 15.37 -21.22
C LYS A 117 0.99 16.84 -21.57
N ALA A 1 -2.09 15.86 -14.05
CA ALA A 1 -1.57 14.72 -13.28
C ALA A 1 -1.93 13.40 -13.97
N GLY A 2 -1.37 12.30 -13.49
CA GLY A 2 -1.62 10.97 -14.05
C GLY A 2 -1.00 9.89 -13.19
N HIS A 3 -1.13 8.64 -13.63
CA HIS A 3 -0.65 7.49 -12.89
C HIS A 3 -0.13 6.39 -13.83
N MET A 4 0.52 5.39 -13.26
CA MET A 4 1.04 4.24 -13.98
C MET A 4 -0.10 3.41 -14.57
N ALA A 5 -1.28 3.48 -13.96
CA ALA A 5 -2.47 2.77 -14.40
C ALA A 5 -3.70 3.28 -13.66
N THR A 6 -4.89 2.89 -14.13
CA THR A 6 -6.15 3.27 -13.51
C THR A 6 -6.49 2.53 -12.22
N THR A 7 -5.65 1.55 -11.82
CA THR A 7 -5.89 0.77 -10.60
C THR A 7 -5.69 1.60 -9.34
N LYS A 8 -6.64 1.50 -8.40
CA LYS A 8 -6.69 2.28 -7.16
C LYS A 8 -7.50 1.54 -6.08
N ARG A 9 -7.74 2.23 -4.96
CA ARG A 9 -8.50 1.75 -3.80
C ARG A 9 -7.96 0.47 -3.17
N VAL A 10 -6.68 0.17 -3.32
CA VAL A 10 -6.07 -1.02 -2.73
C VAL A 10 -4.62 -0.70 -2.40
N LEU A 11 -4.09 -1.25 -1.31
CA LEU A 11 -2.69 -1.04 -0.96
C LEU A 11 -2.10 -2.25 -0.25
N TYR A 12 -0.98 -2.72 -0.77
CA TYR A 12 -0.13 -3.70 -0.14
C TYR A 12 0.81 -3.04 0.86
N VAL A 13 1.02 -3.67 2.01
CA VAL A 13 1.98 -3.16 2.98
C VAL A 13 2.85 -4.28 3.54
N GLY A 14 4.12 -3.98 3.82
CA GLY A 14 5.05 -4.97 4.29
C GLY A 14 6.08 -4.41 5.28
N GLY A 15 6.85 -5.30 5.90
CA GLY A 15 7.87 -4.91 6.86
C GLY A 15 7.28 -4.63 8.24
N LEU A 16 6.02 -5.03 8.47
CA LEU A 16 5.31 -4.74 9.71
C LEU A 16 5.97 -5.41 10.91
N ALA A 17 5.83 -4.79 12.09
CA ALA A 17 6.31 -5.36 13.34
C ALA A 17 5.38 -6.50 13.77
N GLU A 18 5.82 -7.30 14.74
CA GLU A 18 5.09 -8.48 15.18
C GLU A 18 3.81 -8.11 15.93
N GLU A 19 3.63 -6.83 16.29
CA GLU A 19 2.47 -6.37 17.03
C GLU A 19 1.43 -5.73 16.10
N VAL A 20 1.78 -5.53 14.83
CA VAL A 20 0.90 -4.88 13.87
C VAL A 20 -0.12 -5.85 13.32
N ASP A 21 -1.40 -5.59 13.60
CA ASP A 21 -2.52 -6.39 13.13
C ASP A 21 -3.53 -5.45 12.47
N ASP A 22 -4.74 -5.94 12.20
CA ASP A 22 -5.75 -5.17 11.49
C ASP A 22 -6.12 -3.81 12.09
N LYS A 23 -6.32 -3.76 13.41
CA LYS A 23 -6.69 -2.54 14.10
C LYS A 23 -5.53 -1.55 14.14
N VAL A 24 -4.29 -2.02 13.97
CA VAL A 24 -3.13 -1.13 13.99
C VAL A 24 -3.03 -0.39 12.66
N LEU A 25 -3.25 -1.12 11.54
CA LEU A 25 -3.24 -0.52 10.22
C LEU A 25 -4.49 0.32 10.00
N HIS A 26 -5.61 -0.06 10.62
CA HIS A 26 -6.84 0.70 10.50
C HIS A 26 -6.67 2.08 11.13
N ALA A 27 -5.90 2.16 12.22
CA ALA A 27 -5.65 3.43 12.87
C ALA A 27 -4.48 4.19 12.23
N ALA A 28 -3.62 3.48 11.47
CA ALA A 28 -2.45 4.08 10.85
C ALA A 28 -2.73 4.62 9.45
N PHE A 29 -3.88 4.28 8.86
CA PHE A 29 -4.22 4.69 7.50
C PHE A 29 -5.53 5.46 7.34
N ILE A 30 -6.25 5.69 8.44
CA ILE A 30 -7.55 6.34 8.41
C ILE A 30 -7.52 7.86 8.22
N PRO A 31 -6.50 8.62 8.66
CA PRO A 31 -6.54 10.07 8.61
C PRO A 31 -6.40 10.60 7.18
N PHE A 32 -6.09 9.74 6.22
CA PHE A 32 -5.92 10.11 4.83
C PHE A 32 -7.24 10.17 4.06
N GLY A 33 -8.32 9.67 4.65
CA GLY A 33 -9.62 9.58 4.01
C GLY A 33 -10.58 8.76 4.87
N ASP A 34 -11.06 7.64 4.34
CA ASP A 34 -11.94 6.76 5.10
C ASP A 34 -11.76 5.31 4.62
N ILE A 35 -11.28 4.44 5.51
CA ILE A 35 -11.04 3.04 5.21
C ILE A 35 -12.36 2.27 5.12
N THR A 36 -12.37 1.18 4.35
CA THR A 36 -13.53 0.32 4.24
C THR A 36 -13.24 -1.17 4.41
N ASP A 37 -11.97 -1.56 4.29
CA ASP A 37 -11.50 -2.93 4.48
C ASP A 37 -10.03 -3.08 4.87
N ILE A 38 -9.71 -4.17 5.55
CA ILE A 38 -8.35 -4.54 5.97
C ILE A 38 -8.19 -6.05 5.79
N GLN A 39 -6.96 -6.53 5.62
CA GLN A 39 -6.69 -7.95 5.47
C GLN A 39 -5.36 -8.30 6.14
N ILE A 40 -5.36 -9.38 6.93
CA ILE A 40 -4.17 -9.86 7.63
C ILE A 40 -3.99 -11.35 7.36
N PRO A 41 -3.42 -11.71 6.20
CA PRO A 41 -3.17 -13.09 5.83
C PRO A 41 -2.03 -13.65 6.68
N LEU A 42 -2.07 -14.96 6.95
CA LEU A 42 -1.06 -15.64 7.73
C LEU A 42 0.07 -16.11 6.83
N ASP A 43 1.13 -16.67 7.43
CA ASP A 43 2.23 -17.27 6.68
C ASP A 43 1.75 -18.65 6.22
N TYR A 44 0.70 -19.18 6.85
CA TYR A 44 0.10 -20.49 6.64
C TYR A 44 1.18 -21.58 6.65
N GLU A 45 2.32 -21.33 7.31
CA GLU A 45 3.31 -22.35 7.58
C GLU A 45 3.52 -22.52 9.09
N THR A 46 3.18 -21.46 9.84
CA THR A 46 3.26 -21.43 11.29
C THR A 46 2.06 -20.79 11.99
N GLU A 47 1.01 -20.48 11.20
CA GLU A 47 -0.26 -19.94 11.69
C GLU A 47 -0.11 -18.61 12.43
N LYS A 48 0.78 -17.74 11.93
CA LYS A 48 0.97 -16.39 12.46
C LYS A 48 0.92 -15.40 11.30
N HIS A 49 0.79 -14.10 11.60
CA HIS A 49 0.80 -13.11 10.53
C HIS A 49 2.23 -13.01 9.99
N ARG A 50 2.36 -12.89 8.66
CA ARG A 50 3.66 -12.94 8.00
C ARG A 50 4.41 -11.61 8.04
N GLY A 51 3.78 -10.55 8.57
CA GLY A 51 4.40 -9.24 8.63
C GLY A 51 4.04 -8.37 7.43
N PHE A 52 2.94 -8.68 6.73
CA PHE A 52 2.49 -7.89 5.60
C PHE A 52 0.97 -7.96 5.66
N ALA A 53 0.31 -7.01 4.99
CA ALA A 53 -1.14 -6.86 5.05
C ALA A 53 -1.65 -6.07 3.85
N PHE A 54 -2.97 -5.83 3.82
CA PHE A 54 -3.60 -5.04 2.76
C PHE A 54 -4.62 -4.06 3.33
N VAL A 55 -4.96 -3.04 2.54
CA VAL A 55 -5.92 -2.00 2.90
C VAL A 55 -6.77 -1.63 1.70
N GLU A 56 -8.02 -1.22 1.94
CA GLU A 56 -8.92 -0.75 0.90
C GLU A 56 -9.80 0.39 1.43
N PHE A 57 -10.22 1.29 0.54
CA PHE A 57 -10.93 2.51 0.91
C PHE A 57 -12.00 2.69 -0.15
N GLU A 58 -13.01 3.50 0.16
CA GLU A 58 -14.07 3.83 -0.79
C GLU A 58 -13.66 5.03 -1.66
N LEU A 59 -12.37 5.40 -1.63
CA LEU A 59 -11.84 6.51 -2.40
C LEU A 59 -10.55 6.12 -3.10
N ALA A 60 -10.41 6.54 -4.36
CA ALA A 60 -9.23 6.26 -5.15
C ALA A 60 -8.10 7.23 -4.84
N GLU A 61 -8.43 8.45 -4.40
CA GLU A 61 -7.42 9.46 -4.10
C GLU A 61 -6.82 9.21 -2.73
N ASP A 62 -7.52 8.49 -1.86
CA ASP A 62 -7.04 8.19 -0.52
C ASP A 62 -5.92 7.14 -0.62
N ALA A 63 -6.10 6.16 -1.52
CA ALA A 63 -5.12 5.12 -1.74
C ALA A 63 -3.84 5.69 -2.33
N ALA A 64 -3.98 6.50 -3.39
CA ALA A 64 -2.83 7.11 -4.05
C ALA A 64 -2.09 8.08 -3.12
N ALA A 65 -2.80 8.71 -2.19
CA ALA A 65 -2.18 9.63 -1.25
C ALA A 65 -1.32 8.88 -0.24
N ALA A 66 -1.71 7.66 0.13
CA ALA A 66 -0.94 6.86 1.07
C ALA A 66 0.36 6.39 0.43
N ILE A 67 0.36 6.18 -0.90
CA ILE A 67 1.59 5.85 -1.61
C ILE A 67 2.53 7.05 -1.58
N ASP A 68 1.96 8.26 -1.64
CA ASP A 68 2.71 9.51 -1.62
C ASP A 68 3.16 9.97 -0.22
N ASN A 69 2.58 9.39 0.83
CA ASN A 69 2.84 9.84 2.20
C ASN A 69 3.26 8.74 3.17
N MET A 70 3.23 7.46 2.77
CA MET A 70 3.62 6.38 3.67
C MET A 70 4.52 5.33 3.00
N ASN A 71 4.89 5.52 1.74
CA ASN A 71 5.84 4.63 1.10
C ASN A 71 7.20 4.76 1.79
N GLU A 72 7.83 3.63 2.11
CA GLU A 72 9.10 3.60 2.83
C GLU A 72 9.05 4.36 4.16
N SER A 73 7.85 4.49 4.73
CA SER A 73 7.64 5.16 6.02
C SER A 73 8.00 4.20 7.15
N GLU A 74 7.61 4.52 8.40
CA GLU A 74 8.00 3.76 9.57
C GLU A 74 6.79 3.50 10.48
N LEU A 75 6.67 2.27 10.97
CA LEU A 75 5.62 1.82 11.89
C LEU A 75 6.30 0.99 12.97
N PHE A 76 5.86 1.14 14.22
CA PHE A 76 6.41 0.37 15.34
C PHE A 76 7.91 0.40 15.58
N GLY A 77 8.60 1.41 15.02
CA GLY A 77 10.03 1.58 15.22
C GLY A 77 10.85 0.94 14.12
N ARG A 78 10.22 0.55 13.00
CA ARG A 78 10.91 -0.07 11.87
C ARG A 78 10.26 0.32 10.55
N THR A 79 11.05 0.30 9.49
CA THR A 79 10.59 0.66 8.15
C THR A 79 9.49 -0.23 7.58
N ILE A 80 8.59 0.34 6.79
CA ILE A 80 7.51 -0.39 6.13
C ILE A 80 7.36 0.07 4.68
N ARG A 81 6.59 -0.67 3.89
CA ARG A 81 6.33 -0.35 2.49
C ARG A 81 4.85 -0.15 2.26
N VAL A 82 4.49 0.70 1.30
CA VAL A 82 3.11 0.95 0.90
C VAL A 82 3.03 1.19 -0.59
N ASN A 83 2.23 0.39 -1.29
CA ASN A 83 2.04 0.51 -2.73
C ASN A 83 0.86 -0.32 -3.22
N LEU A 84 0.32 -0.03 -4.41
CA LEU A 84 -0.73 -0.85 -5.00
C LEU A 84 -0.15 -2.20 -5.42
N ALA A 85 -0.98 -3.24 -5.50
CA ALA A 85 -0.52 -4.60 -5.72
C ALA A 85 0.23 -4.77 -7.05
N LYS A 86 1.30 -5.56 -7.00
CA LYS A 86 2.12 -5.93 -8.16
C LYS A 86 1.39 -6.92 -9.07
N PRO A 87 1.91 -7.21 -10.27
CA PRO A 87 1.27 -8.09 -11.24
C PRO A 87 1.17 -9.53 -10.73
N MET A 88 -0.01 -9.86 -10.21
CA MET A 88 -0.39 -11.19 -9.75
C MET A 88 -1.90 -11.19 -9.53
N ARG A 89 -2.52 -12.37 -9.37
CA ARG A 89 -3.93 -12.44 -9.05
C ARG A 89 -4.16 -11.86 -7.65
N ILE A 90 -5.21 -11.06 -7.51
CA ILE A 90 -5.57 -10.39 -6.25
C ILE A 90 -7.02 -10.69 -5.93
N LYS A 91 -7.49 -10.19 -4.77
CA LYS A 91 -8.80 -10.44 -4.18
C LYS A 91 -10.00 -10.06 -5.04
N GLU A 92 -9.81 -9.64 -6.29
CA GLU A 92 -10.90 -9.25 -7.18
C GLU A 92 -10.70 -9.79 -8.60
N GLY A 93 -9.78 -10.74 -8.77
CA GLY A 93 -9.51 -11.38 -10.05
C GLY A 93 -8.66 -10.51 -10.98
N SER A 94 -8.32 -9.29 -10.55
CA SER A 94 -7.47 -8.42 -11.34
C SER A 94 -6.05 -8.97 -11.40
N SER A 95 -5.38 -8.81 -12.54
CA SER A 95 -4.01 -9.26 -12.73
C SER A 95 -3.00 -8.13 -12.46
N ARG A 96 -3.48 -6.89 -12.39
CA ARG A 96 -2.67 -5.69 -12.21
C ARG A 96 -1.61 -5.48 -13.30
N PRO A 97 -1.20 -4.23 -13.53
CA PRO A 97 -0.12 -3.88 -14.45
C PRO A 97 1.22 -4.26 -13.83
N VAL A 98 2.31 -4.03 -14.55
CA VAL A 98 3.64 -4.47 -14.11
C VAL A 98 4.24 -3.73 -12.92
N TRP A 99 3.78 -2.50 -12.64
CA TRP A 99 4.29 -1.71 -11.52
C TRP A 99 5.81 -1.57 -11.49
N SER A 100 6.38 -1.04 -12.57
CA SER A 100 7.82 -0.78 -12.65
C SER A 100 8.20 0.30 -11.65
N ASP A 101 8.94 -0.11 -10.60
CA ASP A 101 9.30 0.78 -9.51
C ASP A 101 10.28 1.89 -9.86
N ASP A 102 10.96 1.78 -11.01
CA ASP A 102 11.92 2.80 -11.40
C ASP A 102 11.26 4.14 -11.76
N ASP A 103 10.36 4.14 -12.73
CA ASP A 103 9.72 5.38 -13.17
C ASP A 103 8.54 5.80 -12.32
N TRP A 104 7.79 4.84 -11.76
CA TRP A 104 6.68 5.20 -10.89
C TRP A 104 7.17 5.83 -9.60
N LEU A 105 8.19 5.25 -8.96
CA LEU A 105 8.61 5.79 -7.69
C LEU A 105 9.52 6.99 -7.86
N LYS A 106 10.12 7.15 -9.05
CA LYS A 106 10.90 8.33 -9.38
C LYS A 106 9.99 9.57 -9.43
N LYS A 107 8.78 9.46 -9.99
CA LYS A 107 7.90 10.61 -10.08
C LYS A 107 7.14 10.85 -8.77
N PHE A 108 6.94 9.79 -7.96
CA PHE A 108 6.37 9.95 -6.63
C PHE A 108 7.30 10.57 -5.59
N SER A 109 8.58 10.21 -5.63
CA SER A 109 9.58 10.79 -4.74
C SER A 109 10.07 12.14 -5.27
N GLY A 110 9.91 12.37 -6.58
CA GLY A 110 10.32 13.59 -7.24
C GLY A 110 9.28 14.71 -7.10
N LYS A 111 8.18 14.45 -6.39
CA LYS A 111 7.05 15.35 -6.17
C LYS A 111 6.56 16.00 -7.46
N THR A 112 6.89 15.39 -8.62
CA THR A 112 6.42 15.84 -9.92
C THR A 112 5.11 15.15 -10.29
N LEU A 113 4.93 13.91 -9.82
CA LEU A 113 3.70 13.14 -9.90
C LEU A 113 2.95 13.23 -11.24
N GLU A 114 3.69 13.26 -12.36
CA GLU A 114 3.10 13.31 -13.69
C GLU A 114 2.29 14.61 -13.92
N GLU A 115 2.39 15.58 -13.02
CA GLU A 115 1.70 16.86 -13.16
C GLU A 115 2.42 17.77 -14.15
N ASN A 116 3.75 17.60 -14.28
CA ASN A 116 4.57 18.40 -15.18
C ASN A 116 4.70 17.74 -16.55
N LYS A 117 3.78 16.81 -16.88
CA LYS A 117 3.79 16.07 -18.13
C LYS A 117 3.68 17.00 -19.33
N ALA A 1 3.67 11.11 -20.89
CA ALA A 1 3.46 10.82 -19.46
C ALA A 1 2.25 9.92 -19.26
N GLY A 2 2.14 9.31 -18.08
CA GLY A 2 1.04 8.41 -17.74
C GLY A 2 1.20 7.83 -16.34
N HIS A 3 0.25 6.99 -15.94
CA HIS A 3 0.22 6.38 -14.61
C HIS A 3 -0.31 4.96 -14.66
N MET A 4 -0.20 4.24 -13.54
CA MET A 4 -0.65 2.87 -13.42
C MET A 4 -2.17 2.76 -13.53
N ALA A 5 -2.67 1.54 -13.78
CA ALA A 5 -4.08 1.29 -14.01
C ALA A 5 -4.96 1.50 -12.78
N THR A 6 -6.26 1.34 -12.97
CA THR A 6 -7.30 1.53 -11.96
C THR A 6 -7.32 0.58 -10.75
N THR A 7 -6.17 -0.06 -10.45
CA THR A 7 -6.04 -0.96 -9.31
C THR A 7 -6.05 -0.27 -7.95
N LYS A 8 -6.58 0.96 -7.90
CA LYS A 8 -6.63 1.78 -6.70
C LYS A 8 -7.45 1.10 -5.59
N ARG A 9 -7.42 1.71 -4.39
CA ARG A 9 -8.12 1.26 -3.20
C ARG A 9 -7.74 -0.16 -2.76
N VAL A 10 -6.51 -0.59 -3.04
CA VAL A 10 -6.02 -1.91 -2.62
C VAL A 10 -4.52 -1.87 -2.36
N LEU A 11 -4.11 -1.09 -1.36
CA LEU A 11 -2.70 -0.92 -1.04
C LEU A 11 -2.14 -2.13 -0.31
N TYR A 12 -0.99 -2.59 -0.79
CA TYR A 12 -0.17 -3.59 -0.11
C TYR A 12 0.71 -2.96 0.95
N VAL A 13 0.93 -3.66 2.06
CA VAL A 13 1.83 -3.18 3.10
C VAL A 13 2.76 -4.30 3.57
N GLY A 14 4.05 -3.99 3.78
CA GLY A 14 5.01 -4.99 4.19
C GLY A 14 6.04 -4.44 5.16
N GLY A 15 6.78 -5.34 5.81
CA GLY A 15 7.81 -4.97 6.78
C GLY A 15 7.21 -4.69 8.17
N LEU A 16 5.96 -5.10 8.39
CA LEU A 16 5.25 -4.82 9.62
C LEU A 16 5.92 -5.50 10.82
N ALA A 17 5.81 -4.87 12.00
CA ALA A 17 6.33 -5.45 13.24
C ALA A 17 5.43 -6.58 13.70
N GLU A 18 5.91 -7.39 14.65
CA GLU A 18 5.19 -8.57 15.12
C GLU A 18 3.92 -8.21 15.88
N GLU A 19 3.75 -6.93 16.26
CA GLU A 19 2.61 -6.46 17.03
C GLU A 19 1.54 -5.85 16.13
N VAL A 20 1.85 -5.69 14.83
CA VAL A 20 0.93 -5.08 13.88
C VAL A 20 -0.14 -6.08 13.44
N ASP A 21 -1.38 -5.60 13.38
CA ASP A 21 -2.56 -6.34 12.96
C ASP A 21 -3.60 -5.42 12.33
N ASP A 22 -4.79 -5.93 12.00
CA ASP A 22 -5.80 -5.14 11.31
C ASP A 22 -6.19 -3.82 11.98
N LYS A 23 -6.27 -3.81 13.31
CA LYS A 23 -6.61 -2.61 14.06
C LYS A 23 -5.47 -1.62 14.09
N VAL A 24 -4.22 -2.08 13.91
CA VAL A 24 -3.07 -1.20 13.92
C VAL A 24 -2.98 -0.46 12.58
N LEU A 25 -3.24 -1.18 11.48
CA LEU A 25 -3.21 -0.59 10.16
C LEU A 25 -4.43 0.29 9.94
N HIS A 26 -5.56 -0.07 10.56
CA HIS A 26 -6.77 0.73 10.46
C HIS A 26 -6.54 2.10 11.09
N ALA A 27 -5.82 2.15 12.21
CA ALA A 27 -5.54 3.40 12.88
C ALA A 27 -4.36 4.15 12.24
N ALA A 28 -3.54 3.45 11.44
CA ALA A 28 -2.37 4.03 10.81
C ALA A 28 -2.66 4.58 9.42
N PHE A 29 -3.83 4.26 8.84
CA PHE A 29 -4.20 4.71 7.50
C PHE A 29 -5.49 5.52 7.39
N ILE A 30 -6.15 5.77 8.51
CA ILE A 30 -7.43 6.47 8.54
C ILE A 30 -7.34 8.00 8.37
N PRO A 31 -6.23 8.69 8.71
CA PRO A 31 -6.21 10.14 8.65
C PRO A 31 -6.12 10.67 7.21
N PHE A 32 -5.84 9.78 6.25
CA PHE A 32 -5.73 10.17 4.84
C PHE A 32 -7.10 10.11 4.16
N GLY A 33 -8.05 9.36 4.74
CA GLY A 33 -9.39 9.20 4.21
C GLY A 33 -10.07 7.99 4.83
N ASP A 34 -11.37 7.82 4.56
CA ASP A 34 -12.15 6.76 5.18
C ASP A 34 -11.82 5.34 4.69
N ILE A 35 -11.34 4.50 5.60
CA ILE A 35 -11.06 3.10 5.32
C ILE A 35 -12.38 2.32 5.24
N THR A 36 -12.37 1.19 4.52
CA THR A 36 -13.53 0.32 4.44
C THR A 36 -13.23 -1.18 4.57
N ASP A 37 -11.96 -1.56 4.39
CA ASP A 37 -11.48 -2.94 4.55
C ASP A 37 -10.00 -3.07 4.87
N ILE A 38 -9.62 -4.20 5.49
CA ILE A 38 -8.26 -4.53 5.88
C ILE A 38 -8.11 -6.05 5.77
N GLN A 39 -6.90 -6.53 5.50
CA GLN A 39 -6.65 -7.97 5.40
C GLN A 39 -5.35 -8.31 6.12
N ILE A 40 -5.35 -9.42 6.86
CA ILE A 40 -4.19 -9.92 7.57
C ILE A 40 -4.00 -11.41 7.26
N PRO A 41 -3.52 -11.74 6.06
CA PRO A 41 -3.22 -13.11 5.68
C PRO A 41 -2.05 -13.65 6.51
N LEU A 42 -2.15 -14.92 6.89
CA LEU A 42 -1.14 -15.59 7.71
C LEU A 42 0.01 -16.11 6.84
N ASP A 43 1.03 -16.67 7.47
CA ASP A 43 2.12 -17.31 6.75
C ASP A 43 1.62 -18.68 6.28
N TYR A 44 0.54 -19.17 6.90
CA TYR A 44 -0.10 -20.47 6.68
C TYR A 44 0.95 -21.59 6.74
N GLU A 45 2.07 -21.37 7.44
CA GLU A 45 3.02 -22.43 7.74
C GLU A 45 3.18 -22.59 9.26
N THR A 46 2.87 -21.51 9.99
CA THR A 46 2.92 -21.46 11.46
C THR A 46 1.74 -20.75 12.10
N GLU A 47 0.72 -20.41 11.30
CA GLU A 47 -0.53 -19.82 11.77
C GLU A 47 -0.34 -18.47 12.48
N LYS A 48 0.55 -17.62 11.94
CA LYS A 48 0.79 -16.28 12.46
C LYS A 48 0.89 -15.29 11.29
N HIS A 49 0.67 -14.00 11.55
CA HIS A 49 0.68 -13.01 10.49
C HIS A 49 2.10 -12.89 9.94
N ARG A 50 2.24 -12.91 8.61
CA ARG A 50 3.54 -12.97 7.95
C ARG A 50 4.27 -11.62 7.98
N GLY A 51 3.63 -10.57 8.49
CA GLY A 51 4.24 -9.25 8.56
C GLY A 51 3.91 -8.40 7.33
N PHE A 52 2.82 -8.71 6.62
CA PHE A 52 2.39 -7.93 5.47
C PHE A 52 0.87 -7.97 5.53
N ALA A 53 0.23 -7.03 4.83
CA ALA A 53 -1.21 -6.86 4.87
C ALA A 53 -1.71 -6.09 3.65
N PHE A 54 -3.03 -5.85 3.60
CA PHE A 54 -3.65 -5.05 2.55
C PHE A 54 -4.64 -4.06 3.16
N VAL A 55 -4.91 -2.97 2.46
CA VAL A 55 -5.81 -1.92 2.91
C VAL A 55 -6.70 -1.44 1.75
N GLU A 56 -7.98 -1.18 2.05
CA GLU A 56 -8.94 -0.68 1.08
C GLU A 56 -9.77 0.45 1.66
N PHE A 57 -10.17 1.39 0.79
CA PHE A 57 -10.88 2.60 1.19
C PHE A 57 -11.99 2.77 0.15
N GLU A 58 -12.93 3.67 0.42
CA GLU A 58 -14.00 3.98 -0.53
C GLU A 58 -13.60 5.16 -1.43
N LEU A 59 -12.32 5.52 -1.47
CA LEU A 59 -11.81 6.62 -2.28
C LEU A 59 -10.53 6.23 -2.99
N ALA A 60 -10.45 6.47 -4.30
CA ALA A 60 -9.27 6.16 -5.08
C ALA A 60 -8.18 7.21 -4.90
N GLU A 61 -8.56 8.43 -4.54
CA GLU A 61 -7.59 9.51 -4.33
C GLU A 61 -6.93 9.39 -2.96
N ASP A 62 -7.58 8.69 -2.03
CA ASP A 62 -7.02 8.44 -0.70
C ASP A 62 -5.87 7.43 -0.80
N ALA A 63 -6.07 6.38 -1.60
CA ALA A 63 -5.07 5.35 -1.76
C ALA A 63 -3.80 5.92 -2.42
N ALA A 64 -3.97 6.82 -3.39
CA ALA A 64 -2.83 7.43 -4.06
C ALA A 64 -2.08 8.37 -3.13
N ALA A 65 -2.78 8.98 -2.18
CA ALA A 65 -2.15 9.88 -1.23
C ALA A 65 -1.32 9.10 -0.22
N ALA A 66 -1.74 7.88 0.12
CA ALA A 66 -0.99 7.04 1.03
C ALA A 66 0.29 6.55 0.38
N ILE A 67 0.31 6.38 -0.95
CA ILE A 67 1.56 6.05 -1.65
C ILE A 67 2.50 7.25 -1.57
N ASP A 68 1.94 8.47 -1.56
CA ASP A 68 2.70 9.70 -1.47
C ASP A 68 3.11 10.09 -0.03
N ASN A 69 2.52 9.46 0.99
CA ASN A 69 2.75 9.87 2.38
C ASN A 69 3.08 8.72 3.33
N MET A 70 2.99 7.45 2.88
CA MET A 70 3.28 6.30 3.74
C MET A 70 4.26 5.34 3.11
N ASN A 71 4.68 5.58 1.86
CA ASN A 71 5.69 4.76 1.23
C ASN A 71 7.02 4.96 1.95
N GLU A 72 7.72 3.85 2.24
CA GLU A 72 8.97 3.88 2.99
C GLU A 72 8.83 4.60 4.33
N SER A 73 7.61 4.66 4.87
CA SER A 73 7.35 5.28 6.18
C SER A 73 7.76 4.31 7.28
N GLU A 74 7.47 4.65 8.54
CA GLU A 74 7.92 3.86 9.68
C GLU A 74 6.76 3.55 10.63
N LEU A 75 6.66 2.27 11.02
CA LEU A 75 5.64 1.76 11.93
C LEU A 75 6.35 0.91 12.99
N PHE A 76 5.94 1.03 14.26
CA PHE A 76 6.51 0.24 15.34
C PHE A 76 8.04 0.31 15.53
N GLY A 77 8.69 1.33 14.98
CA GLY A 77 10.13 1.51 15.13
C GLY A 77 10.91 0.90 13.97
N ARG A 78 10.24 0.53 12.87
CA ARG A 78 10.89 -0.05 11.71
C ARG A 78 10.19 0.38 10.42
N THR A 79 10.93 0.41 9.32
CA THR A 79 10.41 0.80 8.02
C THR A 79 9.35 -0.11 7.43
N ILE A 80 8.40 0.45 6.68
CA ILE A 80 7.36 -0.32 6.01
C ILE A 80 7.21 0.14 4.57
N ARG A 81 6.64 -0.73 3.73
CA ARG A 81 6.40 -0.41 2.32
C ARG A 81 4.92 -0.17 2.10
N VAL A 82 4.58 0.76 1.19
CA VAL A 82 3.19 1.01 0.83
C VAL A 82 3.12 1.24 -0.67
N ASN A 83 2.31 0.42 -1.36
CA ASN A 83 2.16 0.47 -2.80
C ASN A 83 1.01 -0.43 -3.25
N LEU A 84 0.43 -0.21 -4.43
CA LEU A 84 -0.60 -1.09 -4.94
C LEU A 84 0.04 -2.40 -5.45
N ALA A 85 -0.77 -3.46 -5.55
CA ALA A 85 -0.27 -4.81 -5.81
C ALA A 85 0.53 -4.92 -7.12
N LYS A 86 1.60 -5.72 -7.06
CA LYS A 86 2.48 -6.04 -8.18
C LYS A 86 1.81 -7.02 -9.16
N PRO A 87 2.40 -7.23 -10.35
CA PRO A 87 1.85 -8.13 -11.36
C PRO A 87 1.87 -9.58 -10.89
N MET A 88 0.72 -10.03 -10.40
CA MET A 88 0.45 -11.40 -9.98
C MET A 88 -1.07 -11.57 -9.87
N ARG A 89 -1.54 -12.81 -9.77
CA ARG A 89 -2.96 -13.05 -9.54
C ARG A 89 -3.36 -12.42 -8.21
N ILE A 90 -4.47 -11.67 -8.21
CA ILE A 90 -5.00 -11.00 -7.04
C ILE A 90 -6.23 -11.75 -6.53
N LYS A 91 -6.80 -11.28 -5.42
CA LYS A 91 -7.91 -11.90 -4.69
C LYS A 91 -9.19 -12.16 -5.50
N GLU A 92 -9.18 -11.94 -6.81
CA GLU A 92 -10.35 -12.18 -7.66
C GLU A 92 -9.96 -12.79 -9.00
N GLY A 93 -8.73 -13.32 -9.10
CA GLY A 93 -8.23 -13.97 -10.30
C GLY A 93 -7.72 -12.99 -11.36
N SER A 94 -7.89 -11.68 -11.11
CA SER A 94 -7.42 -10.66 -12.03
C SER A 94 -5.90 -10.47 -11.88
N SER A 95 -5.29 -9.69 -12.77
CA SER A 95 -3.86 -9.42 -12.76
C SER A 95 -3.60 -7.92 -12.85
N ARG A 96 -2.40 -7.49 -12.45
CA ARG A 96 -2.05 -6.07 -12.33
C ARG A 96 -0.96 -5.66 -13.33
N PRO A 97 -0.79 -4.35 -13.56
CA PRO A 97 0.28 -3.81 -14.37
C PRO A 97 1.66 -4.19 -13.82
N VAL A 98 2.70 -3.82 -14.56
CA VAL A 98 4.07 -4.19 -14.22
C VAL A 98 4.60 -3.51 -12.94
N TRP A 99 4.14 -2.30 -12.63
CA TRP A 99 4.59 -1.58 -11.44
C TRP A 99 6.11 -1.51 -11.29
N SER A 100 6.81 -1.15 -12.37
CA SER A 100 8.25 -0.99 -12.34
C SER A 100 8.61 0.15 -11.41
N ASP A 101 9.33 -0.15 -10.33
CA ASP A 101 9.62 0.82 -9.28
C ASP A 101 10.54 1.98 -9.67
N ASP A 102 11.21 1.90 -10.82
CA ASP A 102 12.09 2.97 -11.25
C ASP A 102 11.35 4.24 -11.69
N ASP A 103 10.47 4.11 -12.69
CA ASP A 103 9.74 5.26 -13.22
C ASP A 103 8.53 5.66 -12.39
N TRP A 104 7.88 4.68 -11.75
CA TRP A 104 6.74 4.98 -10.89
C TRP A 104 7.17 5.69 -9.61
N LEU A 105 8.24 5.23 -8.97
CA LEU A 105 8.63 5.85 -7.71
C LEU A 105 9.41 7.14 -7.95
N LYS A 106 9.96 7.31 -9.15
CA LYS A 106 10.60 8.55 -9.56
C LYS A 106 9.59 9.69 -9.67
N LYS A 107 8.41 9.44 -10.26
CA LYS A 107 7.41 10.49 -10.41
C LYS A 107 6.72 10.77 -9.08
N PHE A 108 6.61 9.76 -8.20
CA PHE A 108 6.12 9.96 -6.85
C PHE A 108 7.09 10.66 -5.89
N SER A 109 8.39 10.58 -6.19
CA SER A 109 9.42 11.26 -5.42
C SER A 109 9.56 12.71 -5.87
N GLY A 110 9.13 13.00 -7.10
CA GLY A 110 9.19 14.34 -7.69
C GLY A 110 8.09 15.25 -7.17
N LYS A 111 7.25 14.76 -6.26
CA LYS A 111 6.13 15.53 -5.75
C LYS A 111 6.55 16.67 -4.85
N THR A 112 5.72 17.72 -4.87
CA THR A 112 5.87 18.99 -4.16
C THR A 112 7.13 19.81 -4.41
N LEU A 113 8.27 19.17 -4.72
CA LEU A 113 9.48 19.90 -5.08
C LEU A 113 9.33 20.47 -6.49
N GLU A 114 8.30 20.03 -7.22
CA GLU A 114 7.98 20.52 -8.55
C GLU A 114 7.20 21.84 -8.48
N GLU A 115 6.84 22.29 -7.28
CA GLU A 115 6.10 23.54 -7.09
C GLU A 115 6.80 24.47 -6.10
N ASN A 116 7.50 23.90 -5.11
CA ASN A 116 8.27 24.69 -4.15
C ASN A 116 9.64 25.07 -4.73
N LYS A 117 10.28 26.06 -4.11
CA LYS A 117 11.60 26.53 -4.53
C LYS A 117 12.66 25.46 -4.30
N ALA A 1 6.18 10.36 -20.65
CA ALA A 1 6.26 9.07 -19.94
C ALA A 1 4.87 8.57 -19.58
N GLY A 2 4.69 7.25 -19.52
CA GLY A 2 3.41 6.62 -19.22
C GLY A 2 3.21 6.42 -17.72
N HIS A 3 2.07 5.82 -17.36
CA HIS A 3 1.69 5.60 -15.98
C HIS A 3 0.91 4.29 -15.83
N MET A 4 0.72 3.87 -14.58
CA MET A 4 -0.03 2.66 -14.25
C MET A 4 -1.51 2.82 -14.58
N ALA A 5 -2.22 1.69 -14.67
CA ALA A 5 -3.64 1.70 -14.99
C ALA A 5 -4.48 2.34 -13.90
N THR A 6 -5.79 2.45 -14.15
CA THR A 6 -6.75 3.04 -13.24
C THR A 6 -6.98 2.34 -11.90
N THR A 7 -6.18 1.31 -11.58
CA THR A 7 -6.33 0.59 -10.32
C THR A 7 -6.01 1.48 -9.12
N LYS A 8 -6.92 1.49 -8.13
CA LYS A 8 -6.84 2.31 -6.93
C LYS A 8 -7.66 1.64 -5.82
N ARG A 9 -7.92 2.38 -4.73
CA ARG A 9 -8.70 1.93 -3.58
C ARG A 9 -8.18 0.64 -2.93
N VAL A 10 -6.88 0.34 -3.09
CA VAL A 10 -6.26 -0.85 -2.51
C VAL A 10 -4.79 -0.52 -2.27
N LEU A 11 -4.20 -1.11 -1.23
CA LEU A 11 -2.78 -0.93 -0.95
C LEU A 11 -2.19 -2.16 -0.29
N TYR A 12 -0.92 -2.43 -0.62
CA TYR A 12 -0.10 -3.42 0.05
C TYR A 12 0.77 -2.82 1.14
N VAL A 13 1.03 -3.57 2.21
CA VAL A 13 1.94 -3.13 3.26
C VAL A 13 2.90 -4.24 3.65
N GLY A 14 4.17 -3.90 3.84
CA GLY A 14 5.19 -4.88 4.20
C GLY A 14 6.17 -4.32 5.22
N GLY A 15 6.93 -5.21 5.86
CA GLY A 15 7.91 -4.83 6.86
C GLY A 15 7.28 -4.60 8.24
N LEU A 16 6.02 -5.03 8.41
CA LEU A 16 5.28 -4.83 9.65
C LEU A 16 5.92 -5.57 10.81
N ALA A 17 5.76 -5.02 12.02
CA ALA A 17 6.22 -5.65 13.25
C ALA A 17 5.27 -6.80 13.64
N GLU A 18 5.64 -7.53 14.70
CA GLU A 18 4.89 -8.69 15.17
C GLU A 18 3.58 -8.31 15.86
N GLU A 19 3.20 -7.03 15.86
CA GLU A 19 2.04 -6.54 16.58
C GLU A 19 1.14 -5.64 15.73
N VAL A 20 1.51 -5.41 14.46
CA VAL A 20 0.74 -4.53 13.58
C VAL A 20 -0.49 -5.19 12.97
N ASP A 21 -1.40 -5.66 13.82
CA ASP A 21 -2.63 -6.32 13.41
C ASP A 21 -3.61 -5.38 12.70
N ASP A 22 -4.75 -5.91 12.25
CA ASP A 22 -5.72 -5.14 11.47
C ASP A 22 -6.19 -3.83 12.09
N LYS A 23 -6.36 -3.79 13.41
CA LYS A 23 -6.80 -2.58 14.09
C LYS A 23 -5.70 -1.52 14.11
N VAL A 24 -4.44 -1.95 13.97
CA VAL A 24 -3.31 -1.03 13.97
C VAL A 24 -3.18 -0.34 12.61
N LEU A 25 -3.40 -1.08 11.53
CA LEU A 25 -3.34 -0.53 10.19
C LEU A 25 -4.57 0.36 9.95
N HIS A 26 -5.69 0.03 10.59
CA HIS A 26 -6.90 0.83 10.48
C HIS A 26 -6.65 2.21 11.08
N ALA A 27 -5.95 2.27 12.21
CA ALA A 27 -5.64 3.54 12.86
C ALA A 27 -4.47 4.25 12.19
N ALA A 28 -3.64 3.52 11.44
CA ALA A 28 -2.45 4.08 10.81
C ALA A 28 -2.73 4.64 9.42
N PHE A 29 -3.90 4.33 8.83
CA PHE A 29 -4.24 4.76 7.48
C PHE A 29 -5.53 5.59 7.33
N ILE A 30 -6.25 5.78 8.44
CA ILE A 30 -7.51 6.51 8.44
C ILE A 30 -7.35 8.03 8.28
N PRO A 31 -6.24 8.67 8.69
CA PRO A 31 -6.07 10.11 8.56
C PRO A 31 -6.07 10.60 7.11
N PHE A 32 -5.81 9.71 6.15
CA PHE A 32 -5.68 10.08 4.74
C PHE A 32 -7.03 9.97 4.02
N GLY A 33 -8.01 9.30 4.63
CA GLY A 33 -9.33 9.12 4.05
C GLY A 33 -10.03 7.92 4.67
N ASP A 34 -11.32 7.74 4.34
CA ASP A 34 -12.12 6.68 4.91
C ASP A 34 -11.77 5.27 4.47
N ILE A 35 -11.35 4.43 5.43
CA ILE A 35 -11.06 3.01 5.20
C ILE A 35 -12.37 2.24 5.11
N THR A 36 -12.36 1.09 4.43
CA THR A 36 -13.53 0.22 4.34
C THR A 36 -13.27 -1.25 4.64
N ASP A 37 -12.02 -1.70 4.58
CA ASP A 37 -11.68 -3.07 4.94
C ASP A 37 -10.17 -3.17 5.17
N ILE A 38 -9.74 -4.24 5.83
CA ILE A 38 -8.34 -4.55 6.14
C ILE A 38 -8.15 -6.06 5.96
N GLN A 39 -6.93 -6.51 5.69
CA GLN A 39 -6.66 -7.93 5.49
C GLN A 39 -5.32 -8.34 6.10
N ILE A 40 -5.32 -9.42 6.88
CA ILE A 40 -4.14 -9.94 7.55
C ILE A 40 -4.01 -11.44 7.29
N PRO A 41 -3.39 -11.84 6.17
CA PRO A 41 -3.12 -13.22 5.87
C PRO A 41 -1.93 -13.72 6.68
N LEU A 42 -1.82 -15.03 6.88
CA LEU A 42 -0.74 -15.63 7.66
C LEU A 42 0.41 -16.04 6.75
N ASP A 43 1.50 -16.54 7.36
CA ASP A 43 2.66 -17.04 6.63
C ASP A 43 2.29 -18.39 6.00
N TYR A 44 1.17 -18.99 6.44
CA TYR A 44 0.66 -20.28 5.99
C TYR A 44 1.67 -21.43 6.09
N GLU A 45 2.64 -21.29 6.99
CA GLU A 45 3.54 -22.38 7.35
C GLU A 45 3.42 -22.68 8.84
N THR A 46 3.01 -21.66 9.61
CA THR A 46 2.78 -21.75 11.06
C THR A 46 1.55 -20.98 11.54
N GLU A 47 0.74 -20.47 10.60
CA GLU A 47 -0.50 -19.75 10.88
C GLU A 47 -0.29 -18.50 11.75
N LYS A 48 0.81 -17.78 11.53
CA LYS A 48 1.08 -16.52 12.23
C LYS A 48 1.30 -15.41 11.20
N HIS A 49 1.11 -14.15 11.62
CA HIS A 49 1.23 -13.00 10.75
C HIS A 49 2.65 -12.91 10.17
N ARG A 50 2.76 -12.91 8.84
CA ARG A 50 4.03 -12.91 8.14
C ARG A 50 4.70 -11.54 8.13
N GLY A 51 3.99 -10.49 8.58
CA GLY A 51 4.55 -9.16 8.62
C GLY A 51 4.18 -8.33 7.39
N PHE A 52 3.09 -8.68 6.71
CA PHE A 52 2.62 -7.92 5.56
C PHE A 52 1.10 -7.97 5.64
N ALA A 53 0.43 -7.03 4.95
CA ALA A 53 -1.00 -6.87 5.02
C ALA A 53 -1.53 -6.06 3.84
N PHE A 54 -2.84 -5.78 3.84
CA PHE A 54 -3.47 -4.98 2.80
C PHE A 54 -4.52 -4.06 3.40
N VAL A 55 -4.95 -3.08 2.61
CA VAL A 55 -5.93 -2.06 2.99
C VAL A 55 -6.84 -1.75 1.82
N GLU A 56 -8.08 -1.34 2.10
CA GLU A 56 -9.04 -0.98 1.07
C GLU A 56 -9.89 0.20 1.54
N PHE A 57 -10.33 1.05 0.61
CA PHE A 57 -10.98 2.31 0.94
C PHE A 57 -12.14 2.49 -0.05
N GLU A 58 -13.01 3.46 0.23
CA GLU A 58 -14.15 3.77 -0.60
C GLU A 58 -13.86 4.92 -1.57
N LEU A 59 -12.60 5.41 -1.58
CA LEU A 59 -12.20 6.51 -2.44
C LEU A 59 -10.76 6.32 -2.92
N ALA A 60 -10.50 6.69 -4.18
CA ALA A 60 -9.24 6.44 -4.86
C ALA A 60 -8.17 7.48 -4.54
N GLU A 61 -8.56 8.71 -4.23
CA GLU A 61 -7.60 9.77 -3.97
C GLU A 61 -6.87 9.51 -2.64
N ASP A 62 -7.48 8.73 -1.75
CA ASP A 62 -6.88 8.37 -0.49
C ASP A 62 -5.76 7.34 -0.67
N ALA A 63 -6.00 6.32 -1.49
CA ALA A 63 -5.04 5.27 -1.74
C ALA A 63 -3.78 5.86 -2.38
N ALA A 64 -3.96 6.72 -3.39
CA ALA A 64 -2.84 7.36 -4.07
C ALA A 64 -2.10 8.31 -3.13
N ALA A 65 -2.78 8.92 -2.15
CA ALA A 65 -2.13 9.82 -1.22
C ALA A 65 -1.25 9.07 -0.24
N ALA A 66 -1.64 7.84 0.14
CA ALA A 66 -0.84 7.04 1.04
C ALA A 66 0.42 6.54 0.32
N ILE A 67 0.38 6.39 -1.00
CA ILE A 67 1.58 6.08 -1.76
C ILE A 67 2.53 7.27 -1.75
N ASP A 68 1.98 8.48 -1.71
CA ASP A 68 2.74 9.72 -1.64
C ASP A 68 3.23 10.12 -0.24
N ASN A 69 2.68 9.51 0.82
CA ASN A 69 3.00 9.90 2.18
C ASN A 69 3.43 8.75 3.10
N MET A 70 2.83 7.56 2.94
CA MET A 70 3.13 6.42 3.80
C MET A 70 4.16 5.48 3.19
N ASN A 71 4.58 5.73 1.94
CA ASN A 71 5.61 4.93 1.32
C ASN A 71 6.93 5.14 2.06
N GLU A 72 7.63 4.03 2.37
CA GLU A 72 8.87 4.05 3.13
C GLU A 72 8.72 4.75 4.48
N SER A 73 7.50 4.79 5.02
CA SER A 73 7.21 5.37 6.32
C SER A 73 7.66 4.39 7.42
N GLU A 74 7.29 4.64 8.68
CA GLU A 74 7.73 3.84 9.81
C GLU A 74 6.57 3.52 10.76
N LEU A 75 6.43 2.24 11.10
CA LEU A 75 5.43 1.73 12.03
C LEU A 75 6.15 0.86 13.06
N PHE A 76 5.75 0.94 14.33
CA PHE A 76 6.33 0.11 15.38
C PHE A 76 7.86 0.14 15.55
N GLY A 77 8.50 1.21 15.08
CA GLY A 77 9.94 1.40 15.28
C GLY A 77 10.77 0.87 14.10
N ARG A 78 10.14 0.54 12.98
CA ARG A 78 10.85 0.01 11.82
C ARG A 78 10.15 0.43 10.53
N THR A 79 10.92 0.50 9.44
CA THR A 79 10.41 0.90 8.13
C THR A 79 9.36 -0.01 7.52
N ILE A 80 8.41 0.57 6.79
CA ILE A 80 7.36 -0.18 6.10
C ILE A 80 7.21 0.35 4.68
N ARG A 81 6.68 -0.49 3.79
CA ARG A 81 6.45 -0.13 2.39
C ARG A 81 4.95 -0.02 2.15
N VAL A 82 4.55 0.89 1.26
CA VAL A 82 3.15 1.07 0.89
C VAL A 82 3.01 1.35 -0.60
N ASN A 83 2.27 0.50 -1.31
CA ASN A 83 1.99 0.68 -2.73
C ASN A 83 0.93 -0.29 -3.23
N LEU A 84 0.30 0.01 -4.37
CA LEU A 84 -0.72 -0.85 -4.96
C LEU A 84 -0.10 -2.21 -5.34
N ALA A 85 -0.92 -3.27 -5.35
CA ALA A 85 -0.44 -4.63 -5.50
C ALA A 85 0.30 -4.86 -6.83
N LYS A 86 1.36 -5.66 -6.74
CA LYS A 86 2.20 -6.07 -7.88
C LYS A 86 1.48 -7.08 -8.75
N PRO A 87 1.97 -7.34 -9.97
CA PRO A 87 1.35 -8.26 -10.91
C PRO A 87 1.34 -9.71 -10.41
N MET A 88 0.20 -10.11 -9.83
CA MET A 88 -0.07 -11.47 -9.35
C MET A 88 -1.57 -11.54 -9.04
N ARG A 89 -2.07 -12.71 -8.66
CA ARG A 89 -3.45 -12.87 -8.22
C ARG A 89 -3.67 -12.05 -6.96
N ILE A 90 -4.87 -11.45 -6.84
CA ILE A 90 -5.28 -10.65 -5.70
C ILE A 90 -6.72 -11.00 -5.34
N LYS A 91 -7.24 -10.37 -4.28
CA LYS A 91 -8.55 -10.64 -3.69
C LYS A 91 -9.75 -10.44 -4.61
N GLU A 92 -9.55 -10.13 -5.89
CA GLU A 92 -10.64 -9.94 -6.84
C GLU A 92 -10.32 -10.55 -8.21
N GLY A 93 -9.30 -11.40 -8.26
CA GLY A 93 -8.91 -12.10 -9.48
C GLY A 93 -8.19 -11.21 -10.49
N SER A 94 -7.98 -9.92 -10.17
CA SER A 94 -7.28 -9.03 -11.06
C SER A 94 -5.80 -9.42 -11.14
N SER A 95 -5.19 -9.24 -12.31
CA SER A 95 -3.79 -9.56 -12.52
C SER A 95 -2.90 -8.35 -12.23
N ARG A 96 -3.50 -7.15 -12.16
CA ARG A 96 -2.81 -5.87 -11.94
C ARG A 96 -1.76 -5.54 -13.00
N PRO A 97 -1.43 -4.24 -13.16
CA PRO A 97 -0.37 -3.76 -14.04
C PRO A 97 1.00 -4.26 -13.59
N VAL A 98 2.02 -3.94 -14.36
CA VAL A 98 3.38 -4.39 -14.09
C VAL A 98 4.04 -3.68 -12.89
N TRP A 99 3.65 -2.42 -12.63
CA TRP A 99 4.19 -1.67 -11.50
C TRP A 99 5.71 -1.67 -11.40
N SER A 100 6.38 -1.28 -12.50
CA SER A 100 7.84 -1.19 -12.53
C SER A 100 8.31 -0.10 -11.57
N ASP A 101 9.00 -0.50 -10.50
CA ASP A 101 9.37 0.40 -9.42
C ASP A 101 10.39 1.48 -9.78
N ASP A 102 11.09 1.36 -10.91
CA ASP A 102 12.06 2.37 -11.30
C ASP A 102 11.45 3.69 -11.73
N ASP A 103 10.60 3.66 -12.77
CA ASP A 103 9.99 4.89 -13.28
C ASP A 103 8.82 5.39 -12.45
N TRP A 104 8.05 4.46 -11.87
CA TRP A 104 6.93 4.85 -11.03
C TRP A 104 7.39 5.50 -9.73
N LEU A 105 8.40 4.94 -9.08
CA LEU A 105 8.79 5.50 -7.79
C LEU A 105 9.67 6.73 -7.96
N LYS A 106 10.31 6.89 -9.12
CA LYS A 106 11.04 8.11 -9.42
C LYS A 106 10.10 9.30 -9.64
N LYS A 107 8.91 9.08 -10.22
CA LYS A 107 7.98 10.20 -10.42
C LYS A 107 7.17 10.47 -9.16
N PHE A 108 7.00 9.47 -8.28
CA PHE A 108 6.39 9.69 -6.98
C PHE A 108 7.30 10.34 -5.93
N SER A 109 8.61 10.10 -6.04
CA SER A 109 9.59 10.77 -5.19
C SER A 109 9.91 12.15 -5.77
N GLY A 110 9.89 12.25 -7.10
CA GLY A 110 10.08 13.49 -7.84
C GLY A 110 8.73 14.10 -8.20
N LYS A 111 8.50 14.29 -9.50
CA LYS A 111 7.27 14.87 -10.02
C LYS A 111 6.91 14.26 -11.37
N THR A 112 5.72 14.59 -11.87
CA THR A 112 5.21 14.06 -13.14
C THR A 112 4.53 15.09 -14.05
N LEU A 113 4.46 16.35 -13.59
CA LEU A 113 3.81 17.43 -14.32
C LEU A 113 4.66 17.97 -15.48
N GLU A 114 5.83 17.37 -15.74
CA GLU A 114 6.72 17.84 -16.79
C GLU A 114 7.06 16.72 -17.78
N GLU A 115 7.01 15.47 -17.34
CA GLU A 115 7.23 14.32 -18.22
C GLU A 115 5.93 13.95 -18.95
N ASN A 116 4.85 14.68 -18.66
CA ASN A 116 3.55 14.48 -19.28
C ASN A 116 2.76 15.79 -19.22
N LYS A 117 1.80 15.96 -20.13
CA LYS A 117 0.99 17.17 -20.24
C LYS A 117 -0.46 16.83 -20.53
N ALA A 1 10.97 4.49 -18.95
CA ALA A 1 9.80 5.07 -18.28
C ALA A 1 8.66 4.05 -18.20
N GLY A 2 7.68 4.32 -17.34
CA GLY A 2 6.51 3.47 -17.17
C GLY A 2 5.35 4.22 -16.53
N HIS A 3 4.21 3.54 -16.44
CA HIS A 3 2.97 4.10 -15.91
C HIS A 3 2.05 2.97 -15.46
N MET A 4 0.95 3.33 -14.80
CA MET A 4 0.00 2.36 -14.28
C MET A 4 -1.43 2.76 -14.64
N ALA A 5 -2.33 1.77 -14.70
CA ALA A 5 -3.73 1.99 -15.03
C ALA A 5 -4.48 2.66 -13.88
N THR A 6 -5.77 2.91 -14.11
CA THR A 6 -6.67 3.52 -13.15
C THR A 6 -7.00 2.72 -11.89
N THR A 7 -6.28 1.61 -11.65
CA THR A 7 -6.51 0.77 -10.48
C THR A 7 -6.16 1.53 -9.21
N LYS A 8 -7.06 1.49 -8.23
CA LYS A 8 -6.97 2.24 -6.97
C LYS A 8 -7.77 1.52 -5.89
N ARG A 9 -7.97 2.19 -4.75
CA ARG A 9 -8.69 1.70 -3.57
C ARG A 9 -8.12 0.41 -2.99
N VAL A 10 -6.84 0.14 -3.20
CA VAL A 10 -6.19 -1.04 -2.64
C VAL A 10 -4.73 -0.70 -2.37
N LEU A 11 -4.16 -1.23 -1.28
CA LEU A 11 -2.76 -1.00 -0.97
C LEU A 11 -2.15 -2.17 -0.24
N TYR A 12 -1.06 -2.69 -0.79
CA TYR A 12 -0.21 -3.67 -0.12
C TYR A 12 0.68 -3.01 0.92
N VAL A 13 0.96 -3.71 2.03
CA VAL A 13 1.87 -3.21 3.04
C VAL A 13 2.81 -4.31 3.50
N GLY A 14 4.10 -4.00 3.60
CA GLY A 14 5.10 -4.99 3.99
C GLY A 14 6.10 -4.41 4.97
N GLY A 15 6.90 -5.28 5.60
CA GLY A 15 7.91 -4.87 6.56
C GLY A 15 7.32 -4.61 7.95
N LEU A 16 6.08 -5.02 8.17
CA LEU A 16 5.38 -4.78 9.43
C LEU A 16 6.05 -5.53 10.59
N ALA A 17 5.92 -4.96 11.80
CA ALA A 17 6.39 -5.58 13.02
C ALA A 17 5.44 -6.71 13.44
N GLU A 18 5.84 -7.48 14.46
CA GLU A 18 5.08 -8.62 14.96
C GLU A 18 3.79 -8.22 15.69
N GLU A 19 3.43 -6.93 15.67
CA GLU A 19 2.29 -6.43 16.44
C GLU A 19 1.37 -5.51 15.62
N VAL A 20 1.70 -5.27 14.34
CA VAL A 20 0.91 -4.39 13.48
C VAL A 20 -0.36 -5.02 12.93
N ASP A 21 -1.23 -5.48 13.83
CA ASP A 21 -2.49 -6.11 13.50
C ASP A 21 -3.49 -5.22 12.79
N ASP A 22 -4.65 -5.77 12.40
CA ASP A 22 -5.64 -5.03 11.63
C ASP A 22 -6.12 -3.72 12.24
N LYS A 23 -6.22 -3.66 13.58
CA LYS A 23 -6.64 -2.43 14.24
C LYS A 23 -5.52 -1.39 14.23
N VAL A 24 -4.28 -1.83 14.06
CA VAL A 24 -3.14 -0.93 14.01
C VAL A 24 -3.03 -0.26 12.64
N LEU A 25 -3.26 -1.02 11.57
CA LEU A 25 -3.25 -0.49 10.22
C LEU A 25 -4.49 0.38 10.00
N HIS A 26 -5.61 0.04 10.65
CA HIS A 26 -6.82 0.83 10.54
C HIS A 26 -6.58 2.22 11.13
N ALA A 27 -5.84 2.31 12.24
CA ALA A 27 -5.54 3.60 12.85
C ALA A 27 -4.38 4.31 12.14
N ALA A 28 -3.55 3.55 11.42
CA ALA A 28 -2.38 4.11 10.74
C ALA A 28 -2.73 4.63 9.34
N PHE A 29 -3.92 4.32 8.81
CA PHE A 29 -4.31 4.72 7.47
C PHE A 29 -5.59 5.56 7.36
N ILE A 30 -6.29 5.77 8.48
CA ILE A 30 -7.54 6.52 8.50
C ILE A 30 -7.37 8.04 8.32
N PRO A 31 -6.25 8.67 8.71
CA PRO A 31 -6.10 10.12 8.59
C PRO A 31 -6.13 10.62 7.15
N PHE A 32 -5.86 9.75 6.17
CA PHE A 32 -5.78 10.14 4.77
C PHE A 32 -7.14 10.06 4.10
N GLY A 33 -8.08 9.31 4.69
CA GLY A 33 -9.41 9.13 4.13
C GLY A 33 -10.10 7.92 4.77
N ASP A 34 -11.40 7.76 4.51
CA ASP A 34 -12.18 6.71 5.13
C ASP A 34 -11.85 5.29 4.66
N ILE A 35 -11.40 4.45 5.59
CA ILE A 35 -11.12 3.05 5.34
C ILE A 35 -12.42 2.27 5.27
N THR A 36 -12.43 1.14 4.55
CA THR A 36 -13.59 0.27 4.48
C THR A 36 -13.28 -1.21 4.66
N ASP A 37 -12.00 -1.61 4.51
CA ASP A 37 -11.53 -2.97 4.72
C ASP A 37 -10.04 -3.09 5.06
N ILE A 38 -9.68 -4.18 5.75
CA ILE A 38 -8.32 -4.52 6.15
C ILE A 38 -8.13 -6.02 5.96
N GLN A 39 -6.88 -6.47 5.76
CA GLN A 39 -6.61 -7.88 5.53
C GLN A 39 -5.27 -8.26 6.19
N ILE A 40 -5.27 -9.32 7.00
CA ILE A 40 -4.07 -9.82 7.64
C ILE A 40 -3.91 -11.31 7.33
N PRO A 41 -3.29 -11.65 6.18
CA PRO A 41 -3.00 -13.02 5.82
C PRO A 41 -1.85 -13.55 6.68
N LEU A 42 -1.84 -14.86 6.92
CA LEU A 42 -0.84 -15.49 7.76
C LEU A 42 0.38 -15.94 6.95
N ASP A 43 1.38 -16.48 7.65
CA ASP A 43 2.57 -17.05 7.04
C ASP A 43 2.18 -18.37 6.38
N TYR A 44 1.07 -18.96 6.84
CA TYR A 44 0.56 -20.25 6.40
C TYR A 44 1.61 -21.36 6.48
N GLU A 45 2.61 -21.18 7.36
CA GLU A 45 3.57 -22.23 7.67
C GLU A 45 3.50 -22.55 9.16
N THR A 46 3.13 -21.54 9.97
CA THR A 46 2.95 -21.66 11.41
C THR A 46 1.71 -20.97 11.96
N GLU A 47 0.81 -20.55 11.06
CA GLU A 47 -0.47 -19.93 11.41
C GLU A 47 -0.31 -18.65 12.24
N LYS A 48 0.59 -17.77 11.83
CA LYS A 48 0.81 -16.48 12.49
C LYS A 48 1.02 -15.38 11.47
N HIS A 49 0.89 -14.12 11.90
CA HIS A 49 1.01 -12.96 11.03
C HIS A 49 2.40 -12.93 10.38
N ARG A 50 2.42 -12.93 9.04
CA ARG A 50 3.64 -13.07 8.26
C ARG A 50 4.51 -11.82 8.32
N GLY A 51 3.89 -10.64 8.36
CA GLY A 51 4.63 -9.38 8.33
C GLY A 51 4.18 -8.48 7.17
N PHE A 52 3.05 -8.77 6.54
CA PHE A 52 2.55 -7.96 5.43
C PHE A 52 1.03 -8.02 5.53
N ALA A 53 0.36 -7.09 4.84
CA ALA A 53 -1.07 -6.91 4.92
C ALA A 53 -1.61 -6.13 3.73
N PHE A 54 -2.92 -5.86 3.71
CA PHE A 54 -3.54 -5.04 2.67
C PHE A 54 -4.58 -4.11 3.28
N VAL A 55 -4.94 -3.05 2.54
CA VAL A 55 -5.89 -2.04 2.96
C VAL A 55 -6.79 -1.64 1.79
N GLU A 56 -8.04 -1.23 2.08
CA GLU A 56 -8.98 -0.77 1.07
C GLU A 56 -9.82 0.39 1.61
N PHE A 57 -10.24 1.28 0.72
CA PHE A 57 -10.94 2.51 1.09
C PHE A 57 -12.06 2.68 0.07
N GLU A 58 -13.02 3.55 0.40
CA GLU A 58 -14.10 3.89 -0.51
C GLU A 58 -13.73 5.08 -1.40
N LEU A 59 -12.43 5.45 -1.42
CA LEU A 59 -11.93 6.56 -2.22
C LEU A 59 -10.69 6.15 -2.99
N ALA A 60 -10.63 6.52 -4.27
CA ALA A 60 -9.51 6.19 -5.14
C ALA A 60 -8.36 7.20 -4.96
N GLU A 61 -8.67 8.42 -4.52
CA GLU A 61 -7.66 9.45 -4.33
C GLU A 61 -6.96 9.28 -2.99
N ASP A 62 -7.59 8.58 -2.04
CA ASP A 62 -7.01 8.31 -0.74
C ASP A 62 -5.88 7.28 -0.87
N ALA A 63 -6.11 6.26 -1.71
CA ALA A 63 -5.14 5.20 -1.91
C ALA A 63 -3.86 5.76 -2.52
N ALA A 64 -3.98 6.58 -3.56
CA ALA A 64 -2.84 7.21 -4.21
C ALA A 64 -2.13 8.18 -3.26
N ALA A 65 -2.87 8.82 -2.35
CA ALA A 65 -2.26 9.76 -1.42
C ALA A 65 -1.44 9.02 -0.37
N ALA A 66 -1.89 7.84 0.03
CA ALA A 66 -1.14 7.03 0.99
C ALA A 66 0.15 6.50 0.36
N ILE A 67 0.20 6.34 -0.97
CA ILE A 67 1.45 5.99 -1.63
C ILE A 67 2.41 7.16 -1.53
N ASP A 68 1.89 8.39 -1.59
CA ASP A 68 2.68 9.61 -1.46
C ASP A 68 3.04 9.98 -0.01
N ASN A 69 2.39 9.36 0.99
CA ASN A 69 2.60 9.75 2.37
C ASN A 69 2.91 8.59 3.34
N MET A 70 2.83 7.33 2.90
CA MET A 70 3.10 6.19 3.77
C MET A 70 4.08 5.20 3.16
N ASN A 71 4.43 5.35 1.88
CA ASN A 71 5.44 4.50 1.27
C ASN A 71 6.78 4.85 1.92
N GLU A 72 7.55 3.82 2.33
CA GLU A 72 8.82 4.00 3.02
C GLU A 72 8.66 4.72 4.36
N SER A 73 7.44 4.74 4.90
CA SER A 73 7.15 5.29 6.21
C SER A 73 7.63 4.31 7.28
N GLU A 74 7.34 4.60 8.56
CA GLU A 74 7.82 3.80 9.67
C GLU A 74 6.71 3.52 10.68
N LEU A 75 6.55 2.23 11.03
CA LEU A 75 5.57 1.74 11.99
C LEU A 75 6.32 0.86 12.99
N PHE A 76 5.97 0.95 14.28
CA PHE A 76 6.59 0.12 15.30
C PHE A 76 8.12 0.17 15.42
N GLY A 77 8.74 1.21 14.86
CA GLY A 77 10.18 1.39 14.95
C GLY A 77 10.91 0.78 13.76
N ARG A 78 10.20 0.43 12.68
CA ARG A 78 10.81 -0.13 11.48
C ARG A 78 10.07 0.32 10.22
N THR A 79 10.79 0.35 9.11
CA THR A 79 10.27 0.79 7.82
C THR A 79 9.20 -0.11 7.20
N ILE A 80 8.33 0.47 6.37
CA ILE A 80 7.28 -0.26 5.68
C ILE A 80 7.22 0.17 4.21
N ARG A 81 6.60 -0.65 3.38
CA ARG A 81 6.33 -0.34 1.98
C ARG A 81 4.82 -0.17 1.82
N VAL A 82 4.39 0.74 0.93
CA VAL A 82 2.98 0.97 0.69
C VAL A 82 2.74 1.26 -0.79
N ASN A 83 1.97 0.40 -1.46
CA ASN A 83 1.76 0.51 -2.89
C ASN A 83 0.66 -0.43 -3.40
N LEU A 84 0.10 -0.16 -4.58
CA LEU A 84 -0.89 -1.05 -5.18
C LEU A 84 -0.21 -2.34 -5.64
N ALA A 85 -0.97 -3.44 -5.73
CA ALA A 85 -0.43 -4.76 -5.98
C ALA A 85 0.37 -4.84 -7.29
N LYS A 86 1.49 -5.58 -7.24
CA LYS A 86 2.35 -5.88 -8.39
C LYS A 86 1.66 -6.84 -9.36
N PRO A 87 2.17 -6.99 -10.59
CA PRO A 87 1.57 -7.84 -11.62
C PRO A 87 1.53 -9.30 -11.18
N MET A 88 0.35 -9.71 -10.70
CA MET A 88 0.01 -11.06 -10.28
C MET A 88 -1.51 -11.11 -10.14
N ARG A 89 -2.10 -12.30 -10.11
CA ARG A 89 -3.53 -12.40 -9.86
C ARG A 89 -3.81 -11.98 -8.42
N ILE A 90 -4.97 -11.37 -8.19
CA ILE A 90 -5.35 -10.80 -6.91
C ILE A 90 -6.78 -11.22 -6.56
N LYS A 91 -7.25 -10.80 -5.38
CA LYS A 91 -8.56 -11.12 -4.80
C LYS A 91 -9.76 -10.92 -5.73
N GLU A 92 -9.59 -10.23 -6.87
CA GLU A 92 -10.69 -9.93 -7.78
C GLU A 92 -10.39 -10.40 -9.20
N GLY A 93 -9.39 -11.27 -9.37
CA GLY A 93 -9.03 -11.85 -10.66
C GLY A 93 -8.26 -10.87 -11.55
N SER A 94 -8.04 -9.64 -11.08
CA SER A 94 -7.27 -8.65 -11.83
C SER A 94 -5.81 -9.06 -11.88
N SER A 95 -5.15 -8.82 -13.01
CA SER A 95 -3.73 -9.13 -13.18
C SER A 95 -2.85 -7.93 -12.81
N ARG A 96 -3.47 -6.75 -12.65
CA ARG A 96 -2.82 -5.48 -12.38
C ARG A 96 -1.77 -5.06 -13.44
N PRO A 97 -1.48 -3.76 -13.53
CA PRO A 97 -0.42 -3.22 -14.38
C PRO A 97 0.96 -3.75 -13.99
N VAL A 98 1.97 -3.34 -14.75
CA VAL A 98 3.34 -3.80 -14.53
C VAL A 98 3.99 -3.23 -13.26
N TRP A 99 3.58 -2.03 -12.83
CA TRP A 99 4.11 -1.40 -11.63
C TRP A 99 5.64 -1.41 -11.53
N SER A 100 6.30 -0.93 -12.58
CA SER A 100 7.76 -0.83 -12.60
C SER A 100 8.21 0.17 -11.53
N ASP A 101 8.78 -0.35 -10.45
CA ASP A 101 9.12 0.45 -9.29
C ASP A 101 10.24 1.47 -9.46
N ASP A 102 11.04 1.35 -10.53
CA ASP A 102 12.13 2.29 -10.74
C ASP A 102 11.64 3.71 -11.09
N ASP A 103 10.86 3.83 -12.17
CA ASP A 103 10.40 5.14 -12.61
C ASP A 103 9.16 5.64 -11.87
N TRP A 104 8.25 4.74 -11.51
CA TRP A 104 7.07 5.13 -10.75
C TRP A 104 7.48 5.68 -9.39
N LEU A 105 8.40 5.02 -8.68
CA LEU A 105 8.75 5.51 -7.36
C LEU A 105 9.71 6.69 -7.46
N LYS A 106 10.39 6.84 -8.60
CA LYS A 106 11.20 8.01 -8.88
C LYS A 106 10.34 9.26 -8.96
N LYS A 107 9.23 9.22 -9.73
CA LYS A 107 8.39 10.39 -9.92
C LYS A 107 7.50 10.64 -8.71
N PHE A 108 7.25 9.61 -7.88
CA PHE A 108 6.59 9.78 -6.60
C PHE A 108 7.47 10.35 -5.49
N SER A 109 8.80 10.26 -5.64
CA SER A 109 9.75 10.81 -4.69
C SER A 109 10.02 12.29 -4.99
N GLY A 110 9.92 12.69 -6.26
CA GLY A 110 10.14 14.07 -6.66
C GLY A 110 10.20 14.20 -8.18
N LYS A 111 10.55 15.40 -8.67
CA LYS A 111 10.67 15.68 -10.09
C LYS A 111 11.74 16.73 -10.36
N THR A 112 12.73 16.84 -9.47
CA THR A 112 13.79 17.83 -9.60
C THR A 112 14.62 17.72 -10.88
N LEU A 113 14.59 16.55 -11.54
CA LEU A 113 15.27 16.33 -12.81
C LEU A 113 14.56 17.05 -13.96
N GLU A 114 13.46 17.73 -13.67
CA GLU A 114 12.69 18.48 -14.66
C GLU A 114 12.33 19.86 -14.12
N GLU A 115 12.20 20.00 -12.80
CA GLU A 115 11.89 21.29 -12.18
C GLU A 115 13.13 22.19 -12.15
N ASN A 116 14.32 21.61 -12.00
CA ASN A 116 15.56 22.35 -11.92
C ASN A 116 16.23 22.46 -13.30
N LYS A 117 15.55 21.99 -14.35
CA LYS A 117 16.08 22.00 -15.70
C LYS A 117 16.21 23.43 -16.22
N ALA A 1 -3.47 14.84 -12.43
CA ALA A 1 -2.29 14.19 -11.84
C ALA A 1 -1.92 12.94 -12.63
N GLY A 2 -0.63 12.58 -12.63
CA GLY A 2 -0.15 11.40 -13.33
C GLY A 2 -0.28 10.14 -12.49
N HIS A 3 -0.22 8.98 -13.15
CA HIS A 3 -0.32 7.68 -12.50
C HIS A 3 0.26 6.60 -13.40
N MET A 4 0.67 5.47 -12.79
CA MET A 4 1.25 4.35 -13.51
C MET A 4 0.18 3.50 -14.17
N ALA A 5 -1.02 3.45 -13.58
CA ALA A 5 -2.11 2.61 -14.05
C ALA A 5 -3.42 2.99 -13.38
N THR A 6 -4.52 2.42 -13.88
CA THR A 6 -5.86 2.66 -13.35
C THR A 6 -6.21 1.92 -12.06
N THR A 7 -5.33 1.01 -11.61
CA THR A 7 -5.57 0.27 -10.38
C THR A 7 -5.50 1.18 -9.15
N LYS A 8 -6.52 1.11 -8.28
CA LYS A 8 -6.67 1.98 -7.12
C LYS A 8 -7.51 1.31 -6.03
N ARG A 9 -7.78 2.06 -4.95
CA ARG A 9 -8.54 1.62 -3.77
C ARG A 9 -7.99 0.37 -3.09
N VAL A 10 -6.71 0.07 -3.24
CA VAL A 10 -6.09 -1.08 -2.61
C VAL A 10 -4.64 -0.75 -2.31
N LEU A 11 -4.11 -1.28 -1.21
CA LEU A 11 -2.71 -1.08 -0.87
C LEU A 11 -2.14 -2.28 -0.14
N TYR A 12 -1.00 -2.76 -0.62
CA TYR A 12 -0.19 -3.74 0.04
C TYR A 12 0.71 -3.11 1.11
N VAL A 13 0.93 -3.80 2.22
CA VAL A 13 1.86 -3.33 3.24
C VAL A 13 2.80 -4.44 3.67
N GLY A 14 4.10 -4.13 3.77
CA GLY A 14 5.09 -5.14 4.12
C GLY A 14 6.11 -4.59 5.12
N GLY A 15 6.86 -5.50 5.73
CA GLY A 15 7.89 -5.15 6.70
C GLY A 15 7.29 -4.88 8.08
N LEU A 16 6.01 -5.24 8.29
CA LEU A 16 5.31 -4.96 9.53
C LEU A 16 5.96 -5.68 10.71
N ALA A 17 5.85 -5.06 11.90
CA ALA A 17 6.32 -5.65 13.15
C ALA A 17 5.37 -6.76 13.59
N GLU A 18 5.76 -7.53 14.61
CA GLU A 18 4.99 -8.66 15.12
C GLU A 18 3.70 -8.24 15.83
N GLU A 19 3.34 -6.96 15.79
CA GLU A 19 2.19 -6.45 16.53
C GLU A 19 1.30 -5.53 15.70
N VAL A 20 1.64 -5.31 14.42
CA VAL A 20 0.87 -4.43 13.54
C VAL A 20 -0.41 -5.08 12.99
N ASP A 21 -1.31 -5.49 13.88
CA ASP A 21 -2.56 -6.13 13.53
C ASP A 21 -3.55 -5.19 12.83
N ASP A 22 -4.74 -5.70 12.49
CA ASP A 22 -5.73 -4.97 11.71
C ASP A 22 -6.13 -3.60 12.28
N LYS A 23 -6.29 -3.52 13.60
CA LYS A 23 -6.66 -2.26 14.25
C LYS A 23 -5.51 -1.27 14.23
N VAL A 24 -4.28 -1.75 14.05
CA VAL A 24 -3.11 -0.87 13.99
C VAL A 24 -2.99 -0.21 12.63
N LEU A 25 -3.28 -0.96 11.57
CA LEU A 25 -3.26 -0.44 10.21
C LEU A 25 -4.47 0.46 9.98
N HIS A 26 -5.59 0.15 10.63
CA HIS A 26 -6.79 0.95 10.52
C HIS A 26 -6.54 2.34 11.12
N ALA A 27 -5.79 2.40 12.22
CA ALA A 27 -5.47 3.67 12.87
C ALA A 27 -4.30 4.38 12.17
N ALA A 28 -3.51 3.64 11.39
CA ALA A 28 -2.33 4.20 10.73
C ALA A 28 -2.64 4.69 9.31
N PHE A 29 -3.82 4.37 8.77
CA PHE A 29 -4.20 4.75 7.42
C PHE A 29 -5.48 5.57 7.25
N ILE A 30 -6.14 5.88 8.38
CA ILE A 30 -7.41 6.61 8.38
C ILE A 30 -7.30 8.12 8.16
N PRO A 31 -6.18 8.81 8.48
CA PRO A 31 -6.14 10.27 8.38
C PRO A 31 -6.06 10.74 6.92
N PHE A 32 -5.77 9.85 5.98
CA PHE A 32 -5.65 10.21 4.58
C PHE A 32 -7.03 10.10 3.90
N GLY A 33 -7.96 9.38 4.53
CA GLY A 33 -9.30 9.19 3.99
C GLY A 33 -9.99 7.99 4.65
N ASP A 34 -11.29 7.82 4.39
CA ASP A 34 -12.07 6.77 5.02
C ASP A 34 -11.73 5.35 4.56
N ILE A 35 -11.32 4.50 5.50
CA ILE A 35 -11.02 3.11 5.25
C ILE A 35 -12.32 2.32 5.15
N THR A 36 -12.30 1.18 4.44
CA THR A 36 -13.45 0.29 4.36
C THR A 36 -13.13 -1.19 4.54
N ASP A 37 -11.86 -1.58 4.42
CA ASP A 37 -11.38 -2.94 4.63
C ASP A 37 -9.91 -3.06 5.03
N ILE A 38 -9.57 -4.14 5.74
CA ILE A 38 -8.22 -4.46 6.20
C ILE A 38 -8.08 -5.98 6.19
N GLN A 39 -6.89 -6.51 5.93
CA GLN A 39 -6.64 -7.94 5.98
C GLN A 39 -5.30 -8.23 6.63
N ILE A 40 -5.27 -9.27 7.48
CA ILE A 40 -4.04 -9.76 8.11
C ILE A 40 -3.86 -11.24 7.76
N PRO A 41 -3.56 -11.55 6.49
CA PRO A 41 -3.30 -12.91 6.04
C PRO A 41 -2.07 -13.50 6.75
N LEU A 42 -2.09 -14.81 6.97
CA LEU A 42 -1.06 -15.52 7.72
C LEU A 42 0.08 -15.97 6.81
N ASP A 43 1.11 -16.58 7.41
CA ASP A 43 2.23 -17.15 6.66
C ASP A 43 1.77 -18.49 6.07
N TYR A 44 0.70 -19.06 6.62
CA TYR A 44 0.12 -20.36 6.25
C TYR A 44 1.21 -21.45 6.26
N GLU A 45 2.27 -21.26 7.05
CA GLU A 45 3.26 -22.30 7.29
C GLU A 45 3.32 -22.61 8.79
N THR A 46 3.00 -21.60 9.61
CA THR A 46 2.91 -21.71 11.05
C THR A 46 1.68 -21.03 11.66
N GLU A 47 0.74 -20.61 10.80
CA GLU A 47 -0.51 -19.98 11.18
C GLU A 47 -0.33 -18.72 12.03
N LYS A 48 0.56 -17.83 11.59
CA LYS A 48 0.81 -16.55 12.28
C LYS A 48 1.00 -15.42 11.28
N HIS A 49 0.86 -14.18 11.76
CA HIS A 49 1.00 -12.97 10.95
C HIS A 49 2.40 -12.89 10.35
N ARG A 50 2.49 -12.93 9.01
CA ARG A 50 3.75 -13.03 8.28
C ARG A 50 4.50 -11.70 8.20
N GLY A 51 3.88 -10.59 8.61
CA GLY A 51 4.52 -9.30 8.55
C GLY A 51 4.08 -8.48 7.33
N PHE A 52 2.96 -8.83 6.70
CA PHE A 52 2.45 -8.08 5.57
C PHE A 52 0.93 -8.07 5.75
N ALA A 53 0.26 -7.13 5.07
CA ALA A 53 -1.17 -6.91 5.21
C ALA A 53 -1.71 -6.14 4.01
N PHE A 54 -3.02 -5.84 4.04
CA PHE A 54 -3.68 -5.08 2.99
C PHE A 54 -4.63 -4.02 3.53
N VAL A 55 -4.91 -3.00 2.72
CA VAL A 55 -5.83 -1.93 3.05
C VAL A 55 -6.69 -1.56 1.84
N GLU A 56 -7.93 -1.15 2.08
CA GLU A 56 -8.84 -0.73 1.03
C GLU A 56 -9.75 0.40 1.53
N PHE A 57 -10.17 1.28 0.62
CA PHE A 57 -10.89 2.49 0.96
C PHE A 57 -11.98 2.65 -0.10
N GLU A 58 -12.97 3.48 0.21
CA GLU A 58 -14.03 3.82 -0.73
C GLU A 58 -13.62 4.98 -1.63
N LEU A 59 -12.33 5.33 -1.64
CA LEU A 59 -11.81 6.42 -2.45
C LEU A 59 -10.54 5.99 -3.17
N ALA A 60 -10.41 6.38 -4.44
CA ALA A 60 -9.24 6.06 -5.25
C ALA A 60 -8.13 7.09 -5.04
N GLU A 61 -8.49 8.32 -4.67
CA GLU A 61 -7.51 9.38 -4.46
C GLU A 61 -6.82 9.22 -3.10
N ASP A 62 -7.48 8.51 -2.17
CA ASP A 62 -6.92 8.25 -0.85
C ASP A 62 -5.80 7.22 -0.92
N ALA A 63 -6.02 6.17 -1.72
CA ALA A 63 -5.03 5.11 -1.89
C ALA A 63 -3.75 5.67 -2.51
N ALA A 64 -3.89 6.53 -3.54
CA ALA A 64 -2.75 7.14 -4.18
C ALA A 64 -2.02 8.10 -3.24
N ALA A 65 -2.76 8.77 -2.35
CA ALA A 65 -2.16 9.70 -1.41
C ALA A 65 -1.37 8.96 -0.33
N ALA A 66 -1.82 7.76 0.05
CA ALA A 66 -1.09 6.97 1.03
C ALA A 66 0.23 6.46 0.43
N ILE A 67 0.28 6.24 -0.88
CA ILE A 67 1.55 5.89 -1.51
C ILE A 67 2.48 7.10 -1.48
N ASP A 68 1.92 8.31 -1.53
CA ASP A 68 2.68 9.54 -1.46
C ASP A 68 3.08 9.97 -0.05
N ASN A 69 2.48 9.37 1.00
CA ASN A 69 2.71 9.78 2.38
C ASN A 69 3.08 8.65 3.33
N MET A 70 3.03 7.38 2.89
CA MET A 70 3.35 6.25 3.75
C MET A 70 4.33 5.28 3.12
N ASN A 71 4.75 5.52 1.88
CA ASN A 71 5.74 4.67 1.24
C ASN A 71 7.07 4.82 1.95
N GLU A 72 7.74 3.70 2.25
CA GLU A 72 9.01 3.68 2.98
C GLU A 72 8.90 4.39 4.34
N SER A 73 7.69 4.48 4.89
CA SER A 73 7.45 5.09 6.19
C SER A 73 7.88 4.12 7.29
N GLU A 74 7.55 4.43 8.55
CA GLU A 74 7.98 3.62 9.69
C GLU A 74 6.82 3.35 10.65
N LEU A 75 6.65 2.08 11.02
CA LEU A 75 5.63 1.62 11.96
C LEU A 75 6.33 0.74 13.00
N PHE A 76 5.95 0.88 14.28
CA PHE A 76 6.49 0.05 15.35
C PHE A 76 8.00 0.04 15.54
N GLY A 77 8.70 1.05 15.00
CA GLY A 77 10.13 1.18 15.16
C GLY A 77 10.91 0.55 14.01
N ARG A 78 10.23 0.23 12.90
CA ARG A 78 10.88 -0.35 11.72
C ARG A 78 10.19 0.10 10.45
N THR A 79 10.96 0.11 9.35
CA THR A 79 10.46 0.54 8.04
C THR A 79 9.37 -0.34 7.46
N ILE A 80 8.43 0.27 6.72
CA ILE A 80 7.36 -0.45 6.05
C ILE A 80 7.20 0.06 4.61
N ARG A 81 6.62 -0.77 3.75
CA ARG A 81 6.39 -0.43 2.36
C ARG A 81 4.90 -0.26 2.12
N VAL A 82 4.52 0.65 1.21
CA VAL A 82 3.13 0.87 0.84
C VAL A 82 3.04 1.08 -0.66
N ASN A 83 2.22 0.25 -1.33
CA ASN A 83 2.05 0.32 -2.77
C ASN A 83 0.87 -0.54 -3.24
N LEU A 84 0.32 -0.25 -4.42
CA LEU A 84 -0.73 -1.07 -5.01
C LEU A 84 -0.14 -2.42 -5.44
N ALA A 85 -1.00 -3.43 -5.59
CA ALA A 85 -0.55 -4.80 -5.82
C ALA A 85 0.29 -4.94 -7.09
N LYS A 86 1.33 -5.78 -7.00
CA LYS A 86 2.22 -6.15 -8.09
C LYS A 86 1.50 -7.09 -9.07
N PRO A 87 2.11 -7.44 -10.21
CA PRO A 87 1.44 -8.19 -11.28
C PRO A 87 0.95 -9.58 -10.90
N MET A 88 1.37 -10.12 -9.74
CA MET A 88 0.89 -11.43 -9.29
C MET A 88 -0.62 -11.36 -9.01
N ARG A 89 -1.32 -12.49 -9.07
CA ARG A 89 -2.77 -12.55 -8.91
C ARG A 89 -3.22 -11.85 -7.63
N ILE A 90 -4.21 -10.96 -7.77
CA ILE A 90 -4.76 -10.18 -6.68
C ILE A 90 -6.04 -10.84 -6.14
N LYS A 91 -6.61 -10.22 -5.11
CA LYS A 91 -7.76 -10.71 -4.34
C LYS A 91 -8.98 -11.17 -5.14
N GLU A 92 -9.02 -10.97 -6.46
CA GLU A 92 -10.18 -11.31 -7.27
C GLU A 92 -9.80 -12.03 -8.56
N GLY A 93 -8.60 -12.60 -8.61
CA GLY A 93 -8.12 -13.34 -9.77
C GLY A 93 -7.60 -12.43 -10.88
N SER A 94 -7.80 -11.12 -10.74
CA SER A 94 -7.30 -10.13 -11.69
C SER A 94 -5.79 -10.00 -11.60
N SER A 95 -5.19 -9.32 -12.59
CA SER A 95 -3.75 -9.11 -12.64
C SER A 95 -3.46 -7.63 -12.90
N ARG A 96 -2.25 -7.21 -12.52
CA ARG A 96 -1.82 -5.81 -12.59
C ARG A 96 -0.62 -5.69 -13.53
N PRO A 97 -0.27 -4.46 -13.96
CA PRO A 97 0.96 -4.20 -14.69
C PRO A 97 2.18 -4.51 -13.81
N VAL A 98 3.38 -4.38 -14.37
CA VAL A 98 4.60 -4.79 -13.69
C VAL A 98 5.01 -3.92 -12.49
N TRP A 99 4.48 -2.71 -12.37
CA TRP A 99 4.84 -1.81 -11.27
C TRP A 99 6.34 -1.59 -11.12
N SER A 100 6.98 -1.12 -12.18
CA SER A 100 8.41 -0.82 -12.15
C SER A 100 8.68 0.32 -11.17
N ASP A 101 9.39 0.02 -10.08
CA ASP A 101 9.64 0.98 -9.02
C ASP A 101 10.54 2.15 -9.40
N ASP A 102 11.29 2.04 -10.51
CA ASP A 102 12.16 3.12 -10.93
C ASP A 102 11.42 4.35 -11.41
N ASP A 103 10.57 4.21 -12.43
CA ASP A 103 9.86 5.35 -12.98
C ASP A 103 8.66 5.78 -12.16
N TRP A 104 7.89 4.82 -11.61
CA TRP A 104 6.75 5.17 -10.79
C TRP A 104 7.18 5.91 -9.54
N LEU A 105 8.27 5.49 -8.91
CA LEU A 105 8.65 6.14 -7.66
C LEU A 105 9.39 7.45 -7.91
N LYS A 106 9.94 7.64 -9.12
CA LYS A 106 10.48 8.93 -9.50
C LYS A 106 9.38 9.99 -9.63
N LYS A 107 8.27 9.65 -10.30
CA LYS A 107 7.19 10.61 -10.51
C LYS A 107 6.37 10.78 -9.23
N PHE A 108 6.47 9.84 -8.29
CA PHE A 108 5.91 9.99 -6.96
C PHE A 108 6.77 10.76 -5.96
N SER A 109 8.07 10.87 -6.25
CA SER A 109 8.98 11.66 -5.42
C SER A 109 8.92 13.13 -5.81
N GLY A 110 8.54 13.42 -7.07
CA GLY A 110 8.37 14.76 -7.57
C GLY A 110 6.92 15.21 -7.50
N LYS A 111 6.65 16.42 -7.97
CA LYS A 111 5.29 16.97 -8.04
C LYS A 111 4.43 16.24 -9.08
N THR A 112 3.12 16.48 -9.04
CA THR A 112 2.15 15.81 -9.89
C THR A 112 0.98 16.70 -10.31
N LEU A 113 1.20 18.02 -10.26
CA LEU A 113 0.20 19.04 -10.59
C LEU A 113 -0.08 19.10 -12.10
N GLU A 114 -0.26 17.93 -12.73
CA GLU A 114 -0.44 17.79 -14.15
C GLU A 114 0.80 18.30 -14.91
N GLU A 115 1.97 17.82 -14.47
CA GLU A 115 3.25 18.16 -15.09
C GLU A 115 3.33 17.65 -16.54
N ASN A 116 2.45 16.72 -16.90
CA ASN A 116 2.43 16.11 -18.23
C ASN A 116 2.17 17.16 -19.31
N LYS A 117 2.66 16.89 -20.53
CA LYS A 117 2.50 17.78 -21.67
C LYS A 117 1.03 17.83 -22.11
N ALA A 1 1.10 4.26 -20.80
CA ALA A 1 0.38 5.39 -20.17
C ALA A 1 1.30 6.14 -19.18
N GLY A 2 0.89 7.35 -18.80
CA GLY A 2 1.66 8.18 -17.88
C GLY A 2 1.53 7.73 -16.42
N HIS A 3 0.67 6.74 -16.16
CA HIS A 3 0.42 6.23 -14.82
C HIS A 3 -0.01 4.78 -14.87
N MET A 4 -0.01 4.12 -13.71
CA MET A 4 -0.39 2.71 -13.58
C MET A 4 -1.90 2.53 -13.76
N ALA A 5 -2.32 1.26 -13.89
CA ALA A 5 -3.71 0.90 -14.14
C ALA A 5 -4.63 1.28 -12.98
N THR A 6 -5.94 1.17 -13.23
CA THR A 6 -6.99 1.52 -12.28
C THR A 6 -7.13 0.62 -11.05
N THR A 7 -6.06 -0.08 -10.68
CA THR A 7 -6.01 -0.99 -9.54
C THR A 7 -6.08 -0.29 -8.18
N LYS A 8 -6.63 0.91 -8.14
CA LYS A 8 -6.74 1.73 -6.94
C LYS A 8 -7.61 1.05 -5.87
N ARG A 9 -7.64 1.67 -4.68
CA ARG A 9 -8.43 1.24 -3.54
C ARG A 9 -8.07 -0.15 -3.00
N VAL A 10 -6.86 -0.65 -3.29
CA VAL A 10 -6.39 -1.94 -2.80
C VAL A 10 -4.88 -1.93 -2.60
N LEU A 11 -4.43 -1.27 -1.54
CA LEU A 11 -3.01 -1.17 -1.23
C LEU A 11 -2.48 -2.45 -0.61
N TYR A 12 -1.17 -2.62 -0.72
CA TYR A 12 -0.36 -3.62 -0.07
C TYR A 12 0.58 -3.01 0.95
N VAL A 13 0.83 -3.72 2.06
CA VAL A 13 1.77 -3.25 3.07
C VAL A 13 2.69 -4.38 3.52
N GLY A 14 3.98 -4.09 3.71
CA GLY A 14 4.94 -5.10 4.12
C GLY A 14 5.96 -4.55 5.10
N GLY A 15 6.68 -5.45 5.79
CA GLY A 15 7.69 -5.10 6.75
C GLY A 15 7.11 -4.80 8.14
N LEU A 16 5.84 -5.17 8.36
CA LEU A 16 5.15 -4.86 9.61
C LEU A 16 5.80 -5.57 10.80
N ALA A 17 5.75 -4.92 11.97
CA ALA A 17 6.26 -5.52 13.21
C ALA A 17 5.32 -6.63 13.68
N GLU A 18 5.79 -7.46 14.61
CA GLU A 18 5.04 -8.62 15.08
C GLU A 18 3.82 -8.20 15.90
N GLU A 19 3.73 -6.93 16.30
CA GLU A 19 2.62 -6.42 17.09
C GLU A 19 1.53 -5.82 16.20
N VAL A 20 1.81 -5.68 14.89
CA VAL A 20 0.88 -5.09 13.95
C VAL A 20 -0.24 -6.07 13.60
N ASP A 21 -1.45 -5.53 13.42
CA ASP A 21 -2.63 -6.29 13.05
C ASP A 21 -3.64 -5.26 12.53
N ASP A 22 -4.88 -5.68 12.27
CA ASP A 22 -5.86 -4.82 11.64
C ASP A 22 -6.14 -3.48 12.33
N LYS A 23 -6.11 -3.46 13.66
CA LYS A 23 -6.39 -2.24 14.41
C LYS A 23 -5.23 -1.24 14.29
N VAL A 24 -4.01 -1.74 14.05
CA VAL A 24 -2.85 -0.87 13.91
C VAL A 24 -2.87 -0.26 12.51
N LEU A 25 -3.21 -1.06 11.50
CA LEU A 25 -3.25 -0.58 10.12
C LEU A 25 -4.44 0.35 9.91
N HIS A 26 -5.55 0.07 10.58
CA HIS A 26 -6.73 0.93 10.50
C HIS A 26 -6.42 2.30 11.08
N ALA A 27 -5.66 2.37 12.18
CA ALA A 27 -5.30 3.63 12.79
C ALA A 27 -4.16 4.32 12.07
N ALA A 28 -3.34 3.58 11.32
CA ALA A 28 -2.18 4.12 10.63
C ALA A 28 -2.51 4.63 9.22
N PHE A 29 -3.69 4.29 8.69
CA PHE A 29 -4.08 4.68 7.33
C PHE A 29 -5.36 5.49 7.20
N ILE A 30 -6.03 5.78 8.32
CA ILE A 30 -7.29 6.51 8.33
C ILE A 30 -7.14 8.03 8.12
N PRO A 31 -6.04 8.69 8.54
CA PRO A 31 -5.91 10.14 8.41
C PRO A 31 -5.95 10.64 6.97
N PHE A 32 -5.81 9.74 5.99
CA PHE A 32 -5.71 10.12 4.58
C PHE A 32 -7.07 10.17 3.90
N GLY A 33 -8.14 9.72 4.58
CA GLY A 33 -9.46 9.66 4.01
C GLY A 33 -10.41 8.88 4.92
N ASP A 34 -10.96 7.76 4.42
CA ASP A 34 -11.85 6.93 5.19
C ASP A 34 -11.73 5.47 4.74
N ILE A 35 -11.21 4.61 5.62
CA ILE A 35 -11.00 3.20 5.35
C ILE A 35 -12.35 2.46 5.30
N THR A 36 -12.40 1.35 4.56
CA THR A 36 -13.58 0.51 4.50
C THR A 36 -13.30 -0.98 4.68
N ASP A 37 -12.05 -1.40 4.49
CA ASP A 37 -11.59 -2.77 4.69
C ASP A 37 -10.10 -2.93 4.98
N ILE A 38 -9.75 -4.01 5.68
CA ILE A 38 -8.38 -4.38 6.02
C ILE A 38 -8.26 -5.90 5.87
N GLN A 39 -7.05 -6.41 5.58
CA GLN A 39 -6.87 -7.84 5.38
C GLN A 39 -5.45 -8.25 5.79
N ILE A 40 -5.33 -9.24 6.68
CA ILE A 40 -4.05 -9.76 7.13
C ILE A 40 -4.06 -11.29 7.06
N PRO A 41 -3.53 -11.87 5.98
CA PRO A 41 -3.36 -13.31 5.84
C PRO A 41 -2.17 -13.77 6.68
N LEU A 42 -2.10 -15.08 6.96
CA LEU A 42 -1.04 -15.66 7.77
C LEU A 42 0.15 -16.09 6.92
N ASP A 43 1.21 -16.57 7.57
CA ASP A 43 2.39 -17.09 6.90
C ASP A 43 2.06 -18.52 6.42
N TYR A 44 0.99 -19.10 6.96
CA TYR A 44 0.53 -20.46 6.65
C TYR A 44 1.62 -21.51 6.76
N GLU A 45 2.65 -21.24 7.57
CA GLU A 45 3.66 -22.25 7.92
C GLU A 45 3.65 -22.44 9.44
N THR A 46 3.25 -21.40 10.18
CA THR A 46 3.15 -21.41 11.64
C THR A 46 1.88 -20.76 12.20
N GLU A 47 0.93 -20.42 11.31
CA GLU A 47 -0.36 -19.86 11.67
C GLU A 47 -0.27 -18.52 12.40
N LYS A 48 0.72 -17.71 12.06
CA LYS A 48 0.86 -16.35 12.57
C LYS A 48 0.92 -15.38 11.38
N HIS A 49 0.74 -14.08 11.63
CA HIS A 49 0.75 -13.12 10.54
C HIS A 49 2.18 -12.98 10.02
N ARG A 50 2.32 -12.89 8.70
CA ARG A 50 3.62 -12.89 8.03
C ARG A 50 4.28 -11.50 8.04
N GLY A 51 3.59 -10.49 8.55
CA GLY A 51 4.13 -9.14 8.61
C GLY A 51 3.80 -8.33 7.35
N PHE A 52 2.72 -8.68 6.64
CA PHE A 52 2.30 -7.93 5.47
C PHE A 52 0.76 -7.98 5.50
N ALA A 53 0.13 -7.05 4.79
CA ALA A 53 -1.31 -6.88 4.82
C ALA A 53 -1.81 -6.11 3.58
N PHE A 54 -3.13 -5.87 3.54
CA PHE A 54 -3.76 -5.09 2.49
C PHE A 54 -4.73 -4.07 3.10
N VAL A 55 -5.05 -3.02 2.35
CA VAL A 55 -5.95 -1.95 2.78
C VAL A 55 -6.85 -1.49 1.65
N GLU A 56 -8.11 -1.19 1.95
CA GLU A 56 -9.10 -0.72 0.99
C GLU A 56 -9.90 0.44 1.56
N PHE A 57 -10.33 1.36 0.68
CA PHE A 57 -11.02 2.58 1.07
C PHE A 57 -12.12 2.76 0.03
N GLU A 58 -13.05 3.68 0.29
CA GLU A 58 -14.11 4.02 -0.65
C GLU A 58 -13.68 5.18 -1.56
N LEU A 59 -12.38 5.51 -1.57
CA LEU A 59 -11.84 6.61 -2.38
C LEU A 59 -10.54 6.20 -3.06
N ALA A 60 -10.40 6.53 -4.35
CA ALA A 60 -9.20 6.21 -5.09
C ALA A 60 -8.09 7.22 -4.83
N GLU A 61 -8.45 8.46 -4.46
CA GLU A 61 -7.47 9.49 -4.15
C GLU A 61 -6.87 9.29 -2.77
N ASP A 62 -7.57 8.55 -1.90
CA ASP A 62 -7.08 8.23 -0.56
C ASP A 62 -5.96 7.20 -0.67
N ALA A 63 -6.14 6.20 -1.53
CA ALA A 63 -5.14 5.17 -1.73
C ALA A 63 -3.87 5.76 -2.35
N ALA A 64 -4.03 6.67 -3.31
CA ALA A 64 -2.89 7.29 -3.97
C ALA A 64 -2.14 8.22 -3.01
N ALA A 65 -2.85 8.79 -2.02
CA ALA A 65 -2.22 9.66 -1.04
C ALA A 65 -1.37 8.84 -0.07
N ALA A 66 -1.73 7.58 0.16
CA ALA A 66 -0.94 6.72 1.02
C ALA A 66 0.35 6.31 0.31
N ILE A 67 0.33 6.18 -1.01
CA ILE A 67 1.56 5.92 -1.77
C ILE A 67 2.47 7.14 -1.68
N ASP A 68 1.87 8.33 -1.57
CA ASP A 68 2.60 9.60 -1.49
C ASP A 68 3.09 9.97 -0.09
N ASN A 69 2.54 9.34 0.96
CA ASN A 69 2.86 9.72 2.34
C ASN A 69 3.19 8.55 3.27
N MET A 70 3.01 7.30 2.82
CA MET A 70 3.28 6.14 3.67
C MET A 70 4.25 5.15 3.01
N ASN A 71 4.65 5.40 1.76
CA ASN A 71 5.65 4.58 1.11
C ASN A 71 7.00 4.74 1.81
N GLU A 72 7.67 3.63 2.10
CA GLU A 72 8.94 3.62 2.83
C GLU A 72 8.84 4.36 4.17
N SER A 73 7.63 4.46 4.72
CA SER A 73 7.38 5.08 6.02
C SER A 73 7.82 4.12 7.14
N GLU A 74 7.51 4.44 8.39
CA GLU A 74 7.97 3.66 9.54
C GLU A 74 6.81 3.38 10.51
N LEU A 75 6.67 2.12 10.90
CA LEU A 75 5.66 1.64 11.84
C LEU A 75 6.38 0.80 12.91
N PHE A 76 5.98 0.92 14.17
CA PHE A 76 6.57 0.14 15.25
C PHE A 76 8.09 0.19 15.42
N GLY A 77 8.74 1.21 14.86
CA GLY A 77 10.18 1.39 14.97
C GLY A 77 10.94 0.74 13.82
N ARG A 78 10.25 0.37 12.73
CA ARG A 78 10.89 -0.24 11.58
C ARG A 78 10.19 0.17 10.29
N THR A 79 10.95 0.16 9.19
CA THR A 79 10.45 0.55 7.87
C THR A 79 9.36 -0.34 7.30
N ILE A 80 8.42 0.25 6.55
CA ILE A 80 7.34 -0.49 5.90
C ILE A 80 7.16 0.02 4.47
N ARG A 81 6.56 -0.82 3.62
CA ARG A 81 6.31 -0.48 2.22
C ARG A 81 4.82 -0.28 2.00
N VAL A 82 4.46 0.60 1.07
CA VAL A 82 3.07 0.85 0.70
C VAL A 82 2.98 1.06 -0.80
N ASN A 83 2.17 0.24 -1.47
CA ASN A 83 1.99 0.29 -2.92
C ASN A 83 0.83 -0.60 -3.36
N LEU A 84 0.26 -0.36 -4.53
CA LEU A 84 -0.80 -1.21 -5.06
C LEU A 84 -0.20 -2.52 -5.57
N ALA A 85 -1.02 -3.57 -5.68
CA ALA A 85 -0.54 -4.92 -5.95
C ALA A 85 0.27 -5.05 -7.24
N LYS A 86 1.33 -5.87 -7.17
CA LYS A 86 2.22 -6.20 -8.27
C LYS A 86 1.56 -7.19 -9.23
N PRO A 87 2.18 -7.51 -10.39
CA PRO A 87 1.58 -8.33 -11.43
C PRO A 87 1.30 -9.78 -11.04
N MET A 88 1.76 -10.25 -9.88
CA MET A 88 1.43 -11.59 -9.43
C MET A 88 -0.08 -11.65 -9.18
N ARG A 89 -0.68 -12.84 -9.29
CA ARG A 89 -2.13 -13.01 -9.18
C ARG A 89 -2.66 -12.35 -7.90
N ILE A 90 -3.68 -11.50 -8.08
CA ILE A 90 -4.38 -10.80 -7.01
C ILE A 90 -5.56 -11.65 -6.54
N LYS A 91 -6.29 -11.17 -5.53
CA LYS A 91 -7.43 -11.85 -4.91
C LYS A 91 -8.54 -12.25 -5.89
N GLU A 92 -8.37 -12.01 -7.19
CA GLU A 92 -9.32 -12.41 -8.22
C GLU A 92 -8.57 -12.76 -9.50
N GLY A 93 -9.28 -13.31 -10.50
CA GLY A 93 -8.67 -13.80 -11.74
C GLY A 93 -8.07 -12.70 -12.61
N SER A 94 -8.18 -11.43 -12.20
CA SER A 94 -7.62 -10.31 -12.94
C SER A 94 -6.10 -10.25 -12.78
N SER A 95 -5.44 -9.33 -13.49
CA SER A 95 -3.99 -9.16 -13.43
C SER A 95 -3.63 -7.67 -13.42
N ARG A 96 -2.42 -7.37 -12.96
CA ARG A 96 -1.95 -5.99 -12.80
C ARG A 96 -0.76 -5.72 -13.70
N PRO A 97 -0.45 -4.44 -13.98
CA PRO A 97 0.75 -4.03 -14.69
C PRO A 97 1.99 -4.36 -13.86
N VAL A 98 3.17 -4.15 -14.43
CA VAL A 98 4.43 -4.56 -13.79
C VAL A 98 4.87 -3.72 -12.59
N TRP A 99 4.37 -2.48 -12.46
CA TRP A 99 4.75 -1.61 -11.36
C TRP A 99 6.27 -1.43 -11.20
N SER A 100 6.94 -0.98 -12.27
CA SER A 100 8.36 -0.73 -12.25
C SER A 100 8.68 0.41 -11.27
N ASP A 101 9.39 0.08 -10.19
CA ASP A 101 9.67 1.02 -9.13
C ASP A 101 10.60 2.19 -9.48
N ASP A 102 11.29 2.12 -10.62
CA ASP A 102 12.16 3.21 -11.01
C ASP A 102 11.43 4.47 -11.45
N ASP A 103 10.57 4.37 -12.46
CA ASP A 103 9.85 5.52 -12.96
C ASP A 103 8.65 5.92 -12.11
N TRP A 104 7.96 4.94 -11.55
CA TRP A 104 6.81 5.22 -10.68
C TRP A 104 7.24 5.90 -9.39
N LEU A 105 8.33 5.44 -8.78
CA LEU A 105 8.69 6.01 -7.50
C LEU A 105 9.45 7.33 -7.65
N LYS A 106 10.05 7.58 -8.83
CA LYS A 106 10.66 8.87 -9.10
C LYS A 106 9.63 9.99 -9.22
N LYS A 107 8.49 9.74 -9.88
CA LYS A 107 7.47 10.77 -10.01
C LYS A 107 6.75 10.98 -8.68
N PHE A 108 6.70 9.95 -7.82
CA PHE A 108 6.21 10.10 -6.45
C PHE A 108 7.18 10.73 -5.46
N SER A 109 8.48 10.68 -5.76
CA SER A 109 9.51 11.32 -4.93
C SER A 109 9.77 12.75 -5.39
N GLY A 110 9.28 13.13 -6.58
CA GLY A 110 9.52 14.43 -7.17
C GLY A 110 8.88 15.58 -6.40
N LYS A 111 8.00 15.29 -5.44
CA LYS A 111 7.36 16.32 -4.62
C LYS A 111 8.30 16.88 -3.54
N THR A 112 9.58 16.47 -3.56
CA THR A 112 10.55 16.91 -2.58
C THR A 112 10.84 18.41 -2.59
N LEU A 113 10.42 19.12 -3.64
CA LEU A 113 10.63 20.55 -3.74
C LEU A 113 9.77 21.33 -2.74
N GLU A 114 8.75 20.67 -2.16
CA GLU A 114 7.91 21.29 -1.15
C GLU A 114 8.58 21.21 0.24
N GLU A 115 9.50 20.26 0.42
CA GLU A 115 10.20 20.09 1.69
C GLU A 115 11.47 20.93 1.72
N ASN A 116 12.17 21.02 0.58
CA ASN A 116 13.40 21.79 0.48
C ASN A 116 13.13 23.27 0.20
N LYS A 117 11.92 23.58 -0.28
CA LYS A 117 11.49 24.95 -0.60
C LYS A 117 12.54 25.72 -1.40
N ALA A 1 5.52 10.90 -21.03
CA ALA A 1 5.03 10.72 -19.64
C ALA A 1 3.95 9.64 -19.59
N GLY A 2 3.64 9.16 -18.39
CA GLY A 2 2.62 8.13 -18.19
C GLY A 2 2.46 7.80 -16.71
N HIS A 3 1.46 6.97 -16.41
CA HIS A 3 1.11 6.58 -15.05
C HIS A 3 0.37 5.25 -15.07
N MET A 4 0.28 4.60 -13.90
CA MET A 4 -0.34 3.30 -13.76
C MET A 4 -1.85 3.34 -13.98
N ALA A 5 -2.45 2.17 -14.24
CA ALA A 5 -3.86 2.04 -14.56
C ALA A 5 -4.78 2.37 -13.39
N THR A 6 -6.09 2.30 -13.65
CA THR A 6 -7.14 2.59 -12.68
C THR A 6 -7.22 1.66 -11.47
N THR A 7 -6.25 0.75 -11.28
CA THR A 7 -6.23 -0.13 -10.12
C THR A 7 -5.99 0.79 -8.93
N LYS A 8 -6.89 0.77 -7.95
CA LYS A 8 -6.86 1.61 -6.78
C LYS A 8 -7.59 0.93 -5.63
N ARG A 9 -7.62 1.57 -4.47
CA ARG A 9 -8.34 1.12 -3.28
C ARG A 9 -7.94 -0.27 -2.78
N VAL A 10 -6.72 -0.73 -3.06
CA VAL A 10 -6.23 -2.04 -2.61
C VAL A 10 -4.71 -2.01 -2.44
N LEU A 11 -4.24 -1.22 -1.47
CA LEU A 11 -2.81 -1.06 -1.24
C LEU A 11 -2.21 -2.27 -0.53
N TYR A 12 -0.98 -2.60 -0.90
CA TYR A 12 -0.14 -3.56 -0.22
C TYR A 12 0.77 -2.87 0.81
N VAL A 13 1.02 -3.53 1.93
CA VAL A 13 1.97 -3.04 2.92
C VAL A 13 2.84 -4.15 3.47
N GLY A 14 4.10 -3.85 3.76
CA GLY A 14 5.04 -4.85 4.24
C GLY A 14 6.03 -4.27 5.25
N GLY A 15 6.79 -5.16 5.90
CA GLY A 15 7.75 -4.77 6.92
C GLY A 15 7.10 -4.56 8.28
N LEU A 16 5.84 -4.98 8.43
CA LEU A 16 5.09 -4.78 9.66
C LEU A 16 5.73 -5.54 10.82
N ALA A 17 5.61 -4.97 12.03
CA ALA A 17 6.14 -5.58 13.23
C ALA A 17 5.24 -6.72 13.71
N GLU A 18 5.73 -7.51 14.67
CA GLU A 18 5.01 -8.66 15.20
C GLU A 18 3.78 -8.26 16.01
N GLU A 19 3.63 -6.97 16.31
CA GLU A 19 2.51 -6.47 17.11
C GLU A 19 1.41 -5.89 16.23
N VAL A 20 1.66 -5.79 14.92
CA VAL A 20 0.71 -5.21 13.98
C VAL A 20 -0.42 -6.19 13.68
N ASP A 21 -1.63 -5.65 13.48
CA ASP A 21 -2.83 -6.41 13.19
C ASP A 21 -3.81 -5.41 12.57
N ASP A 22 -5.03 -5.85 12.28
CA ASP A 22 -5.96 -5.02 11.53
C ASP A 22 -6.32 -3.67 12.15
N LYS A 23 -6.33 -3.57 13.48
CA LYS A 23 -6.67 -2.31 14.14
C LYS A 23 -5.49 -1.34 14.11
N VAL A 24 -4.27 -1.83 13.90
CA VAL A 24 -3.09 -0.97 13.87
C VAL A 24 -3.08 -0.25 12.52
N LEU A 25 -3.36 -0.98 11.43
CA LEU A 25 -3.38 -0.37 10.11
C LEU A 25 -4.60 0.52 9.94
N HIS A 26 -5.71 0.19 10.64
CA HIS A 26 -6.91 1.01 10.58
C HIS A 26 -6.65 2.37 11.21
N ALA A 27 -5.80 2.42 12.26
CA ALA A 27 -5.47 3.67 12.92
C ALA A 27 -4.29 4.39 12.23
N ALA A 28 -3.49 3.65 11.46
CA ALA A 28 -2.31 4.20 10.81
C ALA A 28 -2.59 4.72 9.40
N PHE A 29 -3.79 4.42 8.85
CA PHE A 29 -4.14 4.82 7.50
C PHE A 29 -5.42 5.63 7.34
N ILE A 30 -6.10 5.92 8.44
CA ILE A 30 -7.36 6.65 8.44
C ILE A 30 -7.20 8.16 8.16
N PRO A 31 -6.08 8.83 8.49
CA PRO A 31 -5.93 10.26 8.24
C PRO A 31 -5.96 10.63 6.76
N PHE A 32 -5.67 9.68 5.88
CA PHE A 32 -5.57 9.95 4.45
C PHE A 32 -6.96 9.82 3.80
N GLY A 33 -7.88 9.10 4.46
CA GLY A 33 -9.22 8.90 3.93
C GLY A 33 -9.94 7.81 4.71
N ASP A 34 -11.27 7.80 4.65
CA ASP A 34 -12.08 6.85 5.39
C ASP A 34 -11.83 5.42 4.90
N ILE A 35 -11.25 4.58 5.76
CA ILE A 35 -10.97 3.18 5.44
C ILE A 35 -12.28 2.38 5.42
N THR A 36 -12.30 1.28 4.66
CA THR A 36 -13.48 0.43 4.57
C THR A 36 -13.22 -1.06 4.72
N ASP A 37 -11.96 -1.51 4.65
CA ASP A 37 -11.63 -2.90 4.88
C ASP A 37 -10.12 -3.00 5.12
N ILE A 38 -9.69 -4.08 5.80
CA ILE A 38 -8.30 -4.38 6.12
C ILE A 38 -8.09 -5.89 5.97
N GLN A 39 -6.85 -6.33 5.72
CA GLN A 39 -6.56 -7.73 5.53
C GLN A 39 -5.23 -8.07 6.22
N ILE A 40 -5.22 -9.12 7.04
CA ILE A 40 -4.01 -9.58 7.73
C ILE A 40 -3.79 -11.06 7.43
N PRO A 41 -3.23 -11.38 6.25
CA PRO A 41 -2.97 -12.74 5.85
C PRO A 41 -1.84 -13.35 6.67
N LEU A 42 -1.86 -14.67 6.84
CA LEU A 42 -0.85 -15.40 7.60
C LEU A 42 0.30 -15.82 6.69
N ASP A 43 1.29 -16.51 7.26
CA ASP A 43 2.39 -17.08 6.49
C ASP A 43 1.91 -18.39 5.84
N TYR A 44 0.79 -18.94 6.34
CA TYR A 44 0.21 -20.23 5.94
C TYR A 44 1.29 -21.32 6.00
N GLU A 45 2.32 -21.15 6.84
CA GLU A 45 3.30 -22.19 7.10
C GLU A 45 3.31 -22.52 8.60
N THR A 46 3.01 -21.51 9.42
CA THR A 46 2.90 -21.64 10.87
C THR A 46 1.69 -20.94 11.48
N GLU A 47 0.77 -20.50 10.62
CA GLU A 47 -0.47 -19.85 11.01
C GLU A 47 -0.27 -18.59 11.85
N LYS A 48 0.67 -17.74 11.43
CA LYS A 48 0.93 -16.47 12.12
C LYS A 48 1.13 -15.35 11.12
N HIS A 49 0.94 -14.11 11.58
CA HIS A 49 1.06 -12.90 10.76
C HIS A 49 2.48 -12.77 10.21
N ARG A 50 2.61 -12.79 8.89
CA ARG A 50 3.89 -12.83 8.19
C ARG A 50 4.60 -11.48 8.15
N GLY A 51 3.90 -10.39 8.50
CA GLY A 51 4.51 -9.06 8.48
C GLY A 51 4.09 -8.23 7.26
N PHE A 52 2.99 -8.60 6.59
CA PHE A 52 2.52 -7.85 5.43
C PHE A 52 1.00 -7.90 5.51
N ALA A 53 0.35 -6.96 4.80
CA ALA A 53 -1.09 -6.78 4.86
C ALA A 53 -1.59 -5.98 3.66
N PHE A 54 -2.90 -5.69 3.62
CA PHE A 54 -3.51 -4.89 2.57
C PHE A 54 -4.50 -3.88 3.16
N VAL A 55 -4.79 -2.81 2.42
CA VAL A 55 -5.69 -1.75 2.85
C VAL A 55 -6.64 -1.32 1.74
N GLU A 56 -7.91 -1.08 2.07
CA GLU A 56 -8.92 -0.62 1.13
C GLU A 56 -9.74 0.51 1.71
N PHE A 57 -10.16 1.45 0.85
CA PHE A 57 -10.87 2.65 1.22
C PHE A 57 -12.00 2.76 0.21
N GLU A 58 -13.03 3.54 0.52
CA GLU A 58 -14.14 3.76 -0.41
C GLU A 58 -13.81 4.90 -1.40
N LEU A 59 -12.53 5.33 -1.45
CA LEU A 59 -12.10 6.42 -2.30
C LEU A 59 -10.80 6.07 -3.01
N ALA A 60 -10.73 6.34 -4.32
CA ALA A 60 -9.56 6.01 -5.13
C ALA A 60 -8.48 7.08 -5.04
N GLU A 61 -8.83 8.30 -4.63
CA GLU A 61 -7.87 9.40 -4.56
C GLU A 61 -7.14 9.39 -3.22
N ASP A 62 -7.79 8.86 -2.18
CA ASP A 62 -7.19 8.75 -0.85
C ASP A 62 -6.25 7.56 -0.74
N ALA A 63 -6.45 6.56 -1.59
CA ALA A 63 -5.58 5.40 -1.68
C ALA A 63 -4.24 5.81 -2.29
N ALA A 64 -4.28 6.54 -3.41
CA ALA A 64 -3.07 7.01 -4.06
C ALA A 64 -2.33 8.02 -3.19
N ALA A 65 -3.07 8.75 -2.33
CA ALA A 65 -2.44 9.69 -1.40
C ALA A 65 -1.69 8.94 -0.32
N ALA A 66 -2.15 7.75 0.06
CA ALA A 66 -1.48 6.96 1.07
C ALA A 66 -0.18 6.39 0.51
N ILE A 67 -0.09 6.13 -0.79
CA ILE A 67 1.16 5.70 -1.41
C ILE A 67 2.19 6.81 -1.26
N ASP A 68 1.80 8.05 -1.56
CA ASP A 68 2.70 9.20 -1.47
C ASP A 68 3.17 9.52 -0.05
N ASN A 69 2.26 9.45 0.93
CA ASN A 69 2.53 9.89 2.30
C ASN A 69 3.00 8.78 3.24
N MET A 70 3.02 7.51 2.81
CA MET A 70 3.40 6.41 3.69
C MET A 70 4.40 5.44 3.07
N ASN A 71 4.79 5.63 1.81
CA ASN A 71 5.79 4.76 1.21
C ASN A 71 7.12 4.94 1.94
N GLU A 72 7.80 3.82 2.24
CA GLU A 72 9.06 3.81 2.97
C GLU A 72 8.97 4.54 4.32
N SER A 73 7.75 4.61 4.88
CA SER A 73 7.52 5.22 6.18
C SER A 73 7.94 4.24 7.29
N GLU A 74 7.51 4.49 8.53
CA GLU A 74 7.93 3.69 9.68
C GLU A 74 6.75 3.39 10.60
N LEU A 75 6.63 2.14 11.05
CA LEU A 75 5.59 1.66 11.95
C LEU A 75 6.26 0.78 13.00
N PHE A 76 5.80 0.85 14.26
CA PHE A 76 6.35 0.04 15.33
C PHE A 76 7.87 0.10 15.55
N GLY A 77 8.52 1.15 15.04
CA GLY A 77 9.94 1.36 15.25
C GLY A 77 10.81 0.78 14.12
N ARG A 78 10.20 0.38 13.00
CA ARG A 78 10.93 -0.14 11.87
C ARG A 78 10.28 0.26 10.55
N THR A 79 11.06 0.30 9.48
CA THR A 79 10.58 0.68 8.16
C THR A 79 9.48 -0.21 7.57
N ILE A 80 8.57 0.40 6.80
CA ILE A 80 7.49 -0.31 6.13
C ILE A 80 7.34 0.18 4.70
N ARG A 81 6.62 -0.60 3.88
CA ARG A 81 6.36 -0.25 2.49
C ARG A 81 4.88 -0.01 2.28
N VAL A 82 4.54 0.86 1.34
CA VAL A 82 3.16 1.15 0.96
C VAL A 82 3.10 1.43 -0.53
N ASN A 83 2.25 0.68 -1.24
CA ASN A 83 2.07 0.82 -2.68
C ASN A 83 0.86 -0.01 -3.12
N LEU A 84 0.52 0.01 -4.41
CA LEU A 84 -0.53 -0.88 -4.94
C LEU A 84 0.10 -2.20 -5.37
N ALA A 85 -0.71 -3.26 -5.48
CA ALA A 85 -0.21 -4.61 -5.70
C ALA A 85 0.58 -4.74 -7.00
N LYS A 86 1.70 -5.48 -6.93
CA LYS A 86 2.56 -5.83 -8.05
C LYS A 86 1.87 -6.82 -8.97
N PRO A 87 2.39 -7.04 -10.19
CA PRO A 87 1.80 -7.95 -11.17
C PRO A 87 1.79 -9.40 -10.67
N MET A 88 0.62 -9.84 -10.22
CA MET A 88 0.32 -11.20 -9.80
C MET A 88 -1.20 -11.32 -9.68
N ARG A 89 -1.74 -12.54 -9.64
CA ARG A 89 -3.16 -12.74 -9.43
C ARG A 89 -3.55 -12.15 -8.08
N ILE A 90 -4.65 -11.39 -8.06
CA ILE A 90 -5.14 -10.70 -6.87
C ILE A 90 -6.54 -11.22 -6.54
N LYS A 91 -7.12 -10.71 -5.45
CA LYS A 91 -8.42 -11.09 -4.90
C LYS A 91 -9.60 -10.95 -5.87
N GLU A 92 -9.36 -10.61 -7.14
CA GLU A 92 -10.42 -10.48 -8.14
C GLU A 92 -9.88 -10.90 -9.51
N GLY A 93 -10.73 -10.84 -10.53
CA GLY A 93 -10.39 -11.24 -11.89
C GLY A 93 -9.44 -10.25 -12.56
N SER A 94 -8.22 -10.09 -12.00
CA SER A 94 -7.22 -9.19 -12.52
C SER A 94 -5.83 -9.67 -12.12
N SER A 95 -4.79 -9.12 -12.75
CA SER A 95 -3.40 -9.46 -12.47
C SER A 95 -2.55 -8.20 -12.34
N ARG A 96 -3.20 -7.02 -12.34
CA ARG A 96 -2.58 -5.70 -12.23
C ARG A 96 -1.57 -5.37 -13.33
N PRO A 97 -1.26 -4.07 -13.51
CA PRO A 97 -0.18 -3.61 -14.38
C PRO A 97 1.18 -4.10 -13.90
N VAL A 98 2.22 -3.75 -14.65
CA VAL A 98 3.58 -4.18 -14.35
C VAL A 98 4.20 -3.53 -13.11
N TRP A 99 3.78 -2.31 -12.77
CA TRP A 99 4.27 -1.62 -11.59
C TRP A 99 5.79 -1.60 -11.44
N SER A 100 6.49 -1.20 -12.51
CA SER A 100 7.94 -1.08 -12.52
C SER A 100 8.35 0.01 -11.52
N ASP A 101 8.98 -0.41 -10.42
CA ASP A 101 9.30 0.48 -9.31
C ASP A 101 10.35 1.54 -9.58
N ASP A 102 11.09 1.46 -10.69
CA ASP A 102 12.08 2.46 -11.01
C ASP A 102 11.49 3.80 -11.46
N ASP A 103 10.68 3.78 -12.52
CA ASP A 103 10.07 5.00 -13.04
C ASP A 103 8.92 5.50 -12.18
N TRP A 104 8.08 4.58 -11.69
CA TRP A 104 6.96 4.95 -10.85
C TRP A 104 7.40 5.59 -9.55
N LEU A 105 8.41 5.01 -8.88
CA LEU A 105 8.79 5.55 -7.59
C LEU A 105 9.66 6.81 -7.74
N LYS A 106 10.28 7.00 -8.90
CA LYS A 106 10.99 8.24 -9.18
C LYS A 106 10.02 9.41 -9.42
N LYS A 107 8.87 9.18 -10.07
CA LYS A 107 7.92 10.25 -10.31
C LYS A 107 7.06 10.52 -9.07
N PHE A 108 6.92 9.52 -8.18
CA PHE A 108 6.32 9.73 -6.87
C PHE A 108 7.23 10.42 -5.84
N SER A 109 8.54 10.33 -6.04
CA SER A 109 9.52 10.98 -5.18
C SER A 109 9.72 12.44 -5.60
N GLY A 110 9.47 12.75 -6.88
CA GLY A 110 9.60 14.10 -7.40
C GLY A 110 8.41 14.96 -7.03
N LYS A 111 8.50 16.26 -7.35
CA LYS A 111 7.46 17.24 -7.04
C LYS A 111 7.24 18.21 -8.20
N THR A 112 6.04 18.78 -8.27
CA THR A 112 5.61 19.74 -9.27
C THR A 112 5.74 19.35 -10.74
N LEU A 113 6.12 18.09 -10.99
CA LEU A 113 6.22 17.52 -12.33
C LEU A 113 4.84 17.17 -12.89
N GLU A 114 3.84 18.01 -12.57
CA GLU A 114 2.43 17.75 -12.83
C GLU A 114 2.01 16.48 -12.09
N GLU A 115 2.18 16.49 -10.77
CA GLU A 115 1.84 15.37 -9.91
C GLU A 115 0.33 15.09 -9.87
N ASN A 116 -0.45 15.83 -10.66
CA ASN A 116 -1.89 15.65 -10.75
C ASN A 116 -2.25 14.37 -11.50
N LYS A 117 -1.27 13.73 -12.15
CA LYS A 117 -1.48 12.49 -12.87
C LYS A 117 -1.73 11.32 -11.90
N ALA A 1 -4.52 10.18 -16.79
CA ALA A 1 -3.64 10.69 -15.73
C ALA A 1 -2.21 10.15 -15.89
N GLY A 2 -1.24 10.78 -15.22
CA GLY A 2 0.15 10.39 -15.28
C GLY A 2 0.49 9.16 -14.42
N HIS A 3 -0.53 8.54 -13.82
CA HIS A 3 -0.32 7.38 -12.96
C HIS A 3 0.18 6.16 -13.76
N MET A 4 0.72 5.18 -13.05
CA MET A 4 1.25 3.96 -13.65
C MET A 4 0.15 2.95 -14.01
N ALA A 5 -1.02 3.04 -13.37
CA ALA A 5 -2.08 2.07 -13.59
C ALA A 5 -3.42 2.58 -13.08
N THR A 6 -4.50 2.00 -13.60
CA THR A 6 -5.86 2.30 -13.18
C THR A 6 -6.31 1.59 -11.90
N THR A 7 -5.46 0.69 -11.37
CA THR A 7 -5.78 0.00 -10.13
C THR A 7 -5.73 0.99 -8.97
N LYS A 8 -6.77 0.96 -8.12
CA LYS A 8 -6.94 1.90 -7.01
C LYS A 8 -7.74 1.25 -5.88
N ARG A 9 -7.99 2.03 -4.81
CA ARG A 9 -8.71 1.60 -3.61
C ARG A 9 -8.13 0.36 -2.94
N VAL A 10 -6.83 0.10 -3.14
CA VAL A 10 -6.17 -1.06 -2.54
C VAL A 10 -4.72 -0.69 -2.28
N LEU A 11 -4.14 -1.22 -1.21
CA LEU A 11 -2.74 -1.00 -0.91
C LEU A 11 -2.12 -2.20 -0.23
N TYR A 12 -1.00 -2.66 -0.78
CA TYR A 12 -0.15 -3.66 -0.14
C TYR A 12 0.77 -2.99 0.87
N VAL A 13 0.99 -3.63 2.02
CA VAL A 13 1.94 -3.13 3.00
C VAL A 13 2.82 -4.25 3.53
N GLY A 14 4.09 -3.94 3.78
CA GLY A 14 5.04 -4.94 4.24
C GLY A 14 6.06 -4.36 5.22
N GLY A 15 6.85 -5.24 5.83
CA GLY A 15 7.85 -4.86 6.81
C GLY A 15 7.23 -4.60 8.19
N LEU A 16 5.97 -4.99 8.37
CA LEU A 16 5.24 -4.75 9.61
C LEU A 16 5.92 -5.44 10.79
N ALA A 17 5.79 -4.86 11.98
CA ALA A 17 6.32 -5.43 13.20
C ALA A 17 5.49 -6.63 13.66
N GLU A 18 6.04 -7.41 14.58
CA GLU A 18 5.41 -8.63 15.07
C GLU A 18 4.20 -8.36 15.98
N GLU A 19 3.76 -7.10 16.09
CA GLU A 19 2.62 -6.74 16.91
C GLU A 19 1.55 -6.01 16.10
N VAL A 20 1.80 -5.81 14.80
CA VAL A 20 0.86 -5.11 13.93
C VAL A 20 -0.28 -6.02 13.51
N ASP A 21 -1.50 -5.64 13.90
CA ASP A 21 -2.73 -6.34 13.55
C ASP A 21 -3.70 -5.45 12.79
N ASP A 22 -4.90 -5.94 12.47
CA ASP A 22 -5.86 -5.19 11.66
C ASP A 22 -6.27 -3.83 12.24
N LYS A 23 -6.28 -3.70 13.56
CA LYS A 23 -6.66 -2.43 14.21
C LYS A 23 -5.50 -1.43 14.17
N VAL A 24 -4.26 -1.91 13.99
CA VAL A 24 -3.10 -1.03 13.95
C VAL A 24 -3.07 -0.32 12.61
N LEU A 25 -3.34 -1.04 11.53
CA LEU A 25 -3.36 -0.46 10.19
C LEU A 25 -4.62 0.39 10.00
N HIS A 26 -5.71 0.07 10.69
CA HIS A 26 -6.93 0.84 10.60
C HIS A 26 -6.71 2.23 11.20
N ALA A 27 -5.90 2.33 12.26
CA ALA A 27 -5.61 3.60 12.90
C ALA A 27 -4.44 4.32 12.20
N ALA A 28 -3.60 3.58 11.47
CA ALA A 28 -2.42 4.15 10.82
C ALA A 28 -2.74 4.71 9.43
N PHE A 29 -3.88 4.36 8.86
CA PHE A 29 -4.24 4.78 7.50
C PHE A 29 -5.53 5.59 7.35
N ILE A 30 -6.24 5.81 8.46
CA ILE A 30 -7.51 6.52 8.44
C ILE A 30 -7.37 8.05 8.26
N PRO A 31 -6.27 8.71 8.67
CA PRO A 31 -6.15 10.15 8.55
C PRO A 31 -6.21 10.65 7.09
N PHE A 32 -5.89 9.79 6.13
CA PHE A 32 -5.79 10.18 4.73
C PHE A 32 -7.16 10.09 4.04
N GLY A 33 -8.10 9.34 4.62
CA GLY A 33 -9.42 9.16 4.05
C GLY A 33 -10.11 7.95 4.68
N ASP A 34 -11.41 7.79 4.42
CA ASP A 34 -12.20 6.73 5.04
C ASP A 34 -11.85 5.31 4.58
N ILE A 35 -11.40 4.48 5.52
CA ILE A 35 -11.12 3.07 5.27
C ILE A 35 -12.43 2.30 5.18
N THR A 36 -12.42 1.16 4.48
CA THR A 36 -13.60 0.31 4.37
C THR A 36 -13.36 -1.18 4.58
N ASP A 37 -12.09 -1.62 4.58
CA ASP A 37 -11.75 -3.00 4.86
C ASP A 37 -10.25 -3.10 5.17
N ILE A 38 -9.86 -4.17 5.84
CA ILE A 38 -8.47 -4.49 6.21
C ILE A 38 -8.26 -5.99 6.05
N GLN A 39 -7.02 -6.42 5.81
CA GLN A 39 -6.72 -7.83 5.61
C GLN A 39 -5.38 -8.18 6.29
N ILE A 40 -5.38 -9.24 7.11
CA ILE A 40 -4.19 -9.74 7.77
C ILE A 40 -4.05 -11.23 7.49
N PRO A 41 -3.46 -11.59 6.34
CA PRO A 41 -3.22 -12.96 5.97
C PRO A 41 -2.08 -13.55 6.78
N LEU A 42 -2.11 -14.87 7.01
CA LEU A 42 -1.11 -15.56 7.79
C LEU A 42 0.06 -16.02 6.90
N ASP A 43 1.08 -16.61 7.52
CA ASP A 43 2.21 -17.20 6.80
C ASP A 43 1.75 -18.54 6.21
N TYR A 44 0.67 -19.11 6.75
CA TYR A 44 0.10 -20.40 6.37
C TYR A 44 1.15 -21.52 6.42
N GLU A 45 2.20 -21.34 7.23
CA GLU A 45 3.16 -22.41 7.49
C GLU A 45 3.18 -22.71 8.98
N THR A 46 2.88 -21.69 9.80
CA THR A 46 2.74 -21.78 11.25
C THR A 46 1.53 -21.02 11.80
N GLU A 47 0.65 -20.58 10.89
CA GLU A 47 -0.59 -19.88 11.20
C GLU A 47 -0.38 -18.63 12.06
N LYS A 48 0.56 -17.76 11.66
CA LYS A 48 0.83 -16.50 12.36
C LYS A 48 1.05 -15.37 11.35
N HIS A 49 0.99 -14.13 11.83
CA HIS A 49 1.12 -12.93 11.02
C HIS A 49 2.49 -12.88 10.32
N ARG A 50 2.45 -12.86 8.99
CA ARG A 50 3.63 -12.95 8.12
C ARG A 50 4.44 -11.65 8.06
N GLY A 51 3.88 -10.53 8.55
CA GLY A 51 4.58 -9.26 8.50
C GLY A 51 4.15 -8.38 7.33
N PHE A 52 3.01 -8.69 6.68
CA PHE A 52 2.52 -7.91 5.56
C PHE A 52 1.00 -7.96 5.67
N ALA A 53 0.33 -7.04 4.97
CA ALA A 53 -1.11 -6.88 5.05
C ALA A 53 -1.64 -6.09 3.84
N PHE A 54 -2.96 -5.86 3.81
CA PHE A 54 -3.59 -5.06 2.77
C PHE A 54 -4.62 -4.11 3.36
N VAL A 55 -4.95 -3.05 2.62
CA VAL A 55 -5.90 -2.03 3.03
C VAL A 55 -6.79 -1.63 1.85
N GLU A 56 -8.04 -1.25 2.11
CA GLU A 56 -8.97 -0.82 1.09
C GLU A 56 -9.86 0.32 1.60
N PHE A 57 -10.27 1.20 0.70
CA PHE A 57 -10.98 2.44 1.04
C PHE A 57 -12.08 2.58 0.00
N GLU A 58 -13.02 3.49 0.28
CA GLU A 58 -14.10 3.82 -0.65
C GLU A 58 -13.68 4.98 -1.55
N LEU A 59 -12.39 5.34 -1.57
CA LEU A 59 -11.87 6.43 -2.38
C LEU A 59 -10.61 5.99 -3.10
N ALA A 60 -10.49 6.35 -4.38
CA ALA A 60 -9.33 6.01 -5.20
C ALA A 60 -8.20 7.03 -5.01
N GLU A 61 -8.55 8.26 -4.63
CA GLU A 61 -7.57 9.32 -4.44
C GLU A 61 -6.89 9.18 -3.08
N ASP A 62 -7.54 8.49 -2.13
CA ASP A 62 -6.99 8.26 -0.81
C ASP A 62 -5.85 7.23 -0.87
N ALA A 63 -6.07 6.18 -1.68
CA ALA A 63 -5.09 5.12 -1.83
C ALA A 63 -3.80 5.66 -2.46
N ALA A 64 -3.93 6.45 -3.54
CA ALA A 64 -2.77 7.02 -4.20
C ALA A 64 -2.04 8.02 -3.30
N ALA A 65 -2.77 8.68 -2.40
CA ALA A 65 -2.16 9.65 -1.50
C ALA A 65 -1.35 8.94 -0.43
N ALA A 66 -1.78 7.75 0.01
CA ALA A 66 -1.05 6.99 1.00
C ALA A 66 0.27 6.48 0.43
N ILE A 67 0.33 6.21 -0.88
CA ILE A 67 1.58 5.85 -1.52
C ILE A 67 2.52 7.06 -1.48
N ASP A 68 1.95 8.26 -1.67
CA ASP A 68 2.71 9.51 -1.65
C ASP A 68 3.13 9.99 -0.25
N ASN A 69 2.53 9.43 0.81
CA ASN A 69 2.79 9.89 2.18
C ASN A 69 3.24 8.80 3.15
N MET A 70 3.20 7.52 2.76
CA MET A 70 3.62 6.45 3.66
C MET A 70 4.52 5.41 3.00
N ASN A 71 4.88 5.58 1.74
CA ASN A 71 5.83 4.68 1.11
C ASN A 71 7.18 4.81 1.81
N GLU A 72 7.82 3.68 2.12
CA GLU A 72 9.09 3.66 2.84
C GLU A 72 9.05 4.43 4.16
N SER A 73 7.85 4.56 4.75
CA SER A 73 7.67 5.24 6.03
C SER A 73 8.01 4.28 7.17
N GLU A 74 7.71 4.67 8.42
CA GLU A 74 8.04 3.88 9.60
C GLU A 74 6.80 3.54 10.41
N LEU A 75 6.73 2.31 10.91
CA LEU A 75 5.64 1.80 11.75
C LEU A 75 6.25 0.88 12.81
N PHE A 76 5.79 1.01 14.06
CA PHE A 76 6.26 0.16 15.15
C PHE A 76 7.77 0.14 15.44
N GLY A 77 8.50 1.16 14.97
CA GLY A 77 9.92 1.30 15.27
C GLY A 77 10.82 0.86 14.13
N ARG A 78 10.25 0.58 12.96
CA ARG A 78 11.00 0.06 11.83
C ARG A 78 10.32 0.45 10.52
N THR A 79 11.10 0.44 9.43
CA THR A 79 10.59 0.80 8.11
C THR A 79 9.54 -0.15 7.53
N ILE A 80 8.62 0.39 6.73
CA ILE A 80 7.58 -0.39 6.08
C ILE A 80 7.46 0.00 4.62
N ARG A 81 6.54 -0.63 3.89
CA ARG A 81 6.29 -0.33 2.49
C ARG A 81 4.80 -0.11 2.27
N VAL A 82 4.45 0.74 1.30
CA VAL A 82 3.08 1.00 0.90
C VAL A 82 3.02 1.23 -0.60
N ASN A 83 2.23 0.42 -1.31
CA ASN A 83 2.08 0.52 -2.75
C ASN A 83 0.90 -0.33 -3.25
N LEU A 84 0.40 -0.07 -4.46
CA LEU A 84 -0.63 -0.92 -5.06
C LEU A 84 0.00 -2.25 -5.48
N ALA A 85 -0.82 -3.29 -5.60
CA ALA A 85 -0.33 -4.65 -5.83
C ALA A 85 0.47 -4.80 -7.12
N LYS A 86 1.52 -5.62 -7.06
CA LYS A 86 2.37 -5.99 -8.18
C LYS A 86 1.67 -6.98 -9.11
N PRO A 87 2.20 -7.22 -10.31
CA PRO A 87 1.61 -8.10 -11.30
C PRO A 87 1.59 -9.56 -10.82
N MET A 88 0.47 -9.95 -10.21
CA MET A 88 0.19 -11.31 -9.78
C MET A 88 -1.32 -11.43 -9.54
N ARG A 89 -1.83 -12.65 -9.30
CA ARG A 89 -3.22 -12.84 -8.99
C ARG A 89 -3.58 -12.09 -7.71
N ILE A 90 -4.56 -11.19 -7.81
CA ILE A 90 -5.04 -10.38 -6.70
C ILE A 90 -6.25 -11.06 -6.05
N LYS A 91 -6.79 -10.46 -4.99
CA LYS A 91 -7.92 -10.97 -4.21
C LYS A 91 -9.14 -11.41 -5.03
N GLU A 92 -9.16 -11.13 -6.34
CA GLU A 92 -10.25 -11.50 -7.22
C GLU A 92 -9.69 -11.90 -8.59
N GLY A 93 -10.57 -12.34 -9.50
CA GLY A 93 -10.18 -12.79 -10.84
C GLY A 93 -9.73 -11.60 -11.70
N SER A 94 -8.56 -11.05 -11.40
CA SER A 94 -7.99 -9.90 -12.09
C SER A 94 -6.47 -9.89 -11.91
N SER A 95 -5.78 -9.02 -12.66
CA SER A 95 -4.33 -8.89 -12.60
C SER A 95 -3.92 -7.44 -12.82
N ARG A 96 -2.70 -7.07 -12.41
CA ARG A 96 -2.21 -5.71 -12.43
C ARG A 96 -1.07 -5.54 -13.43
N PRO A 97 -0.81 -4.30 -13.89
CA PRO A 97 0.32 -3.97 -14.74
C PRO A 97 1.66 -4.27 -14.07
N VAL A 98 2.75 -4.02 -14.80
CA VAL A 98 4.10 -4.35 -14.38
C VAL A 98 4.57 -3.59 -13.13
N TRP A 99 4.11 -2.36 -12.91
CA TRP A 99 4.53 -1.56 -11.77
C TRP A 99 6.04 -1.45 -11.60
N SER A 100 6.72 -0.97 -12.65
CA SER A 100 8.15 -0.75 -12.64
C SER A 100 8.48 0.33 -11.61
N ASP A 101 9.24 -0.05 -10.59
CA ASP A 101 9.56 0.85 -9.49
C ASP A 101 10.49 2.01 -9.86
N ASP A 102 11.13 1.94 -11.02
CA ASP A 102 12.02 3.01 -11.44
C ASP A 102 11.31 4.32 -11.79
N ASP A 103 10.40 4.28 -12.76
CA ASP A 103 9.69 5.47 -13.20
C ASP A 103 8.50 5.86 -12.33
N TRP A 104 7.83 4.87 -11.74
CA TRP A 104 6.75 5.18 -10.81
C TRP A 104 7.27 5.85 -9.56
N LEU A 105 8.28 5.26 -8.91
CA LEU A 105 8.73 5.79 -7.64
C LEU A 105 9.59 7.04 -7.83
N LYS A 106 10.13 7.25 -9.03
CA LYS A 106 10.85 8.47 -9.36
C LYS A 106 9.90 9.66 -9.31
N LYS A 107 8.78 9.62 -10.04
CA LYS A 107 7.86 10.75 -10.07
C LYS A 107 7.06 10.85 -8.77
N PHE A 108 6.98 9.74 -8.01
CA PHE A 108 6.42 9.76 -6.67
C PHE A 108 7.34 10.30 -5.57
N SER A 109 8.64 10.38 -5.88
CA SER A 109 9.63 10.95 -4.96
C SER A 109 9.73 12.46 -5.14
N GLY A 110 9.47 12.94 -6.37
CA GLY A 110 9.48 14.36 -6.66
C GLY A 110 9.34 14.63 -8.16
N LYS A 111 9.16 15.91 -8.52
CA LYS A 111 9.03 16.32 -9.91
C LYS A 111 10.35 16.23 -10.66
N THR A 112 10.26 16.30 -11.99
CA THR A 112 11.41 16.06 -12.85
C THR A 112 12.60 17.02 -12.63
N LEU A 113 12.37 18.18 -12.03
CA LEU A 113 13.44 19.13 -11.77
C LEU A 113 14.35 18.67 -10.63
N GLU A 114 13.91 17.66 -9.86
CA GLU A 114 14.71 17.11 -8.78
C GLU A 114 15.74 16.11 -9.32
N GLU A 115 15.59 15.70 -10.58
CA GLU A 115 16.52 14.77 -11.21
C GLU A 115 17.81 15.48 -11.63
N ASN A 116 17.78 16.82 -11.67
CA ASN A 116 18.93 17.63 -12.06
C ASN A 116 20.03 17.57 -11.00
N LYS A 117 21.26 17.87 -11.43
CA LYS A 117 22.43 17.86 -10.55
C LYS A 117 23.52 18.77 -11.11
N ALA A 1 -1.09 12.05 -10.82
CA ALA A 1 -0.94 10.59 -10.69
C ALA A 1 0.21 10.09 -11.56
N GLY A 2 0.74 8.90 -11.24
CA GLY A 2 1.83 8.31 -12.00
C GLY A 2 1.32 7.49 -13.19
N HIS A 3 0.00 7.25 -13.24
CA HIS A 3 -0.68 6.54 -14.33
C HIS A 3 -0.01 5.22 -14.73
N MET A 4 0.70 4.58 -13.80
CA MET A 4 1.29 3.26 -14.06
C MET A 4 0.22 2.19 -14.24
N ALA A 5 -0.97 2.42 -13.70
CA ALA A 5 -2.04 1.45 -13.75
C ALA A 5 -3.38 2.11 -13.40
N THR A 6 -4.48 1.45 -13.80
CA THR A 6 -5.82 1.88 -13.43
C THR A 6 -6.27 1.38 -12.06
N THR A 7 -5.46 0.53 -11.43
CA THR A 7 -5.76 -0.04 -10.13
C THR A 7 -5.72 0.99 -9.01
N LYS A 8 -6.69 0.90 -8.09
CA LYS A 8 -6.86 1.78 -6.95
C LYS A 8 -7.60 1.05 -5.83
N ARG A 9 -7.65 1.68 -4.65
CA ARG A 9 -8.40 1.23 -3.48
C ARG A 9 -8.01 -0.18 -2.98
N VAL A 10 -6.80 -0.65 -3.26
CA VAL A 10 -6.35 -1.97 -2.81
C VAL A 10 -4.82 -1.97 -2.63
N LEU A 11 -4.36 -1.29 -1.59
CA LEU A 11 -2.94 -1.17 -1.29
C LEU A 11 -2.41 -2.42 -0.60
N TYR A 12 -1.13 -2.70 -0.86
CA TYR A 12 -0.32 -3.69 -0.19
C TYR A 12 0.60 -3.06 0.86
N VAL A 13 0.85 -3.76 1.96
CA VAL A 13 1.79 -3.31 2.97
C VAL A 13 2.74 -4.42 3.38
N GLY A 14 4.02 -4.09 3.55
CA GLY A 14 5.02 -5.08 3.93
C GLY A 14 6.04 -4.50 4.88
N GLY A 15 6.86 -5.37 5.47
CA GLY A 15 7.91 -4.97 6.41
C GLY A 15 7.35 -4.71 7.81
N LEU A 16 6.07 -5.01 8.04
CA LEU A 16 5.41 -4.76 9.31
C LEU A 16 6.03 -5.59 10.43
N ALA A 17 5.97 -5.07 11.65
CA ALA A 17 6.35 -5.81 12.85
C ALA A 17 5.28 -6.85 13.15
N GLU A 18 5.59 -7.83 14.02
CA GLU A 18 4.67 -8.91 14.35
C GLU A 18 3.54 -8.45 15.27
N GLU A 19 3.29 -7.14 15.37
CA GLU A 19 2.25 -6.59 16.23
C GLU A 19 1.39 -5.55 15.50
N VAL A 20 1.70 -5.24 14.23
CA VAL A 20 0.95 -4.29 13.43
C VAL A 20 -0.34 -4.88 12.86
N ASP A 21 -1.24 -5.30 13.76
CA ASP A 21 -2.52 -5.89 13.38
C ASP A 21 -3.49 -4.94 12.70
N ASP A 22 -4.68 -5.42 12.34
CA ASP A 22 -5.66 -4.65 11.59
C ASP A 22 -6.05 -3.33 12.24
N LYS A 23 -6.18 -3.30 13.57
CA LYS A 23 -6.53 -2.07 14.27
C LYS A 23 -5.37 -1.08 14.24
N VAL A 24 -4.14 -1.57 14.05
CA VAL A 24 -2.97 -0.72 13.98
C VAL A 24 -2.83 -0.07 12.61
N LEU A 25 -3.09 -0.83 11.55
CA LEU A 25 -3.06 -0.31 10.19
C LEU A 25 -4.28 0.57 9.94
N HIS A 26 -5.42 0.24 10.55
CA HIS A 26 -6.61 1.06 10.40
C HIS A 26 -6.37 2.45 10.97
N ALA A 27 -5.69 2.54 12.12
CA ALA A 27 -5.39 3.81 12.74
C ALA A 27 -4.24 4.52 12.02
N ALA A 28 -3.39 3.77 11.31
CA ALA A 28 -2.23 4.32 10.62
C ALA A 28 -2.56 4.76 9.19
N PHE A 29 -3.76 4.44 8.70
CA PHE A 29 -4.16 4.76 7.34
C PHE A 29 -5.47 5.54 7.16
N ILE A 30 -6.15 5.85 8.26
CA ILE A 30 -7.44 6.53 8.23
C ILE A 30 -7.37 8.05 8.02
N PRO A 31 -6.30 8.77 8.41
CA PRO A 31 -6.31 10.22 8.32
C PRO A 31 -6.19 10.73 6.89
N PHE A 32 -5.94 9.82 5.94
CA PHE A 32 -5.79 10.19 4.53
C PHE A 32 -7.12 10.18 3.79
N GLY A 33 -8.19 9.68 4.42
CA GLY A 33 -9.49 9.56 3.78
C GLY A 33 -10.45 8.69 4.62
N ASP A 34 -10.99 7.64 3.99
CA ASP A 34 -11.92 6.73 4.62
C ASP A 34 -11.68 5.25 4.28
N ILE A 35 -11.19 4.49 5.25
CA ILE A 35 -10.94 3.06 5.10
C ILE A 35 -12.27 2.29 5.05
N THR A 36 -12.28 1.12 4.42
CA THR A 36 -13.45 0.26 4.39
C THR A 36 -13.19 -1.23 4.59
N ASP A 37 -11.92 -1.66 4.52
CA ASP A 37 -11.56 -3.05 4.78
C ASP A 37 -10.05 -3.15 5.03
N ILE A 38 -9.63 -4.21 5.72
CA ILE A 38 -8.25 -4.50 6.07
C ILE A 38 -8.07 -6.02 6.08
N GLN A 39 -6.85 -6.51 5.81
CA GLN A 39 -6.53 -7.93 5.91
C GLN A 39 -5.16 -8.13 6.56
N ILE A 40 -5.07 -9.14 7.41
CA ILE A 40 -3.83 -9.55 8.07
C ILE A 40 -3.59 -11.04 7.80
N PRO A 41 -3.34 -11.43 6.54
CA PRO A 41 -3.13 -12.82 6.18
C PRO A 41 -1.90 -13.39 6.90
N LEU A 42 -1.99 -14.67 7.24
CA LEU A 42 -0.97 -15.38 8.00
C LEU A 42 0.18 -15.85 7.10
N ASP A 43 1.22 -16.42 7.72
CA ASP A 43 2.33 -17.02 6.99
C ASP A 43 1.87 -18.38 6.44
N TYR A 44 0.77 -18.92 7.00
CA TYR A 44 0.20 -20.22 6.66
C TYR A 44 1.27 -21.32 6.71
N GLU A 45 2.33 -21.12 7.50
CA GLU A 45 3.31 -22.16 7.76
C GLU A 45 3.35 -22.42 9.28
N THR A 46 3.05 -21.38 10.07
CA THR A 46 3.00 -21.43 11.53
C THR A 46 1.80 -20.72 12.13
N GLU A 47 0.83 -20.34 11.28
CA GLU A 47 -0.43 -19.72 11.68
C GLU A 47 -0.24 -18.41 12.45
N LYS A 48 0.69 -17.56 11.99
CA LYS A 48 0.94 -16.25 12.59
C LYS A 48 1.06 -15.18 11.50
N HIS A 49 0.87 -13.92 11.88
CA HIS A 49 0.94 -12.79 10.98
C HIS A 49 2.36 -12.64 10.41
N ARG A 50 2.48 -12.72 9.08
CA ARG A 50 3.75 -12.79 8.37
C ARG A 50 4.48 -11.44 8.29
N GLY A 51 3.83 -10.33 8.65
CA GLY A 51 4.47 -9.03 8.58
C GLY A 51 4.08 -8.26 7.31
N PHE A 52 2.96 -8.62 6.68
CA PHE A 52 2.49 -7.92 5.50
C PHE A 52 0.97 -7.92 5.63
N ALA A 53 0.31 -7.01 4.92
CA ALA A 53 -1.12 -6.79 5.03
C ALA A 53 -1.68 -6.06 3.80
N PHE A 54 -2.98 -5.76 3.82
CA PHE A 54 -3.63 -5.04 2.74
C PHE A 54 -4.58 -3.96 3.26
N VAL A 55 -4.82 -2.92 2.46
CA VAL A 55 -5.72 -1.83 2.82
C VAL A 55 -6.63 -1.46 1.65
N GLU A 56 -7.92 -1.23 1.95
CA GLU A 56 -8.91 -0.84 0.96
C GLU A 56 -9.77 0.29 1.51
N PHE A 57 -10.19 1.19 0.61
CA PHE A 57 -10.88 2.42 0.98
C PHE A 57 -12.06 2.53 0.03
N GLU A 58 -12.98 3.45 0.32
CA GLU A 58 -14.17 3.66 -0.51
C GLU A 58 -13.95 4.79 -1.53
N LEU A 59 -12.71 5.28 -1.64
CA LEU A 59 -12.37 6.37 -2.55
C LEU A 59 -10.94 6.20 -3.06
N ALA A 60 -10.72 6.54 -4.34
CA ALA A 60 -9.45 6.28 -5.00
C ALA A 60 -8.40 7.36 -4.73
N GLU A 61 -8.81 8.58 -4.38
CA GLU A 61 -7.86 9.65 -4.12
C GLU A 61 -7.12 9.41 -2.80
N ASP A 62 -7.72 8.61 -1.91
CA ASP A 62 -7.11 8.26 -0.64
C ASP A 62 -6.00 7.23 -0.84
N ALA A 63 -6.24 6.25 -1.72
CA ALA A 63 -5.28 5.20 -2.00
C ALA A 63 -4.01 5.78 -2.60
N ALA A 64 -4.16 6.70 -3.55
CA ALA A 64 -3.02 7.34 -4.20
C ALA A 64 -2.27 8.24 -3.23
N ALA A 65 -2.97 8.87 -2.28
CA ALA A 65 -2.34 9.75 -1.31
C ALA A 65 -1.59 8.92 -0.26
N ALA A 66 -2.07 7.72 0.07
CA ALA A 66 -1.39 6.87 1.03
C ALA A 66 -0.08 6.35 0.46
N ILE A 67 0.01 6.18 -0.87
CA ILE A 67 1.27 5.81 -1.49
C ILE A 67 2.24 6.99 -1.40
N ASP A 68 1.72 8.22 -1.52
CA ASP A 68 2.50 9.44 -1.43
C ASP A 68 2.91 9.85 -0.01
N ASN A 69 2.29 9.26 1.02
CA ASN A 69 2.53 9.66 2.41
C ASN A 69 2.89 8.53 3.36
N MET A 70 2.84 7.26 2.92
CA MET A 70 3.16 6.13 3.79
C MET A 70 4.15 5.16 3.15
N ASN A 71 4.53 5.36 1.89
CA ASN A 71 5.53 4.52 1.27
C ASN A 71 6.87 4.74 1.97
N GLU A 72 7.59 3.64 2.23
CA GLU A 72 8.86 3.67 2.95
C GLU A 72 8.76 4.36 4.32
N SER A 73 7.56 4.37 4.91
CA SER A 73 7.32 4.90 6.24
C SER A 73 7.81 3.90 7.29
N GLU A 74 7.55 4.16 8.57
CA GLU A 74 8.05 3.32 9.65
C GLU A 74 6.96 3.03 10.67
N LEU A 75 6.75 1.74 10.96
CA LEU A 75 5.78 1.26 11.95
C LEU A 75 6.53 0.39 12.95
N PHE A 76 6.19 0.51 14.24
CA PHE A 76 6.78 -0.34 15.27
C PHE A 76 8.30 -0.37 15.39
N GLY A 77 8.98 0.64 14.84
CA GLY A 77 10.43 0.76 14.92
C GLY A 77 11.15 0.16 13.71
N ARG A 78 10.44 -0.11 12.62
CA ARG A 78 11.03 -0.67 11.40
C ARG A 78 10.30 -0.16 10.16
N THR A 79 11.04 -0.09 9.06
CA THR A 79 10.52 0.38 7.77
C THR A 79 9.45 -0.50 7.13
N ILE A 80 8.56 0.11 6.34
CA ILE A 80 7.49 -0.60 5.65
C ILE A 80 7.47 -0.22 4.17
N ARG A 81 6.54 -0.82 3.43
CA ARG A 81 6.31 -0.50 2.02
C ARG A 81 4.81 -0.30 1.81
N VAL A 82 4.44 0.59 0.89
CA VAL A 82 3.04 0.85 0.55
C VAL A 82 2.92 1.05 -0.95
N ASN A 83 2.12 0.19 -1.61
CA ASN A 83 1.93 0.27 -3.05
C ASN A 83 0.79 -0.65 -3.51
N LEU A 84 0.17 -0.34 -4.66
CA LEU A 84 -0.88 -1.18 -5.20
C LEU A 84 -0.28 -2.49 -5.73
N ALA A 85 -1.08 -3.55 -5.76
CA ALA A 85 -0.63 -4.91 -6.02
C ALA A 85 0.11 -5.10 -7.35
N LYS A 86 1.09 -6.01 -7.34
CA LYS A 86 1.91 -6.43 -8.48
C LYS A 86 1.21 -7.52 -9.31
N PRO A 87 1.79 -7.96 -10.43
CA PRO A 87 1.16 -8.89 -11.38
C PRO A 87 0.69 -10.23 -10.81
N MET A 88 1.24 -10.70 -9.68
CA MET A 88 0.78 -11.96 -9.11
C MET A 88 -0.70 -11.80 -8.77
N ARG A 89 -1.53 -12.78 -9.14
CA ARG A 89 -2.97 -12.62 -9.06
C ARG A 89 -3.42 -12.25 -7.65
N ILE A 90 -4.20 -11.18 -7.58
CA ILE A 90 -4.75 -10.63 -6.35
C ILE A 90 -5.97 -11.45 -5.93
N LYS A 91 -6.57 -11.08 -4.79
CA LYS A 91 -7.73 -11.73 -4.17
C LYS A 91 -8.87 -12.05 -5.14
N GLU A 92 -8.86 -11.49 -6.35
CA GLU A 92 -9.88 -11.72 -7.35
C GLU A 92 -9.24 -11.64 -8.73
N GLY A 93 -9.88 -12.24 -9.75
CA GLY A 93 -9.34 -12.21 -11.09
C GLY A 93 -9.44 -10.79 -11.66
N SER A 94 -8.29 -10.18 -11.95
CA SER A 94 -8.25 -8.82 -12.49
C SER A 94 -6.88 -8.51 -13.12
N SER A 95 -5.82 -9.17 -12.64
CA SER A 95 -4.44 -8.98 -13.09
C SER A 95 -3.92 -7.55 -12.92
N ARG A 96 -2.60 -7.37 -12.97
CA ARG A 96 -1.94 -6.08 -12.76
C ARG A 96 -0.69 -5.95 -13.63
N PRO A 97 -0.32 -4.73 -14.02
CA PRO A 97 0.93 -4.44 -14.72
C PRO A 97 2.11 -4.58 -13.78
N VAL A 98 3.34 -4.50 -14.31
CA VAL A 98 4.55 -4.79 -13.56
C VAL A 98 4.90 -3.81 -12.43
N TRP A 99 4.37 -2.59 -12.46
CA TRP A 99 4.69 -1.58 -11.45
C TRP A 99 6.19 -1.33 -11.29
N SER A 100 6.81 -0.79 -12.36
CA SER A 100 8.23 -0.49 -12.37
C SER A 100 8.54 0.58 -11.32
N ASP A 101 9.24 0.16 -10.25
CA ASP A 101 9.52 1.03 -9.12
C ASP A 101 10.51 2.15 -9.37
N ASP A 102 11.26 2.09 -10.47
CA ASP A 102 12.22 3.15 -10.77
C ASP A 102 11.57 4.47 -11.15
N ASP A 103 10.75 4.47 -12.19
CA ASP A 103 10.09 5.69 -12.65
C ASP A 103 8.88 6.11 -11.84
N TRP A 104 8.08 5.14 -11.35
CA TRP A 104 6.94 5.48 -10.53
C TRP A 104 7.39 6.11 -9.22
N LEU A 105 8.44 5.57 -8.60
CA LEU A 105 8.85 6.08 -7.31
C LEU A 105 9.67 7.35 -7.44
N LYS A 106 10.26 7.60 -8.62
CA LYS A 106 10.95 8.85 -8.90
C LYS A 106 9.99 10.04 -8.86
N LYS A 107 8.83 9.92 -9.50
CA LYS A 107 7.87 11.01 -9.54
C LYS A 107 7.09 11.12 -8.23
N PHE A 108 7.02 10.04 -7.44
CA PHE A 108 6.44 10.09 -6.10
C PHE A 108 7.35 10.64 -5.01
N SER A 109 8.67 10.50 -5.18
CA SER A 109 9.65 11.03 -4.24
C SER A 109 10.04 12.46 -4.61
N GLY A 110 9.89 12.81 -5.89
CA GLY A 110 10.22 14.13 -6.39
C GLY A 110 9.14 15.15 -6.06
N LYS A 111 9.39 16.41 -6.45
CA LYS A 111 8.48 17.53 -6.18
C LYS A 111 8.39 18.46 -7.37
N THR A 112 7.39 19.32 -7.36
CA THR A 112 7.07 20.18 -8.50
C THR A 112 8.18 21.13 -8.94
N LEU A 113 9.14 21.41 -8.04
CA LEU A 113 10.27 22.27 -8.36
C LEU A 113 11.40 21.52 -9.09
N GLU A 114 11.21 20.22 -9.33
CA GLU A 114 12.17 19.40 -10.06
C GLU A 114 11.47 18.51 -11.10
N GLU A 115 10.14 18.39 -11.00
CA GLU A 115 9.30 17.67 -11.95
C GLU A 115 9.89 16.34 -12.41
N ASN A 116 10.44 15.56 -11.47
CA ASN A 116 11.08 14.28 -11.77
C ASN A 116 10.10 13.34 -12.47
N LYS A 117 10.62 12.51 -13.38
CA LYS A 117 9.84 11.54 -14.14
C LYS A 117 10.74 10.43 -14.66
N ALA A 1 -0.80 12.18 -6.31
CA ALA A 1 -1.69 11.23 -7.04
C ALA A 1 -0.89 10.37 -8.00
N GLY A 2 -1.49 9.26 -8.46
CA GLY A 2 -0.83 8.34 -9.37
C GLY A 2 -1.69 8.05 -10.59
N HIS A 3 -1.04 7.60 -11.67
CA HIS A 3 -1.68 7.32 -12.94
C HIS A 3 -0.91 6.24 -13.71
N MET A 4 -0.04 5.49 -13.03
CA MET A 4 0.75 4.44 -13.65
C MET A 4 -0.14 3.33 -14.20
N ALA A 5 -1.35 3.19 -13.66
CA ALA A 5 -2.29 2.15 -14.04
C ALA A 5 -3.68 2.47 -13.50
N THR A 6 -4.68 1.75 -13.99
CA THR A 6 -6.06 1.91 -13.55
C THR A 6 -6.37 1.33 -12.16
N THR A 7 -5.41 0.60 -11.59
CA THR A 7 -5.56 0.01 -10.26
C THR A 7 -5.56 1.07 -9.16
N LYS A 8 -6.57 1.03 -8.28
CA LYS A 8 -6.76 1.98 -7.20
C LYS A 8 -7.57 1.34 -6.07
N ARG A 9 -7.82 2.13 -5.00
CA ARG A 9 -8.55 1.72 -3.81
C ARG A 9 -8.00 0.48 -3.13
N VAL A 10 -6.71 0.17 -3.31
CA VAL A 10 -6.10 -1.00 -2.70
C VAL A 10 -4.64 -0.68 -2.40
N LEU A 11 -4.10 -1.23 -1.31
CA LEU A 11 -2.70 -1.04 -0.99
C LEU A 11 -2.14 -2.26 -0.26
N TYR A 12 -0.98 -2.71 -0.74
CA TYR A 12 -0.18 -3.71 -0.07
C TYR A 12 0.74 -3.09 0.98
N VAL A 13 0.94 -3.77 2.11
CA VAL A 13 1.85 -3.29 3.13
C VAL A 13 2.80 -4.38 3.58
N GLY A 14 4.09 -4.08 3.65
CA GLY A 14 5.10 -5.06 4.02
C GLY A 14 6.11 -4.51 5.01
N GLY A 15 6.89 -5.41 5.63
CA GLY A 15 7.89 -5.04 6.61
C GLY A 15 7.29 -4.77 7.98
N LEU A 16 6.02 -5.16 8.19
CA LEU A 16 5.33 -4.92 9.45
C LEU A 16 6.02 -5.59 10.62
N ALA A 17 5.88 -5.00 11.82
CA ALA A 17 6.42 -5.56 13.04
C ALA A 17 5.56 -6.73 13.51
N GLU A 18 6.12 -7.54 14.42
CA GLU A 18 5.48 -8.75 14.92
C GLU A 18 4.30 -8.45 15.87
N GLU A 19 3.83 -7.20 15.92
CA GLU A 19 2.73 -6.81 16.78
C GLU A 19 1.65 -6.06 15.99
N VAL A 20 1.87 -5.87 14.67
CA VAL A 20 0.92 -5.17 13.83
C VAL A 20 -0.24 -6.07 13.44
N ASP A 21 -1.46 -5.58 13.70
CA ASP A 21 -2.70 -6.27 13.41
C ASP A 21 -3.67 -5.37 12.64
N ASP A 22 -4.86 -5.88 12.32
CA ASP A 22 -5.81 -5.11 11.51
C ASP A 22 -6.23 -3.77 12.11
N LYS A 23 -6.26 -3.66 13.45
CA LYS A 23 -6.61 -2.41 14.10
C LYS A 23 -5.44 -1.43 14.11
N VAL A 24 -4.22 -1.93 13.94
CA VAL A 24 -3.04 -1.08 13.92
C VAL A 24 -2.96 -0.35 12.58
N LEU A 25 -3.24 -1.06 11.49
CA LEU A 25 -3.22 -0.48 10.15
C LEU A 25 -4.45 0.39 9.94
N HIS A 26 -5.58 0.06 10.57
CA HIS A 26 -6.77 0.87 10.46
C HIS A 26 -6.53 2.25 11.07
N ALA A 27 -5.79 2.31 12.18
CA ALA A 27 -5.49 3.58 12.82
C ALA A 27 -4.32 4.29 12.13
N ALA A 28 -3.49 3.55 11.40
CA ALA A 28 -2.32 4.11 10.73
C ALA A 28 -2.63 4.65 9.34
N PHE A 29 -3.80 4.33 8.79
CA PHE A 29 -4.17 4.74 7.43
C PHE A 29 -5.46 5.56 7.29
N ILE A 30 -6.15 5.80 8.40
CA ILE A 30 -7.42 6.52 8.39
C ILE A 30 -7.28 8.05 8.20
N PRO A 31 -6.18 8.70 8.59
CA PRO A 31 -6.04 10.15 8.46
C PRO A 31 -6.08 10.63 7.00
N PHE A 32 -5.80 9.74 6.04
CA PHE A 32 -5.72 10.11 4.64
C PHE A 32 -7.10 10.01 3.96
N GLY A 33 -8.05 9.31 4.59
CA GLY A 33 -9.38 9.12 4.04
C GLY A 33 -10.06 7.91 4.67
N ASP A 34 -11.36 7.75 4.40
CA ASP A 34 -12.15 6.70 5.02
C ASP A 34 -11.81 5.28 4.56
N ILE A 35 -11.35 4.45 5.50
CA ILE A 35 -11.05 3.05 5.24
C ILE A 35 -12.35 2.24 5.15
N THR A 36 -12.32 1.13 4.42
CA THR A 36 -13.47 0.24 4.33
C THR A 36 -13.15 -1.24 4.50
N ASP A 37 -11.87 -1.62 4.37
CA ASP A 37 -11.39 -2.99 4.57
C ASP A 37 -9.92 -3.10 4.95
N ILE A 38 -9.58 -4.19 5.65
CA ILE A 38 -8.23 -4.53 6.10
C ILE A 38 -8.10 -6.05 6.06
N GLN A 39 -6.89 -6.56 5.81
CA GLN A 39 -6.64 -7.99 5.80
C GLN A 39 -5.31 -8.29 6.47
N ILE A 40 -5.26 -9.36 7.26
CA ILE A 40 -4.04 -9.85 7.89
C ILE A 40 -3.88 -11.33 7.57
N PRO A 41 -3.41 -11.66 6.36
CA PRO A 41 -3.13 -13.03 5.95
C PRO A 41 -1.94 -13.57 6.75
N LEU A 42 -2.00 -14.86 7.08
CA LEU A 42 -1.01 -15.51 7.93
C LEU A 42 0.17 -16.01 7.12
N ASP A 43 1.18 -16.55 7.82
CA ASP A 43 2.35 -17.16 7.21
C ASP A 43 1.90 -18.48 6.58
N TYR A 44 0.77 -19.02 7.05
CA TYR A 44 0.19 -20.30 6.64
C TYR A 44 1.18 -21.46 6.76
N GLU A 45 2.18 -21.32 7.65
CA GLU A 45 3.07 -22.42 8.00
C GLU A 45 2.95 -22.69 9.50
N THR A 46 2.61 -21.65 10.27
CA THR A 46 2.37 -21.72 11.71
C THR A 46 1.15 -20.93 12.18
N GLU A 47 0.34 -20.46 11.22
CA GLU A 47 -0.88 -19.69 11.49
C GLU A 47 -0.63 -18.39 12.25
N LYS A 48 0.57 -17.81 12.10
CA LYS A 48 0.92 -16.53 12.72
C LYS A 48 0.91 -15.42 11.67
N HIS A 49 0.93 -14.17 12.13
CA HIS A 49 1.03 -13.01 11.25
C HIS A 49 2.38 -13.05 10.55
N ARG A 50 2.36 -12.94 9.22
CA ARG A 50 3.54 -13.16 8.38
C ARG A 50 4.44 -11.93 8.37
N GLY A 51 3.86 -10.73 8.47
CA GLY A 51 4.61 -9.49 8.38
C GLY A 51 4.16 -8.58 7.24
N PHE A 52 3.00 -8.86 6.63
CA PHE A 52 2.50 -8.04 5.54
C PHE A 52 0.97 -8.06 5.66
N ALA A 53 0.31 -7.13 4.97
CA ALA A 53 -1.13 -6.93 5.07
C ALA A 53 -1.65 -6.16 3.86
N PHE A 54 -2.97 -5.88 3.87
CA PHE A 54 -3.62 -5.11 2.82
C PHE A 54 -4.60 -4.08 3.39
N VAL A 55 -4.87 -3.03 2.60
CA VAL A 55 -5.80 -1.97 2.95
C VAL A 55 -6.68 -1.59 1.76
N GLU A 56 -7.92 -1.18 2.01
CA GLU A 56 -8.84 -0.74 0.98
C GLU A 56 -9.71 0.41 1.50
N PHE A 57 -10.16 1.28 0.58
CA PHE A 57 -10.87 2.50 0.94
C PHE A 57 -11.96 2.65 -0.14
N GLU A 58 -12.95 3.49 0.17
CA GLU A 58 -14.01 3.82 -0.78
C GLU A 58 -13.61 5.00 -1.67
N LEU A 59 -12.32 5.36 -1.68
CA LEU A 59 -11.80 6.47 -2.48
C LEU A 59 -10.52 6.05 -3.18
N ALA A 60 -10.40 6.42 -4.46
CA ALA A 60 -9.22 6.11 -5.26
C ALA A 60 -8.11 7.14 -5.03
N GLU A 61 -8.47 8.37 -4.66
CA GLU A 61 -7.50 9.42 -4.43
C GLU A 61 -6.84 9.26 -3.05
N ASP A 62 -7.50 8.54 -2.14
CA ASP A 62 -6.97 8.27 -0.82
C ASP A 62 -5.84 7.25 -0.90
N ALA A 63 -6.05 6.19 -1.69
CA ALA A 63 -5.05 5.14 -1.84
C ALA A 63 -3.79 5.70 -2.49
N ALA A 64 -3.96 6.55 -3.53
CA ALA A 64 -2.83 7.16 -4.20
C ALA A 64 -2.11 8.15 -3.31
N ALA A 65 -2.82 8.79 -2.37
CA ALA A 65 -2.20 9.73 -1.45
C ALA A 65 -1.41 9.01 -0.37
N ALA A 66 -1.82 7.80 0.00
CA ALA A 66 -1.07 7.01 0.97
C ALA A 66 0.25 6.54 0.36
N ILE A 67 0.31 6.32 -0.96
CA ILE A 67 1.58 6.05 -1.61
C ILE A 67 2.47 7.29 -1.53
N ASP A 68 1.85 8.48 -1.64
CA ASP A 68 2.53 9.77 -1.44
C ASP A 68 2.91 10.14 -0.01
N ASN A 69 2.37 9.46 1.00
CA ASN A 69 2.61 9.84 2.39
C ASN A 69 2.97 8.69 3.34
N MET A 70 2.94 7.43 2.87
CA MET A 70 3.23 6.28 3.71
C MET A 70 4.21 5.31 3.06
N ASN A 71 4.61 5.55 1.82
CA ASN A 71 5.60 4.72 1.16
C ASN A 71 6.95 4.90 1.88
N GLU A 72 7.64 3.78 2.15
CA GLU A 72 8.90 3.79 2.88
C GLU A 72 8.80 4.50 4.23
N SER A 73 7.59 4.58 4.79
CA SER A 73 7.35 5.18 6.10
C SER A 73 7.79 4.22 7.20
N GLU A 74 7.51 4.54 8.46
CA GLU A 74 7.96 3.75 9.59
C GLU A 74 6.80 3.44 10.54
N LEU A 75 6.68 2.17 10.94
CA LEU A 75 5.66 1.67 11.86
C LEU A 75 6.36 0.80 12.90
N PHE A 76 5.95 0.89 14.16
CA PHE A 76 6.52 0.07 15.23
C PHE A 76 8.04 0.12 15.42
N GLY A 77 8.69 1.16 14.89
CA GLY A 77 10.12 1.34 15.03
C GLY A 77 10.91 0.75 13.87
N ARG A 78 10.24 0.39 12.78
CA ARG A 78 10.89 -0.18 11.59
C ARG A 78 10.19 0.25 10.31
N THR A 79 10.94 0.26 9.21
CA THR A 79 10.42 0.66 7.91
C THR A 79 9.34 -0.24 7.33
N ILE A 80 8.40 0.34 6.58
CA ILE A 80 7.33 -0.39 5.91
C ILE A 80 7.18 0.10 4.48
N ARG A 81 6.56 -0.72 3.63
CA ARG A 81 6.32 -0.37 2.23
C ARG A 81 4.83 -0.21 1.99
N VAL A 82 4.46 0.70 1.08
CA VAL A 82 3.07 0.93 0.71
C VAL A 82 2.98 1.13 -0.79
N ASN A 83 2.18 0.31 -1.47
CA ASN A 83 2.01 0.39 -2.92
C ASN A 83 0.84 -0.48 -3.39
N LEU A 84 0.28 -0.19 -4.57
CA LEU A 84 -0.77 -1.00 -5.16
C LEU A 84 -0.17 -2.34 -5.62
N ALA A 85 -1.00 -3.38 -5.70
CA ALA A 85 -0.55 -4.75 -5.91
C ALA A 85 0.23 -4.94 -7.21
N LYS A 86 1.19 -5.87 -7.18
CA LYS A 86 2.01 -6.28 -8.30
C LYS A 86 1.27 -7.32 -9.18
N PRO A 87 1.86 -7.74 -10.32
CA PRO A 87 1.22 -8.61 -11.31
C PRO A 87 0.63 -9.93 -10.80
N MET A 88 1.08 -10.45 -9.65
CA MET A 88 0.57 -11.71 -9.14
C MET A 88 -0.93 -11.57 -8.85
N ARG A 89 -1.68 -12.68 -8.94
CA ARG A 89 -3.13 -12.68 -8.82
C ARG A 89 -3.59 -11.98 -7.54
N ILE A 90 -4.46 -10.98 -7.70
CA ILE A 90 -4.99 -10.18 -6.60
C ILE A 90 -6.29 -10.79 -6.07
N LYS A 91 -6.85 -10.16 -5.03
CA LYS A 91 -8.01 -10.62 -4.26
C LYS A 91 -9.24 -11.04 -5.07
N GLU A 92 -9.27 -10.78 -6.39
CA GLU A 92 -10.44 -11.06 -7.20
C GLU A 92 -10.09 -11.79 -8.50
N GLY A 93 -8.92 -12.44 -8.53
CA GLY A 93 -8.47 -13.22 -9.68
C GLY A 93 -7.91 -12.35 -10.81
N SER A 94 -7.98 -11.02 -10.65
CA SER A 94 -7.48 -10.08 -11.64
C SER A 94 -5.95 -9.99 -11.55
N SER A 95 -5.33 -9.33 -12.53
CA SER A 95 -3.89 -9.15 -12.58
C SER A 95 -3.55 -7.67 -12.84
N ARG A 96 -2.32 -7.27 -12.51
CA ARG A 96 -1.87 -5.89 -12.58
C ARG A 96 -0.68 -5.76 -13.54
N PRO A 97 -0.41 -4.56 -14.04
CA PRO A 97 0.77 -4.27 -14.84
C PRO A 97 2.03 -4.42 -13.99
N VAL A 98 3.20 -4.29 -14.62
CA VAL A 98 4.48 -4.58 -13.98
C VAL A 98 4.86 -3.68 -12.80
N TRP A 99 4.32 -2.47 -12.72
CA TRP A 99 4.66 -1.53 -11.65
C TRP A 99 6.16 -1.30 -11.50
N SER A 100 6.78 -0.68 -12.52
CA SER A 100 8.19 -0.35 -12.48
C SER A 100 8.46 0.64 -11.36
N ASP A 101 9.23 0.22 -10.36
CA ASP A 101 9.55 1.11 -9.26
C ASP A 101 10.46 2.26 -9.66
N ASP A 102 11.08 2.18 -10.85
CA ASP A 102 11.95 3.24 -11.31
C ASP A 102 11.20 4.51 -11.69
N ASP A 103 10.25 4.42 -12.62
CA ASP A 103 9.55 5.60 -13.11
C ASP A 103 8.43 6.07 -12.19
N TRP A 104 7.72 5.13 -11.57
CA TRP A 104 6.65 5.48 -10.65
C TRP A 104 7.21 6.09 -9.37
N LEU A 105 8.29 5.54 -8.81
CA LEU A 105 8.76 6.05 -7.54
C LEU A 105 9.59 7.32 -7.72
N LYS A 106 10.12 7.55 -8.93
CA LYS A 106 10.80 8.82 -9.22
C LYS A 106 9.83 9.99 -9.31
N LYS A 107 8.63 9.79 -9.87
CA LYS A 107 7.65 10.87 -9.94
C LYS A 107 6.95 11.04 -8.60
N PHE A 108 6.90 9.99 -7.78
CA PHE A 108 6.42 10.08 -6.40
C PHE A 108 7.41 10.69 -5.41
N SER A 109 8.71 10.65 -5.74
CA SER A 109 9.75 11.23 -4.91
C SER A 109 10.02 12.68 -5.29
N GLY A 110 9.63 13.08 -6.51
CA GLY A 110 9.82 14.44 -6.99
C GLY A 110 8.83 15.42 -6.38
N LYS A 111 9.07 16.72 -6.60
CA LYS A 111 8.24 17.80 -6.07
C LYS A 111 8.38 19.06 -6.91
N THR A 112 7.59 20.08 -6.59
CA THR A 112 7.57 21.34 -7.31
C THR A 112 7.25 22.56 -6.43
N LEU A 113 7.25 22.37 -5.11
CA LEU A 113 6.82 23.40 -4.18
C LEU A 113 7.72 24.64 -4.18
N GLU A 114 8.95 24.55 -4.71
CA GLU A 114 9.81 25.73 -4.82
C GLU A 114 9.42 26.59 -6.02
N GLU A 115 8.73 26.01 -7.00
CA GLU A 115 8.30 26.72 -8.20
C GLU A 115 7.00 27.48 -7.93
N ASN A 116 6.26 27.07 -6.90
CA ASN A 116 5.00 27.70 -6.53
C ASN A 116 5.21 28.98 -5.72
N LYS A 117 6.46 29.28 -5.37
CA LYS A 117 6.80 30.47 -4.59
C LYS A 117 6.64 31.74 -5.43
N ALA A 1 -0.51 12.60 -10.46
CA ALA A 1 0.22 11.47 -9.87
C ALA A 1 -0.66 10.23 -9.77
N GLY A 2 -0.04 9.05 -9.64
CA GLY A 2 -0.76 7.79 -9.53
C GLY A 2 -1.40 7.37 -10.85
N HIS A 3 -1.02 8.04 -11.94
CA HIS A 3 -1.59 7.79 -13.26
C HIS A 3 -0.90 6.63 -13.99
N MET A 4 -0.17 5.76 -13.28
CA MET A 4 0.47 4.61 -13.92
C MET A 4 -0.59 3.67 -14.49
N ALA A 5 -1.78 3.66 -13.88
CA ALA A 5 -2.90 2.85 -14.33
C ALA A 5 -4.16 3.25 -13.57
N THR A 6 -5.28 2.63 -13.95
CA THR A 6 -6.57 2.83 -13.28
C THR A 6 -6.73 2.13 -11.94
N THR A 7 -5.76 1.29 -11.54
CA THR A 7 -5.84 0.55 -10.29
C THR A 7 -5.63 1.40 -9.05
N LYS A 8 -6.54 1.25 -8.07
CA LYS A 8 -6.56 2.02 -6.83
C LYS A 8 -7.31 1.23 -5.75
N ARG A 9 -7.36 1.80 -4.54
CA ARG A 9 -8.11 1.31 -3.38
C ARG A 9 -7.75 -0.11 -2.94
N VAL A 10 -6.54 -0.60 -3.22
CA VAL A 10 -6.10 -1.92 -2.80
C VAL A 10 -4.60 -1.90 -2.51
N LEU A 11 -4.23 -1.18 -1.45
CA LEU A 11 -2.83 -0.99 -1.10
C LEU A 11 -2.23 -2.21 -0.40
N TYR A 12 -1.05 -2.60 -0.86
CA TYR A 12 -0.20 -3.58 -0.22
C TYR A 12 0.70 -2.92 0.80
N VAL A 13 0.94 -3.58 1.94
CA VAL A 13 1.90 -3.09 2.92
C VAL A 13 2.76 -4.23 3.45
N GLY A 14 4.02 -3.94 3.76
CA GLY A 14 4.96 -4.96 4.18
C GLY A 14 6.01 -4.42 5.15
N GLY A 15 6.80 -5.33 5.72
CA GLY A 15 7.84 -4.97 6.68
C GLY A 15 7.26 -4.71 8.07
N LEU A 16 5.99 -5.06 8.29
CA LEU A 16 5.30 -4.79 9.53
C LEU A 16 5.95 -5.52 10.72
N ALA A 17 5.76 -4.96 11.91
CA ALA A 17 6.23 -5.58 13.15
C ALA A 17 5.30 -6.73 13.55
N GLU A 18 5.68 -7.45 14.60
CA GLU A 18 4.95 -8.62 15.07
C GLU A 18 3.64 -8.26 15.78
N GLU A 19 3.26 -6.98 15.78
CA GLU A 19 2.09 -6.51 16.51
C GLU A 19 1.20 -5.58 15.68
N VAL A 20 1.53 -5.36 14.40
CA VAL A 20 0.76 -4.50 13.53
C VAL A 20 -0.50 -5.15 12.97
N ASP A 21 -1.41 -5.55 13.87
CA ASP A 21 -2.66 -6.22 13.51
C ASP A 21 -3.65 -5.27 12.83
N ASP A 22 -4.84 -5.77 12.48
CA ASP A 22 -5.81 -5.01 11.71
C ASP A 22 -6.20 -3.67 12.31
N LYS A 23 -6.30 -3.59 13.64
CA LYS A 23 -6.68 -2.34 14.31
C LYS A 23 -5.57 -1.31 14.23
N VAL A 24 -4.32 -1.76 14.04
CA VAL A 24 -3.18 -0.85 13.95
C VAL A 24 -3.12 -0.21 12.57
N LEU A 25 -3.41 -0.98 11.52
CA LEU A 25 -3.41 -0.47 10.16
C LEU A 25 -4.65 0.38 9.94
N HIS A 26 -5.75 0.06 10.61
CA HIS A 26 -6.98 0.84 10.52
C HIS A 26 -6.76 2.22 11.14
N ALA A 27 -5.92 2.30 12.19
CA ALA A 27 -5.62 3.57 12.84
C ALA A 27 -4.48 4.30 12.15
N ALA A 28 -3.63 3.58 11.41
CA ALA A 28 -2.46 4.18 10.76
C ALA A 28 -2.77 4.74 9.37
N PHE A 29 -3.91 4.35 8.77
CA PHE A 29 -4.27 4.77 7.42
C PHE A 29 -5.56 5.58 7.28
N ILE A 30 -6.28 5.78 8.38
CA ILE A 30 -7.55 6.51 8.38
C ILE A 30 -7.40 8.03 8.21
N PRO A 31 -6.30 8.68 8.63
CA PRO A 31 -6.15 10.12 8.50
C PRO A 31 -6.18 10.63 7.05
N PHE A 32 -5.92 9.74 6.09
CA PHE A 32 -5.83 10.11 4.68
C PHE A 32 -7.21 10.00 3.99
N GLY A 33 -8.16 9.29 4.61
CA GLY A 33 -9.48 9.10 4.05
C GLY A 33 -10.16 7.87 4.65
N ASP A 34 -11.45 7.70 4.37
CA ASP A 34 -12.24 6.63 4.96
C ASP A 34 -11.88 5.22 4.51
N ILE A 35 -11.45 4.38 5.46
CA ILE A 35 -11.14 2.98 5.22
C ILE A 35 -12.43 2.17 5.12
N THR A 36 -12.37 1.03 4.42
CA THR A 36 -13.53 0.14 4.29
C THR A 36 -13.24 -1.35 4.49
N ASP A 37 -11.96 -1.76 4.48
CA ASP A 37 -11.60 -3.15 4.74
C ASP A 37 -10.12 -3.23 5.10
N ILE A 38 -9.73 -4.30 5.78
CA ILE A 38 -8.35 -4.59 6.20
C ILE A 38 -8.11 -6.08 6.08
N GLN A 39 -6.84 -6.48 5.89
CA GLN A 39 -6.47 -7.88 5.77
C GLN A 39 -5.16 -8.19 6.50
N ILE A 40 -5.16 -9.25 7.32
CA ILE A 40 -4.00 -9.72 8.05
C ILE A 40 -3.81 -11.21 7.79
N PRO A 41 -3.40 -11.58 6.57
CA PRO A 41 -3.19 -12.97 6.20
C PRO A 41 -1.99 -13.56 6.94
N LEU A 42 -2.02 -14.88 7.12
CA LEU A 42 -0.98 -15.62 7.83
C LEU A 42 0.18 -15.97 6.91
N ASP A 43 1.20 -16.64 7.47
CA ASP A 43 2.33 -17.16 6.71
C ASP A 43 1.91 -18.51 6.11
N TYR A 44 0.80 -19.07 6.61
CA TYR A 44 0.25 -20.39 6.28
C TYR A 44 1.32 -21.48 6.35
N GLU A 45 2.39 -21.25 7.13
CA GLU A 45 3.36 -22.30 7.42
C GLU A 45 3.45 -22.56 8.92
N THR A 46 3.14 -21.53 9.71
CA THR A 46 3.14 -21.59 11.18
C THR A 46 1.94 -20.90 11.84
N GLU A 47 0.96 -20.50 11.03
CA GLU A 47 -0.29 -19.88 11.49
C GLU A 47 -0.06 -18.60 12.29
N LYS A 48 0.81 -17.70 11.79
CA LYS A 48 1.08 -16.41 12.43
C LYS A 48 1.19 -15.32 11.36
N HIS A 49 1.09 -14.06 11.78
CA HIS A 49 1.13 -12.92 10.87
C HIS A 49 2.48 -12.84 10.14
N ARG A 50 2.43 -12.89 8.81
CA ARG A 50 3.60 -12.88 7.94
C ARG A 50 4.31 -11.53 7.92
N GLY A 51 3.74 -10.51 8.54
CA GLY A 51 4.34 -9.18 8.61
C GLY A 51 4.00 -8.32 7.39
N PHE A 52 2.86 -8.59 6.75
CA PHE A 52 2.42 -7.82 5.60
C PHE A 52 0.90 -7.86 5.66
N ALA A 53 0.25 -6.95 4.94
CA ALA A 53 -1.18 -6.77 5.00
C ALA A 53 -1.70 -6.01 3.77
N PHE A 54 -3.02 -5.78 3.72
CA PHE A 54 -3.65 -5.03 2.65
C PHE A 54 -4.70 -4.08 3.20
N VAL A 55 -4.99 -3.00 2.46
CA VAL A 55 -5.97 -2.00 2.85
C VAL A 55 -6.83 -1.57 1.65
N GLU A 56 -8.12 -1.38 1.89
CA GLU A 56 -9.05 -0.88 0.88
C GLU A 56 -9.89 0.26 1.47
N PHE A 57 -10.31 1.18 0.60
CA PHE A 57 -11.02 2.40 1.00
C PHE A 57 -12.14 2.54 -0.03
N GLU A 58 -13.07 3.46 0.22
CA GLU A 58 -14.19 3.71 -0.69
C GLU A 58 -13.91 4.88 -1.63
N LEU A 59 -12.66 5.38 -1.63
CA LEU A 59 -12.25 6.49 -2.48
C LEU A 59 -10.81 6.30 -2.92
N ALA A 60 -10.53 6.63 -4.19
CA ALA A 60 -9.25 6.35 -4.81
C ALA A 60 -8.21 7.43 -4.56
N GLU A 61 -8.64 8.68 -4.29
CA GLU A 61 -7.70 9.76 -4.05
C GLU A 61 -6.97 9.54 -2.73
N ASP A 62 -7.58 8.78 -1.82
CA ASP A 62 -6.98 8.43 -0.55
C ASP A 62 -5.84 7.43 -0.71
N ALA A 63 -6.08 6.38 -1.50
CA ALA A 63 -5.10 5.34 -1.71
C ALA A 63 -3.85 5.89 -2.40
N ALA A 64 -4.04 6.78 -3.37
CA ALA A 64 -2.93 7.38 -4.08
C ALA A 64 -2.13 8.30 -3.14
N ALA A 65 -2.80 8.96 -2.20
CA ALA A 65 -2.13 9.83 -1.25
C ALA A 65 -1.32 9.03 -0.23
N ALA A 66 -1.79 7.83 0.13
CA ALA A 66 -1.08 6.99 1.08
C ALA A 66 0.24 6.49 0.48
N ILE A 67 0.29 6.27 -0.83
CA ILE A 67 1.55 5.90 -1.48
C ILE A 67 2.52 7.07 -1.43
N ASP A 68 2.00 8.29 -1.62
CA ASP A 68 2.79 9.51 -1.58
C ASP A 68 3.21 9.95 -0.17
N ASN A 69 2.60 9.40 0.89
CA ASN A 69 2.86 9.85 2.26
C ASN A 69 3.28 8.74 3.22
N MET A 70 3.27 7.47 2.81
CA MET A 70 3.67 6.39 3.70
C MET A 70 4.58 5.35 3.03
N ASN A 71 4.95 5.54 1.76
CA ASN A 71 5.89 4.64 1.14
C ASN A 71 7.24 4.76 1.83
N GLU A 72 7.88 3.62 2.12
CA GLU A 72 9.15 3.57 2.83
C GLU A 72 9.11 4.30 4.17
N SER A 73 7.92 4.45 4.75
CA SER A 73 7.74 5.12 6.03
C SER A 73 8.04 4.16 7.18
N GLU A 74 7.67 4.52 8.41
CA GLU A 74 7.99 3.72 9.59
C GLU A 74 6.74 3.45 10.44
N LEU A 75 6.65 2.22 10.96
CA LEU A 75 5.58 1.77 11.83
C LEU A 75 6.18 0.87 12.91
N PHE A 76 5.72 1.00 14.17
CA PHE A 76 6.22 0.17 15.26
C PHE A 76 7.73 0.16 15.52
N GLY A 77 8.43 1.19 15.03
CA GLY A 77 9.86 1.34 15.29
C GLY A 77 10.72 0.72 14.19
N ARG A 78 10.12 0.37 13.05
CA ARG A 78 10.83 -0.23 11.93
C ARG A 78 10.21 0.21 10.60
N THR A 79 11.02 0.21 9.55
CA THR A 79 10.58 0.60 8.22
C THR A 79 9.51 -0.30 7.60
N ILE A 80 8.62 0.28 6.80
CA ILE A 80 7.55 -0.46 6.13
C ILE A 80 7.46 -0.05 4.66
N ARG A 81 6.54 -0.68 3.92
CA ARG A 81 6.31 -0.37 2.52
C ARG A 81 4.82 -0.12 2.28
N VAL A 82 4.51 0.75 1.31
CA VAL A 82 3.14 1.03 0.90
C VAL A 82 3.09 1.27 -0.61
N ASN A 83 2.31 0.45 -1.32
CA ASN A 83 2.14 0.56 -2.76
C ASN A 83 0.99 -0.34 -3.22
N LEU A 84 0.43 -0.10 -4.42
CA LEU A 84 -0.63 -0.97 -4.96
C LEU A 84 -0.01 -2.30 -5.41
N ALA A 85 -0.81 -3.37 -5.41
CA ALA A 85 -0.32 -4.72 -5.66
C ALA A 85 0.38 -4.86 -7.01
N LYS A 86 1.44 -5.67 -7.02
CA LYS A 86 2.25 -6.00 -8.19
C LYS A 86 1.51 -6.96 -9.13
N PRO A 87 2.00 -7.16 -10.35
CA PRO A 87 1.37 -8.02 -11.36
C PRO A 87 1.34 -9.48 -10.92
N MET A 88 0.20 -9.89 -10.38
CA MET A 88 -0.12 -11.26 -9.98
C MET A 88 -1.63 -11.31 -9.73
N ARG A 89 -2.20 -12.50 -9.57
CA ARG A 89 -3.61 -12.61 -9.22
C ARG A 89 -3.81 -12.08 -7.80
N ILE A 90 -4.98 -11.47 -7.57
CA ILE A 90 -5.32 -10.77 -6.34
C ILE A 90 -6.75 -11.15 -5.94
N LYS A 91 -7.22 -10.63 -4.81
CA LYS A 91 -8.53 -10.91 -4.23
C LYS A 91 -9.73 -10.58 -5.13
N GLU A 92 -9.50 -10.17 -6.38
CA GLU A 92 -10.57 -9.88 -7.33
C GLU A 92 -10.12 -10.26 -8.74
N GLY A 93 -11.01 -10.14 -9.73
CA GLY A 93 -10.75 -10.59 -11.09
C GLY A 93 -9.62 -9.82 -11.78
N SER A 94 -9.09 -8.78 -11.15
CA SER A 94 -7.98 -8.00 -11.70
C SER A 94 -6.66 -8.78 -11.60
N SER A 95 -5.63 -8.28 -12.29
CA SER A 95 -4.30 -8.89 -12.30
C SER A 95 -3.19 -7.86 -12.14
N ARG A 96 -3.57 -6.58 -11.98
CA ARG A 96 -2.68 -5.44 -11.86
C ARG A 96 -1.77 -5.23 -13.08
N PRO A 97 -1.35 -3.98 -13.34
CA PRO A 97 -0.34 -3.66 -14.33
C PRO A 97 1.04 -4.05 -13.80
N VAL A 98 2.10 -3.77 -14.57
CA VAL A 98 3.45 -4.23 -14.22
C VAL A 98 4.11 -3.54 -13.02
N TRP A 99 3.68 -2.32 -12.68
CA TRP A 99 4.24 -1.58 -11.55
C TRP A 99 5.77 -1.48 -11.55
N SER A 100 6.33 -0.94 -12.64
CA SER A 100 7.76 -0.73 -12.74
C SER A 100 8.21 0.32 -11.73
N ASP A 101 8.97 -0.11 -10.72
CA ASP A 101 9.37 0.75 -9.62
C ASP A 101 10.38 1.84 -9.96
N ASP A 102 11.01 1.76 -11.13
CA ASP A 102 11.96 2.79 -11.53
C ASP A 102 11.32 4.14 -11.85
N ASP A 103 10.39 4.16 -12.80
CA ASP A 103 9.74 5.40 -13.20
C ASP A 103 8.64 5.84 -12.24
N TRP A 104 7.84 4.89 -11.73
CA TRP A 104 6.77 5.22 -10.81
C TRP A 104 7.31 5.78 -9.51
N LEU A 105 8.35 5.18 -8.93
CA LEU A 105 8.83 5.67 -7.65
C LEU A 105 9.71 6.90 -7.84
N LYS A 106 10.25 7.11 -9.05
CA LYS A 106 10.95 8.33 -9.38
C LYS A 106 10.00 9.52 -9.37
N LYS A 107 8.82 9.40 -10.01
CA LYS A 107 7.89 10.52 -10.08
C LYS A 107 7.16 10.72 -8.74
N PHE A 108 7.10 9.69 -7.89
CA PHE A 108 6.62 9.84 -6.52
C PHE A 108 7.62 10.44 -5.54
N SER A 109 8.91 10.39 -5.87
CA SER A 109 9.96 10.95 -5.04
C SER A 109 10.24 12.40 -5.40
N GLY A 110 9.87 12.84 -6.61
CA GLY A 110 10.10 14.21 -7.04
C GLY A 110 10.02 14.32 -8.56
N LYS A 111 10.69 15.34 -9.10
CA LYS A 111 10.81 15.57 -10.53
C LYS A 111 11.59 14.43 -11.21
N THR A 112 11.63 14.45 -12.54
CA THR A 112 12.40 13.49 -13.31
C THR A 112 13.21 14.17 -14.41
N LEU A 113 12.59 15.10 -15.15
CA LEU A 113 13.20 15.95 -16.16
C LEU A 113 14.22 15.25 -17.08
N GLU A 114 14.09 13.93 -17.25
CA GLU A 114 15.05 13.15 -18.04
C GLU A 114 16.49 13.27 -17.52
N GLU A 115 16.65 13.43 -16.20
CA GLU A 115 17.96 13.56 -15.57
C GLU A 115 18.78 12.28 -15.65
N ASN A 116 18.19 11.19 -16.15
CA ASN A 116 18.85 9.91 -16.28
C ASN A 116 19.93 9.94 -17.37
N LYS A 117 20.88 9.01 -17.30
CA LYS A 117 21.97 8.90 -18.26
C LYS A 117 22.46 7.46 -18.34
N ALA A 1 2.42 12.83 -11.10
CA ALA A 1 2.74 12.07 -12.32
C ALA A 1 2.44 10.58 -12.13
N GLY A 2 2.32 9.84 -13.24
CA GLY A 2 2.04 8.42 -13.21
C GLY A 2 1.79 7.88 -14.61
N HIS A 3 1.70 6.55 -14.72
CA HIS A 3 1.51 5.87 -15.99
C HIS A 3 0.81 4.52 -15.81
N MET A 4 0.53 4.14 -14.56
CA MET A 4 -0.17 2.90 -14.26
C MET A 4 -1.66 3.06 -14.57
N ALA A 5 -2.38 1.93 -14.67
CA ALA A 5 -3.80 1.92 -14.98
C ALA A 5 -4.62 2.57 -13.87
N THR A 6 -5.93 2.73 -14.13
CA THR A 6 -6.86 3.36 -13.20
C THR A 6 -7.12 2.59 -11.90
N THR A 7 -6.37 1.52 -11.63
CA THR A 7 -6.54 0.75 -10.41
C THR A 7 -6.21 1.56 -9.16
N LYS A 8 -7.12 1.55 -8.19
CA LYS A 8 -7.03 2.33 -6.96
C LYS A 8 -7.82 1.65 -5.84
N ARG A 9 -8.00 2.35 -4.72
CA ARG A 9 -8.73 1.89 -3.54
C ARG A 9 -8.18 0.60 -2.94
N VAL A 10 -6.89 0.31 -3.16
CA VAL A 10 -6.27 -0.88 -2.61
C VAL A 10 -4.81 -0.56 -2.36
N LEU A 11 -4.21 -1.08 -1.29
CA LEU A 11 -2.81 -0.86 -1.01
C LEU A 11 -2.18 -2.04 -0.30
N TYR A 12 -1.03 -2.47 -0.82
CA TYR A 12 -0.16 -3.44 -0.18
C TYR A 12 0.75 -2.78 0.84
N VAL A 13 1.00 -3.43 1.97
CA VAL A 13 1.95 -2.94 2.95
C VAL A 13 2.82 -4.06 3.48
N GLY A 14 4.08 -3.75 3.77
CA GLY A 14 5.04 -4.74 4.24
C GLY A 14 6.05 -4.15 5.20
N GLY A 15 6.84 -5.02 5.83
CA GLY A 15 7.87 -4.63 6.79
C GLY A 15 7.28 -4.36 8.17
N LEU A 16 6.03 -4.76 8.40
CA LEU A 16 5.33 -4.50 9.65
C LEU A 16 6.00 -5.19 10.83
N ALA A 17 5.85 -4.62 12.02
CA ALA A 17 6.38 -5.22 13.25
C ALA A 17 5.51 -6.41 13.67
N GLU A 18 6.03 -7.21 14.62
CA GLU A 18 5.37 -8.44 15.02
C GLU A 18 4.08 -8.21 15.80
N GLU A 19 3.79 -6.96 16.17
CA GLU A 19 2.61 -6.62 16.96
C GLU A 19 1.54 -5.95 16.09
N VAL A 20 1.85 -5.73 14.81
CA VAL A 20 0.93 -5.05 13.90
C VAL A 20 -0.13 -6.01 13.38
N ASP A 21 -1.39 -5.74 13.71
CA ASP A 21 -2.54 -6.51 13.27
C ASP A 21 -3.54 -5.55 12.62
N ASP A 22 -4.73 -6.05 12.29
CA ASP A 22 -5.73 -5.26 11.58
C ASP A 22 -6.14 -3.95 12.21
N LYS A 23 -6.16 -3.86 13.55
CA LYS A 23 -6.56 -2.64 14.23
C LYS A 23 -5.45 -1.59 14.19
N VAL A 24 -4.20 -2.01 14.00
CA VAL A 24 -3.07 -1.09 13.97
C VAL A 24 -3.05 -0.38 12.62
N LEU A 25 -3.29 -1.12 11.54
CA LEU A 25 -3.31 -0.54 10.20
C LEU A 25 -4.58 0.28 10.00
N HIS A 26 -5.68 -0.10 10.67
CA HIS A 26 -6.91 0.65 10.57
C HIS A 26 -6.74 2.04 11.18
N ALA A 27 -5.96 2.15 12.26
CA ALA A 27 -5.70 3.43 12.88
C ALA A 27 -4.56 4.19 12.21
N ALA A 28 -3.72 3.49 11.42
CA ALA A 28 -2.57 4.09 10.77
C ALA A 28 -2.90 4.65 9.39
N PHE A 29 -4.04 4.27 8.81
CA PHE A 29 -4.42 4.72 7.47
C PHE A 29 -5.72 5.52 7.36
N ILE A 30 -6.41 5.75 8.48
CA ILE A 30 -7.69 6.43 8.51
C ILE A 30 -7.62 7.96 8.33
N PRO A 31 -6.53 8.66 8.70
CA PRO A 31 -6.52 10.12 8.63
C PRO A 31 -6.40 10.63 7.18
N PHE A 32 -6.05 9.75 6.24
CA PHE A 32 -5.90 10.12 4.84
C PHE A 32 -7.24 10.01 4.12
N GLY A 33 -8.20 9.28 4.69
CA GLY A 33 -9.51 9.06 4.10
C GLY A 33 -10.19 7.85 4.72
N ASP A 34 -11.47 7.64 4.40
CA ASP A 34 -12.26 6.57 4.98
C ASP A 34 -11.89 5.15 4.52
N ILE A 35 -11.47 4.32 5.48
CA ILE A 35 -11.17 2.91 5.23
C ILE A 35 -12.48 2.13 5.13
N THR A 36 -12.45 0.98 4.43
CA THR A 36 -13.62 0.12 4.32
C THR A 36 -13.34 -1.36 4.57
N ASP A 37 -12.07 -1.80 4.54
CA ASP A 37 -11.73 -3.17 4.87
C ASP A 37 -10.23 -3.26 5.12
N ILE A 38 -9.80 -4.34 5.77
CA ILE A 38 -8.40 -4.65 6.10
C ILE A 38 -8.17 -6.14 5.88
N GLN A 39 -6.92 -6.54 5.60
CA GLN A 39 -6.60 -7.94 5.38
C GLN A 39 -5.26 -8.26 6.02
N ILE A 40 -5.22 -9.33 6.84
CA ILE A 40 -4.01 -9.76 7.53
C ILE A 40 -3.75 -11.24 7.22
N PRO A 41 -3.19 -11.54 6.04
CA PRO A 41 -2.89 -12.89 5.63
C PRO A 41 -1.76 -13.48 6.48
N LEU A 42 -1.83 -14.79 6.71
CA LEU A 42 -0.83 -15.51 7.49
C LEU A 42 0.32 -15.96 6.59
N ASP A 43 1.35 -16.56 7.20
CA ASP A 43 2.45 -17.14 6.44
C ASP A 43 1.96 -18.47 5.88
N TYR A 44 0.90 -19.02 6.48
CA TYR A 44 0.30 -20.33 6.22
C TYR A 44 1.39 -21.40 6.24
N GLU A 45 2.50 -21.15 6.92
CA GLU A 45 3.52 -22.17 7.18
C GLU A 45 3.70 -22.35 8.68
N THR A 46 3.37 -21.30 9.45
CA THR A 46 3.45 -21.27 10.91
C THR A 46 2.24 -20.64 11.61
N GLU A 47 1.16 -20.40 10.86
CA GLU A 47 -0.11 -19.91 11.37
C GLU A 47 0.01 -18.58 12.14
N LYS A 48 0.75 -17.63 11.58
CA LYS A 48 0.96 -16.31 12.16
C LYS A 48 1.04 -15.27 11.06
N HIS A 49 0.84 -13.99 11.40
CA HIS A 49 0.89 -12.93 10.41
C HIS A 49 2.33 -12.80 9.91
N ARG A 50 2.51 -12.69 8.58
CA ARG A 50 3.83 -12.70 7.95
C ARG A 50 4.52 -11.34 7.98
N GLY A 51 3.85 -10.32 8.52
CA GLY A 51 4.43 -8.98 8.61
C GLY A 51 4.08 -8.13 7.39
N PHE A 52 3.03 -8.48 6.65
CA PHE A 52 2.57 -7.70 5.52
C PHE A 52 1.05 -7.81 5.56
N ALA A 53 0.38 -6.88 4.88
CA ALA A 53 -1.07 -6.76 4.92
C ALA A 53 -1.59 -5.94 3.75
N PHE A 54 -2.91 -5.72 3.72
CA PHE A 54 -3.55 -4.91 2.70
C PHE A 54 -4.62 -4.01 3.30
N VAL A 55 -4.99 -2.95 2.56
CA VAL A 55 -6.03 -2.00 2.96
C VAL A 55 -6.91 -1.66 1.77
N GLU A 56 -8.18 -1.34 2.03
CA GLU A 56 -9.14 -0.97 1.00
C GLU A 56 -10.01 0.18 1.49
N PHE A 57 -10.45 1.05 0.57
CA PHE A 57 -11.13 2.30 0.92
C PHE A 57 -12.28 2.47 -0.07
N GLU A 58 -13.17 3.42 0.23
CA GLU A 58 -14.32 3.73 -0.62
C GLU A 58 -14.03 4.91 -1.54
N LEU A 59 -12.79 5.41 -1.55
CA LEU A 59 -12.39 6.54 -2.38
C LEU A 59 -10.95 6.34 -2.88
N ALA A 60 -10.73 6.72 -4.14
CA ALA A 60 -9.47 6.45 -4.84
C ALA A 60 -8.39 7.49 -4.57
N GLU A 61 -8.78 8.72 -4.21
CA GLU A 61 -7.81 9.78 -3.98
C GLU A 61 -7.04 9.52 -2.69
N ASP A 62 -7.63 8.75 -1.77
CA ASP A 62 -6.99 8.40 -0.51
C ASP A 62 -5.87 7.38 -0.72
N ALA A 63 -6.13 6.38 -1.57
CA ALA A 63 -5.17 5.31 -1.82
C ALA A 63 -3.89 5.87 -2.42
N ALA A 64 -4.01 6.65 -3.49
CA ALA A 64 -2.84 7.25 -4.14
C ALA A 64 -2.11 8.21 -3.20
N ALA A 65 -2.84 8.90 -2.32
CA ALA A 65 -2.21 9.83 -1.39
C ALA A 65 -1.39 9.09 -0.35
N ALA A 66 -1.81 7.88 0.04
CA ALA A 66 -1.07 7.10 1.01
C ALA A 66 0.21 6.51 0.38
N ILE A 67 0.24 6.31 -0.94
CA ILE A 67 1.48 5.89 -1.60
C ILE A 67 2.50 7.02 -1.51
N ASP A 68 2.04 8.27 -1.65
CA ASP A 68 2.91 9.42 -1.52
C ASP A 68 3.35 9.74 -0.08
N ASN A 69 2.43 9.58 0.89
CA ASN A 69 2.68 9.99 2.27
C ASN A 69 3.16 8.88 3.21
N MET A 70 3.06 7.61 2.83
CA MET A 70 3.48 6.52 3.72
C MET A 70 4.41 5.50 3.07
N ASN A 71 4.79 5.67 1.80
CA ASN A 71 5.78 4.77 1.22
C ASN A 71 7.12 4.96 1.93
N GLU A 72 7.80 3.84 2.22
CA GLU A 72 9.07 3.86 2.94
C GLU A 72 8.99 4.59 4.28
N SER A 73 7.78 4.68 4.86
CA SER A 73 7.53 5.33 6.14
C SER A 73 7.93 4.40 7.29
N GLU A 74 7.63 4.80 8.53
CA GLU A 74 7.99 4.02 9.71
C GLU A 74 6.74 3.72 10.54
N LEU A 75 6.67 2.51 11.08
CA LEU A 75 5.57 2.01 11.89
C LEU A 75 6.14 1.08 12.96
N PHE A 76 5.68 1.19 14.20
CA PHE A 76 6.18 0.36 15.29
C PHE A 76 7.68 0.39 15.56
N GLY A 77 8.37 1.43 15.08
CA GLY A 77 9.79 1.62 15.33
C GLY A 77 10.68 1.05 14.22
N ARG A 78 10.09 0.70 13.07
CA ARG A 78 10.82 0.14 11.93
C ARG A 78 10.19 0.55 10.62
N THR A 79 10.97 0.51 9.54
CA THR A 79 10.51 0.89 8.21
C THR A 79 9.48 -0.04 7.59
N ILE A 80 8.62 0.51 6.72
CA ILE A 80 7.56 -0.23 6.05
C ILE A 80 7.51 0.17 4.57
N ARG A 81 6.58 -0.44 3.83
CA ARG A 81 6.33 -0.13 2.43
C ARG A 81 4.84 0.07 2.22
N VAL A 82 4.48 0.91 1.24
CA VAL A 82 3.09 1.15 0.85
C VAL A 82 3.00 1.39 -0.66
N ASN A 83 2.19 0.60 -1.36
CA ASN A 83 1.99 0.74 -2.79
C ASN A 83 0.83 -0.11 -3.29
N LEU A 84 0.32 0.16 -4.50
CA LEU A 84 -0.70 -0.70 -5.11
C LEU A 84 -0.04 -2.03 -5.49
N ALA A 85 -0.83 -3.11 -5.47
CA ALA A 85 -0.31 -4.47 -5.64
C ALA A 85 0.32 -4.70 -7.01
N LYS A 86 1.36 -5.55 -7.01
CA LYS A 86 2.10 -5.99 -8.19
C LYS A 86 1.25 -6.97 -9.02
N PRO A 87 1.64 -7.27 -10.28
CA PRO A 87 0.89 -8.15 -11.17
C PRO A 87 0.85 -9.59 -10.63
N MET A 88 -0.31 -9.94 -10.07
CA MET A 88 -0.66 -11.27 -9.57
C MET A 88 -2.16 -11.26 -9.32
N ARG A 89 -2.74 -12.38 -8.89
CA ARG A 89 -4.14 -12.39 -8.48
C ARG A 89 -4.29 -11.53 -7.24
N ILE A 90 -5.53 -11.11 -6.98
CA ILE A 90 -5.87 -10.23 -5.87
C ILE A 90 -7.19 -10.68 -5.27
N LYS A 91 -7.62 -9.99 -4.20
CA LYS A 91 -8.82 -10.28 -3.42
C LYS A 91 -10.14 -10.29 -4.21
N GLU A 92 -10.08 -10.13 -5.54
CA GLU A 92 -11.25 -10.15 -6.40
C GLU A 92 -10.89 -10.75 -7.76
N GLY A 93 -11.88 -10.93 -8.63
CA GLY A 93 -11.71 -11.50 -9.96
C GLY A 93 -11.02 -10.56 -10.93
N SER A 94 -9.86 -10.02 -10.54
CA SER A 94 -9.12 -9.07 -11.36
C SER A 94 -7.62 -9.18 -11.07
N SER A 95 -6.82 -8.39 -11.78
CA SER A 95 -5.37 -8.36 -11.60
C SER A 95 -4.86 -6.93 -11.85
N ARG A 96 -3.62 -6.65 -11.43
CA ARG A 96 -3.05 -5.31 -11.54
C ARG A 96 -2.02 -5.24 -12.68
N PRO A 97 -1.72 -4.03 -13.17
CA PRO A 97 -0.68 -3.77 -14.16
C PRO A 97 0.70 -4.23 -13.69
N VAL A 98 1.69 -4.02 -14.55
CA VAL A 98 3.07 -4.45 -14.29
C VAL A 98 3.71 -3.70 -13.14
N TRP A 99 3.37 -2.42 -12.96
CA TRP A 99 3.88 -1.64 -11.85
C TRP A 99 5.40 -1.67 -11.71
N SER A 100 6.11 -1.27 -12.78
CA SER A 100 7.56 -1.21 -12.80
C SER A 100 8.05 -0.22 -11.75
N ASP A 101 8.65 -0.74 -10.67
CA ASP A 101 9.01 0.06 -9.51
C ASP A 101 10.15 1.05 -9.70
N ASP A 102 10.93 0.93 -10.77
CA ASP A 102 12.04 1.85 -11.00
C ASP A 102 11.58 3.26 -11.40
N ASP A 103 10.81 3.35 -12.48
CA ASP A 103 10.34 4.64 -12.97
C ASP A 103 9.18 5.22 -12.18
N TRP A 104 8.25 4.36 -11.73
CA TRP A 104 7.11 4.83 -10.95
C TRP A 104 7.58 5.38 -9.60
N LEU A 105 8.49 4.68 -8.92
CA LEU A 105 8.87 5.14 -7.60
C LEU A 105 9.85 6.30 -7.66
N LYS A 106 10.53 6.47 -8.81
CA LYS A 106 11.38 7.63 -9.00
C LYS A 106 10.54 8.90 -8.93
N LYS A 107 9.47 8.98 -9.73
CA LYS A 107 8.66 10.20 -9.80
C LYS A 107 7.80 10.37 -8.55
N PHE A 108 7.51 9.30 -7.82
CA PHE A 108 6.86 9.40 -6.51
C PHE A 108 7.75 9.87 -5.37
N SER A 109 9.07 9.76 -5.55
CA SER A 109 10.03 10.24 -4.57
C SER A 109 10.34 11.72 -4.77
N GLY A 110 10.22 12.20 -6.02
CA GLY A 110 10.42 13.60 -6.36
C GLY A 110 10.71 13.77 -7.84
N LYS A 111 10.76 15.02 -8.29
CA LYS A 111 10.97 15.34 -9.70
C LYS A 111 11.63 16.72 -9.85
N THR A 112 12.12 17.00 -11.06
CA THR A 112 12.77 18.26 -11.39
C THR A 112 12.44 18.81 -12.77
N LEU A 113 11.74 18.02 -13.58
CA LEU A 113 11.32 18.42 -14.92
C LEU A 113 10.13 19.38 -14.89
N GLU A 114 9.67 19.76 -13.70
CA GLU A 114 8.50 20.62 -13.53
C GLU A 114 8.60 21.46 -12.25
N GLU A 115 9.53 21.11 -11.34
CA GLU A 115 9.68 21.81 -10.07
C GLU A 115 10.29 23.20 -10.26
N ASN A 116 11.06 23.38 -11.33
CA ASN A 116 11.80 24.60 -11.61
C ASN A 116 10.97 25.67 -12.33
N LYS A 117 9.64 25.59 -12.22
CA LYS A 117 8.73 26.58 -12.83
C LYS A 117 9.00 27.98 -12.27
N ALA A 1 -1.09 10.50 -18.16
CA ALA A 1 -2.11 10.17 -17.15
C ALA A 1 -1.66 10.61 -15.76
N GLY A 2 -2.59 10.72 -14.82
CA GLY A 2 -2.30 11.14 -13.46
C GLY A 2 -1.76 10.01 -12.59
N HIS A 3 -1.64 8.81 -13.16
CA HIS A 3 -1.17 7.63 -12.45
C HIS A 3 -0.56 6.61 -13.41
N MET A 4 0.13 5.60 -12.87
CA MET A 4 0.73 4.54 -13.66
C MET A 4 -0.35 3.64 -14.27
N ALA A 5 -1.50 3.53 -13.61
CA ALA A 5 -2.60 2.69 -14.05
C ALA A 5 -3.86 2.97 -13.23
N THR A 6 -5.00 2.45 -13.69
CA THR A 6 -6.29 2.66 -13.05
C THR A 6 -6.57 1.84 -11.79
N THR A 7 -5.64 0.97 -11.38
CA THR A 7 -5.83 0.16 -10.19
C THR A 7 -5.70 1.13 -9.02
N LYS A 8 -6.61 1.02 -8.06
CA LYS A 8 -6.68 1.86 -6.87
C LYS A 8 -7.44 1.14 -5.75
N ARG A 9 -7.48 1.77 -4.57
CA ARG A 9 -8.21 1.33 -3.39
C ARG A 9 -7.85 -0.07 -2.89
N VAL A 10 -6.64 -0.57 -3.18
CA VAL A 10 -6.22 -1.89 -2.73
C VAL A 10 -4.72 -1.91 -2.45
N LEU A 11 -4.29 -1.14 -1.45
CA LEU A 11 -2.89 -0.99 -1.14
C LEU A 11 -2.31 -2.20 -0.42
N TYR A 12 -1.11 -2.58 -0.84
CA TYR A 12 -0.28 -3.57 -0.17
C TYR A 12 0.64 -2.89 0.84
N VAL A 13 0.82 -3.51 2.00
CA VAL A 13 1.77 -3.01 2.99
C VAL A 13 2.60 -4.15 3.56
N GLY A 14 3.89 -3.90 3.83
CA GLY A 14 4.78 -4.95 4.28
C GLY A 14 5.99 -4.42 5.04
N GLY A 15 6.70 -5.30 5.74
CA GLY A 15 7.82 -4.92 6.59
C GLY A 15 7.35 -4.60 8.00
N LEU A 16 6.09 -4.92 8.30
CA LEU A 16 5.46 -4.65 9.59
C LEU A 16 6.11 -5.44 10.72
N ALA A 17 5.98 -4.93 11.94
CA ALA A 17 6.41 -5.61 13.16
C ALA A 17 5.42 -6.70 13.53
N GLU A 18 5.80 -7.55 14.49
CA GLU A 18 4.97 -8.66 14.96
C GLU A 18 3.74 -8.21 15.76
N GLU A 19 3.43 -6.91 15.77
CA GLU A 19 2.31 -6.38 16.55
C GLU A 19 1.41 -5.45 15.73
N VAL A 20 1.74 -5.21 14.47
CA VAL A 20 0.96 -4.32 13.60
C VAL A 20 -0.29 -4.99 13.02
N ASP A 21 -1.17 -5.46 13.89
CA ASP A 21 -2.41 -6.13 13.50
C ASP A 21 -3.42 -5.20 12.84
N ASP A 22 -4.58 -5.74 12.43
CA ASP A 22 -5.59 -4.99 11.70
C ASP A 22 -6.04 -3.68 12.32
N LYS A 23 -6.17 -3.62 13.65
CA LYS A 23 -6.58 -2.40 14.33
C LYS A 23 -5.48 -1.35 14.28
N VAL A 24 -4.23 -1.77 14.14
CA VAL A 24 -3.10 -0.86 14.10
C VAL A 24 -2.99 -0.19 12.74
N LEU A 25 -3.22 -0.96 11.67
CA LEU A 25 -3.22 -0.43 10.32
C LEU A 25 -4.47 0.40 10.08
N HIS A 26 -5.58 0.03 10.71
CA HIS A 26 -6.82 0.78 10.58
C HIS A 26 -6.65 2.17 11.18
N ALA A 27 -5.85 2.30 12.24
CA ALA A 27 -5.57 3.59 12.87
C ALA A 27 -4.42 4.33 12.18
N ALA A 28 -3.57 3.60 11.44
CA ALA A 28 -2.40 4.18 10.79
C ALA A 28 -2.70 4.68 9.37
N PHE A 29 -3.87 4.34 8.82
CA PHE A 29 -4.25 4.73 7.46
C PHE A 29 -5.51 5.56 7.31
N ILE A 30 -6.19 5.84 8.44
CA ILE A 30 -7.44 6.58 8.44
C ILE A 30 -7.26 8.11 8.26
N PRO A 31 -6.13 8.73 8.64
CA PRO A 31 -5.95 10.17 8.50
C PRO A 31 -6.00 10.65 7.04
N PHE A 32 -5.76 9.76 6.08
CA PHE A 32 -5.68 10.13 4.68
C PHE A 32 -7.07 10.06 4.03
N GLY A 33 -8.02 9.37 4.67
CA GLY A 33 -9.37 9.21 4.15
C GLY A 33 -10.05 7.99 4.77
N ASP A 34 -11.35 7.85 4.53
CA ASP A 34 -12.14 6.78 5.14
C ASP A 34 -11.80 5.37 4.64
N ILE A 35 -11.34 4.53 5.57
CA ILE A 35 -11.05 3.13 5.28
C ILE A 35 -12.37 2.35 5.21
N THR A 36 -12.37 1.22 4.49
CA THR A 36 -13.56 0.37 4.39
C THR A 36 -13.28 -1.13 4.58
N ASP A 37 -12.02 -1.55 4.55
CA ASP A 37 -11.69 -2.95 4.79
C ASP A 37 -10.19 -3.06 5.09
N ILE A 38 -9.79 -4.17 5.73
CA ILE A 38 -8.43 -4.52 6.08
C ILE A 38 -8.26 -6.02 5.87
N GLN A 39 -7.02 -6.50 5.71
CA GLN A 39 -6.77 -7.92 5.52
C GLN A 39 -5.46 -8.32 6.19
N ILE A 40 -5.47 -9.41 6.97
CA ILE A 40 -4.30 -9.92 7.67
C ILE A 40 -4.10 -11.41 7.34
N PRO A 41 -3.51 -11.71 6.17
CA PRO A 41 -3.15 -13.06 5.78
C PRO A 41 -1.96 -13.56 6.61
N LEU A 42 -1.71 -14.87 6.58
CA LEU A 42 -0.70 -15.51 7.41
C LEU A 42 0.41 -16.14 6.58
N ASP A 43 1.40 -16.72 7.29
CA ASP A 43 2.48 -17.47 6.68
C ASP A 43 1.93 -18.79 6.13
N TYR A 44 0.82 -19.27 6.72
CA TYR A 44 0.18 -20.55 6.43
C TYR A 44 1.16 -21.71 6.50
N GLU A 45 2.25 -21.55 7.27
CA GLU A 45 3.15 -22.65 7.59
C GLU A 45 3.19 -22.83 9.10
N THR A 46 2.93 -21.73 9.83
CA THR A 46 2.83 -21.69 11.29
C THR A 46 1.66 -20.83 11.80
N GLU A 47 0.78 -20.43 10.88
CA GLU A 47 -0.40 -19.61 11.17
C GLU A 47 -0.06 -18.26 11.83
N LYS A 48 1.15 -17.73 11.57
CA LYS A 48 1.56 -16.45 12.13
C LYS A 48 1.37 -15.34 11.10
N HIS A 49 1.34 -14.09 11.57
CA HIS A 49 1.27 -12.91 10.72
C HIS A 49 2.61 -12.71 10.02
N ARG A 50 2.58 -12.62 8.69
CA ARG A 50 3.78 -12.56 7.85
C ARG A 50 4.49 -11.21 7.88
N GLY A 51 3.93 -10.22 8.56
CA GLY A 51 4.52 -8.88 8.55
C GLY A 51 4.01 -8.04 7.38
N PHE A 52 2.87 -8.40 6.79
CA PHE A 52 2.34 -7.63 5.67
C PHE A 52 0.81 -7.75 5.76
N ALA A 53 0.12 -6.87 5.05
CA ALA A 53 -1.33 -6.77 5.08
C ALA A 53 -1.84 -6.01 3.84
N PHE A 54 -3.17 -5.82 3.77
CA PHE A 54 -3.79 -5.04 2.72
C PHE A 54 -4.79 -4.02 3.28
N VAL A 55 -5.05 -2.97 2.51
CA VAL A 55 -5.99 -1.91 2.89
C VAL A 55 -6.85 -1.47 1.71
N GLU A 56 -8.13 -1.21 1.96
CA GLU A 56 -9.07 -0.71 0.98
C GLU A 56 -9.87 0.45 1.55
N PHE A 57 -10.25 1.39 0.67
CA PHE A 57 -10.93 2.62 1.05
C PHE A 57 -12.02 2.80 0.01
N GLU A 58 -12.98 3.69 0.29
CA GLU A 58 -14.05 4.02 -0.65
C GLU A 58 -13.67 5.20 -1.54
N LEU A 59 -12.39 5.58 -1.57
CA LEU A 59 -11.89 6.69 -2.37
C LEU A 59 -10.62 6.32 -3.10
N ALA A 60 -10.56 6.61 -4.41
CA ALA A 60 -9.39 6.29 -5.22
C ALA A 60 -8.27 7.32 -5.02
N GLU A 61 -8.63 8.54 -4.60
CA GLU A 61 -7.65 9.59 -4.37
C GLU A 61 -6.97 9.41 -3.01
N ASP A 62 -7.63 8.70 -2.10
CA ASP A 62 -7.07 8.41 -0.79
C ASP A 62 -5.96 7.38 -0.90
N ALA A 63 -6.19 6.33 -1.70
CA ALA A 63 -5.22 5.27 -1.89
C ALA A 63 -3.94 5.81 -2.52
N ALA A 64 -4.07 6.68 -3.53
CA ALA A 64 -2.92 7.27 -4.19
C ALA A 64 -2.16 8.20 -3.24
N ALA A 65 -2.87 8.89 -2.35
CA ALA A 65 -2.24 9.81 -1.40
C ALA A 65 -1.46 9.01 -0.35
N ALA A 66 -1.93 7.82 0.00
CA ALA A 66 -1.23 6.98 0.96
C ALA A 66 0.08 6.46 0.36
N ILE A 67 0.14 6.24 -0.96
CA ILE A 67 1.39 5.87 -1.59
C ILE A 67 2.38 7.03 -1.49
N ASP A 68 1.86 8.26 -1.57
CA ASP A 68 2.66 9.47 -1.45
C ASP A 68 3.03 9.88 -0.01
N ASN A 69 2.38 9.29 0.99
CA ASN A 69 2.59 9.69 2.38
C ASN A 69 2.95 8.54 3.33
N MET A 70 2.86 7.28 2.89
CA MET A 70 3.17 6.14 3.76
C MET A 70 4.20 5.20 3.14
N ASN A 71 4.60 5.42 1.90
CA ASN A 71 5.66 4.61 1.31
C ASN A 71 6.95 4.87 2.09
N GLU A 72 7.66 3.79 2.46
CA GLU A 72 8.90 3.90 3.21
C GLU A 72 8.72 4.65 4.53
N SER A 73 7.50 4.64 5.09
CA SER A 73 7.21 5.23 6.38
C SER A 73 7.62 4.25 7.48
N GLU A 74 7.29 4.53 8.74
CA GLU A 74 7.76 3.71 9.85
C GLU A 74 6.65 3.37 10.84
N LEU A 75 6.52 2.08 11.15
CA LEU A 75 5.57 1.55 12.12
C LEU A 75 6.34 0.71 13.12
N PHE A 76 6.01 0.82 14.41
CA PHE A 76 6.63 -0.01 15.43
C PHE A 76 8.16 0.03 15.54
N GLY A 77 8.79 1.08 15.00
CA GLY A 77 10.23 1.25 15.08
C GLY A 77 10.96 0.68 13.86
N ARG A 78 10.23 0.35 12.79
CA ARG A 78 10.83 -0.19 11.57
C ARG A 78 10.09 0.26 10.32
N THR A 79 10.82 0.35 9.20
CA THR A 79 10.30 0.78 7.92
C THR A 79 9.28 -0.16 7.27
N ILE A 80 8.35 0.38 6.46
CA ILE A 80 7.38 -0.43 5.75
C ILE A 80 7.26 0.01 4.30
N ARG A 81 6.77 -0.90 3.46
CA ARG A 81 6.47 -0.62 2.06
C ARG A 81 4.98 -0.30 1.95
N VAL A 82 4.61 0.62 1.07
CA VAL A 82 3.21 0.91 0.76
C VAL A 82 3.09 1.19 -0.73
N ASN A 83 2.30 0.37 -1.42
CA ASN A 83 2.11 0.44 -2.86
C ASN A 83 0.97 -0.48 -3.28
N LEU A 84 0.37 -0.24 -4.46
CA LEU A 84 -0.67 -1.13 -4.97
C LEU A 84 -0.06 -2.48 -5.37
N ALA A 85 -0.91 -3.51 -5.47
CA ALA A 85 -0.45 -4.87 -5.71
C ALA A 85 0.34 -5.01 -7.02
N LYS A 86 1.42 -5.80 -6.95
CA LYS A 86 2.28 -6.15 -8.08
C LYS A 86 1.55 -7.14 -9.01
N PRO A 87 2.09 -7.41 -10.20
CA PRO A 87 1.46 -8.29 -11.17
C PRO A 87 1.41 -9.72 -10.65
N MET A 88 0.20 -10.20 -10.37
CA MET A 88 -0.09 -11.56 -9.91
C MET A 88 -1.60 -11.75 -9.97
N ARG A 89 -2.07 -12.99 -9.81
CA ARG A 89 -3.50 -13.27 -9.64
C ARG A 89 -3.95 -12.79 -8.26
N ILE A 90 -4.27 -11.50 -8.14
CA ILE A 90 -4.76 -10.91 -6.91
C ILE A 90 -6.19 -11.36 -6.65
N LYS A 91 -6.76 -10.91 -5.52
CA LYS A 91 -8.10 -11.27 -5.04
C LYS A 91 -9.25 -10.94 -6.00
N GLU A 92 -8.96 -10.45 -7.22
CA GLU A 92 -10.00 -10.15 -8.20
C GLU A 92 -9.48 -10.47 -9.60
N GLY A 93 -10.35 -10.34 -10.61
CA GLY A 93 -10.02 -10.71 -11.99
C GLY A 93 -8.90 -9.87 -12.60
N SER A 94 -8.47 -8.80 -11.92
CA SER A 94 -7.39 -7.96 -12.39
C SER A 94 -6.04 -8.67 -12.25
N SER A 95 -5.17 -8.53 -13.26
CA SER A 95 -3.84 -9.11 -13.23
C SER A 95 -2.79 -8.07 -12.82
N ARG A 96 -3.19 -6.79 -12.71
CA ARG A 96 -2.33 -5.65 -12.45
C ARG A 96 -1.23 -5.45 -13.51
N PRO A 97 -0.80 -4.19 -13.72
CA PRO A 97 0.33 -3.86 -14.56
C PRO A 97 1.62 -4.27 -13.87
N VAL A 98 2.78 -4.06 -14.52
CA VAL A 98 4.05 -4.53 -13.99
C VAL A 98 4.57 -3.77 -12.76
N TRP A 99 4.10 -2.54 -12.51
CA TRP A 99 4.53 -1.76 -11.37
C TRP A 99 6.05 -1.61 -11.26
N SER A 100 6.69 -1.15 -12.34
CA SER A 100 8.13 -0.91 -12.35
C SER A 100 8.48 0.19 -11.36
N ASP A 101 9.18 -0.17 -10.29
CA ASP A 101 9.47 0.76 -9.21
C ASP A 101 10.46 1.87 -9.54
N ASP A 102 11.19 1.75 -10.64
CA ASP A 102 12.14 2.78 -11.02
C ASP A 102 11.48 4.08 -11.46
N ASP A 103 10.64 4.01 -12.49
CA ASP A 103 9.99 5.21 -13.02
C ASP A 103 8.79 5.66 -12.21
N TRP A 104 8.02 4.73 -11.65
CA TRP A 104 6.87 5.11 -10.84
C TRP A 104 7.31 5.79 -9.55
N LEU A 105 8.30 5.23 -8.85
CA LEU A 105 8.67 5.79 -7.57
C LEU A 105 9.55 7.03 -7.75
N LYS A 106 10.18 7.17 -8.92
CA LYS A 106 10.94 8.36 -9.26
C LYS A 106 10.02 9.58 -9.38
N LYS A 107 8.85 9.43 -9.99
CA LYS A 107 7.93 10.57 -10.15
C LYS A 107 7.08 10.77 -8.89
N PHE A 108 6.96 9.76 -8.04
CA PHE A 108 6.32 9.91 -6.73
C PHE A 108 7.18 10.54 -5.65
N SER A 109 8.51 10.35 -5.73
CA SER A 109 9.45 10.93 -4.79
C SER A 109 9.92 12.31 -5.28
N GLY A 110 10.04 12.48 -6.60
CA GLY A 110 10.45 13.73 -7.22
C GLY A 110 9.24 14.58 -7.61
N LYS A 111 9.51 15.56 -8.49
CA LYS A 111 8.47 16.44 -9.01
C LYS A 111 7.49 15.65 -9.87
N THR A 112 6.27 16.17 -9.99
CA THR A 112 5.24 15.56 -10.83
C THR A 112 4.26 16.54 -11.46
N LEU A 113 4.48 17.85 -11.21
CA LEU A 113 3.67 18.94 -11.73
C LEU A 113 3.76 19.07 -13.25
N GLU A 114 4.52 18.19 -13.90
CA GLU A 114 4.69 18.17 -15.35
C GLU A 114 4.81 16.73 -15.86
N GLU A 115 4.33 15.77 -15.06
CA GLU A 115 4.36 14.35 -15.42
C GLU A 115 3.02 13.68 -15.13
N ASN A 116 2.33 14.11 -14.06
CA ASN A 116 0.98 13.64 -13.76
C ASN A 116 -0.07 14.67 -14.17
N LYS A 117 0.35 15.72 -14.91
CA LYS A 117 -0.52 16.78 -15.37
C LYS A 117 -1.59 16.23 -16.32
N ALA A 1 5.20 3.86 -21.73
CA ALA A 1 3.91 3.72 -21.03
C ALA A 1 4.00 4.29 -19.62
N GLY A 2 2.85 4.57 -19.00
CA GLY A 2 2.80 5.12 -17.65
C GLY A 2 2.98 4.05 -16.58
N HIS A 3 2.99 2.78 -16.98
CA HIS A 3 3.15 1.62 -16.10
C HIS A 3 2.10 1.58 -14.98
N MET A 4 1.01 2.33 -15.11
CA MET A 4 0.02 2.46 -14.05
C MET A 4 -1.35 2.78 -14.64
N ALA A 5 -2.41 2.53 -13.87
CA ALA A 5 -3.79 2.76 -14.29
C ALA A 5 -4.69 3.04 -13.09
N THR A 6 -5.99 3.24 -13.33
CA THR A 6 -6.99 3.54 -12.30
C THR A 6 -7.27 2.43 -11.28
N THR A 7 -6.35 1.46 -11.18
CA THR A 7 -6.45 0.30 -10.29
C THR A 7 -6.38 0.61 -8.79
N LYS A 8 -6.65 1.86 -8.41
CA LYS A 8 -6.55 2.36 -7.03
C LYS A 8 -7.56 1.71 -6.08
N ARG A 9 -7.69 2.30 -4.88
CA ARG A 9 -8.53 1.86 -3.77
C ARG A 9 -8.05 0.57 -3.10
N VAL A 10 -6.75 0.27 -3.18
CA VAL A 10 -6.16 -0.88 -2.51
C VAL A 10 -4.71 -0.53 -2.21
N LEU A 11 -4.13 -1.11 -1.15
CA LEU A 11 -2.72 -0.91 -0.84
C LEU A 11 -2.11 -2.12 -0.16
N TYR A 12 -0.95 -2.53 -0.66
CA TYR A 12 -0.10 -3.52 -0.03
C TYR A 12 0.77 -2.91 1.07
N VAL A 13 1.02 -3.66 2.14
CA VAL A 13 1.92 -3.21 3.19
C VAL A 13 2.88 -4.31 3.62
N GLY A 14 4.15 -3.97 3.80
CA GLY A 14 5.16 -4.96 4.19
C GLY A 14 6.12 -4.38 5.22
N GLY A 15 6.88 -5.27 5.88
CA GLY A 15 7.85 -4.90 6.88
C GLY A 15 7.21 -4.66 8.25
N LEU A 16 5.95 -5.04 8.42
CA LEU A 16 5.20 -4.83 9.66
C LEU A 16 5.85 -5.54 10.83
N ALA A 17 5.69 -4.97 12.03
CA ALA A 17 6.22 -5.56 13.26
C ALA A 17 5.36 -6.74 13.70
N GLU A 18 5.87 -7.50 14.68
CA GLU A 18 5.19 -8.69 15.19
C GLU A 18 3.96 -8.35 16.02
N GLU A 19 3.71 -7.06 16.28
CA GLU A 19 2.58 -6.61 17.09
C GLU A 19 1.49 -5.99 16.22
N VAL A 20 1.75 -5.86 14.91
CA VAL A 20 0.81 -5.23 13.99
C VAL A 20 -0.31 -6.20 13.61
N ASP A 21 -1.53 -5.64 13.50
CA ASP A 21 -2.72 -6.34 13.11
C ASP A 21 -3.77 -5.40 12.50
N ASP A 22 -4.97 -5.89 12.19
CA ASP A 22 -5.94 -5.11 11.44
C ASP A 22 -6.30 -3.74 12.04
N LYS A 23 -6.41 -3.65 13.36
CA LYS A 23 -6.75 -2.39 14.02
C LYS A 23 -5.55 -1.46 14.13
N VAL A 24 -4.32 -1.97 13.98
CA VAL A 24 -3.13 -1.11 13.98
C VAL A 24 -3.09 -0.41 12.63
N LEU A 25 -3.35 -1.15 11.54
CA LEU A 25 -3.32 -0.59 10.20
C LEU A 25 -4.52 0.31 9.97
N HIS A 26 -5.66 -0.03 10.57
CA HIS A 26 -6.86 0.80 10.43
C HIS A 26 -6.61 2.18 11.02
N ALA A 27 -5.93 2.25 12.16
CA ALA A 27 -5.65 3.52 12.81
C ALA A 27 -4.46 4.24 12.15
N ALA A 28 -3.62 3.50 11.43
CA ALA A 28 -2.43 4.06 10.80
C ALA A 28 -2.70 4.61 9.39
N PHE A 29 -3.87 4.28 8.82
CA PHE A 29 -4.21 4.70 7.46
C PHE A 29 -5.50 5.51 7.30
N ILE A 30 -6.22 5.74 8.40
CA ILE A 30 -7.49 6.45 8.38
C ILE A 30 -7.35 7.98 8.21
N PRO A 31 -6.25 8.63 8.64
CA PRO A 31 -6.11 10.07 8.52
C PRO A 31 -6.09 10.56 7.07
N PHE A 32 -5.80 9.69 6.11
CA PHE A 32 -5.67 10.07 4.71
C PHE A 32 -7.01 9.98 3.99
N GLY A 33 -7.99 9.30 4.58
CA GLY A 33 -9.31 9.13 3.98
C GLY A 33 -10.02 7.92 4.57
N ASP A 34 -11.31 7.76 4.24
CA ASP A 34 -12.12 6.69 4.80
C ASP A 34 -11.75 5.28 4.34
N ILE A 35 -11.40 4.43 5.30
CA ILE A 35 -11.10 3.02 5.06
C ILE A 35 -12.42 2.24 4.97
N THR A 36 -12.41 1.10 4.28
CA THR A 36 -13.58 0.24 4.19
C THR A 36 -13.31 -1.23 4.47
N ASP A 37 -12.04 -1.66 4.33
CA ASP A 37 -11.59 -3.03 4.60
C ASP A 37 -10.11 -3.16 4.92
N ILE A 38 -9.75 -4.22 5.66
CA ILE A 38 -8.37 -4.55 6.02
C ILE A 38 -8.19 -6.07 5.87
N GLN A 39 -6.95 -6.52 5.71
CA GLN A 39 -6.64 -7.93 5.54
C GLN A 39 -5.38 -8.29 6.32
N ILE A 40 -5.41 -9.39 7.08
CA ILE A 40 -4.26 -9.87 7.84
C ILE A 40 -4.01 -11.33 7.51
N PRO A 41 -3.38 -11.62 6.37
CA PRO A 41 -3.04 -12.95 5.95
C PRO A 41 -1.88 -13.50 6.79
N LEU A 42 -1.86 -14.81 7.01
CA LEU A 42 -0.82 -15.48 7.78
C LEU A 42 0.27 -16.00 6.85
N ASP A 43 1.33 -16.57 7.43
CA ASP A 43 2.41 -17.16 6.66
C ASP A 43 1.92 -18.52 6.14
N TYR A 44 0.87 -19.08 6.76
CA TYR A 44 0.29 -20.38 6.46
C TYR A 44 1.36 -21.47 6.50
N GLU A 45 2.44 -21.25 7.25
CA GLU A 45 3.44 -22.28 7.52
C GLU A 45 3.52 -22.51 9.04
N THR A 46 3.19 -21.48 9.81
CA THR A 46 3.14 -21.51 11.27
C THR A 46 1.93 -20.79 11.86
N GLU A 47 0.98 -20.41 11.00
CA GLU A 47 -0.24 -19.71 11.39
C GLU A 47 0.02 -18.38 12.09
N LYS A 48 1.17 -17.74 11.81
CA LYS A 48 1.54 -16.45 12.39
C LYS A 48 1.37 -15.36 11.35
N HIS A 49 1.29 -14.11 11.78
CA HIS A 49 1.28 -12.98 10.87
C HIS A 49 2.65 -12.88 10.21
N ARG A 50 2.68 -12.92 8.88
CA ARG A 50 3.93 -12.94 8.10
C ARG A 50 4.61 -11.58 8.06
N GLY A 51 3.97 -10.53 8.60
CA GLY A 51 4.55 -9.20 8.61
C GLY A 51 4.15 -8.37 7.39
N PHE A 52 3.04 -8.73 6.73
CA PHE A 52 2.58 -7.99 5.56
C PHE A 52 1.05 -8.03 5.66
N ALA A 53 0.39 -7.11 4.96
CA ALA A 53 -1.06 -6.94 5.02
C ALA A 53 -1.57 -6.14 3.83
N PHE A 54 -2.88 -5.87 3.80
CA PHE A 54 -3.50 -5.09 2.75
C PHE A 54 -4.56 -4.13 3.32
N VAL A 55 -4.87 -3.08 2.57
CA VAL A 55 -5.85 -2.06 2.95
C VAL A 55 -6.75 -1.74 1.76
N GLU A 56 -7.98 -1.30 2.01
CA GLU A 56 -8.94 -0.97 0.97
C GLU A 56 -9.79 0.23 1.39
N PHE A 57 -10.24 1.04 0.42
CA PHE A 57 -10.91 2.30 0.71
C PHE A 57 -12.03 2.44 -0.32
N GLU A 58 -12.95 3.38 -0.07
CA GLU A 58 -14.08 3.66 -0.95
C GLU A 58 -13.77 4.82 -1.90
N LEU A 59 -12.54 5.35 -1.86
CA LEU A 59 -12.12 6.47 -2.70
C LEU A 59 -10.67 6.31 -3.14
N ALA A 60 -10.39 6.64 -4.40
CA ALA A 60 -9.10 6.41 -5.02
C ALA A 60 -8.05 7.48 -4.71
N GLU A 61 -8.49 8.71 -4.40
CA GLU A 61 -7.54 9.79 -4.14
C GLU A 61 -6.83 9.55 -2.81
N ASP A 62 -7.44 8.75 -1.92
CA ASP A 62 -6.85 8.41 -0.64
C ASP A 62 -5.73 7.38 -0.80
N ALA A 63 -5.97 6.34 -1.59
CA ALA A 63 -5.01 5.28 -1.79
C ALA A 63 -3.72 5.82 -2.42
N ALA A 64 -3.86 6.64 -3.47
CA ALA A 64 -2.70 7.23 -4.13
C ALA A 64 -1.97 8.21 -3.22
N ALA A 65 -2.71 8.93 -2.35
CA ALA A 65 -2.08 9.88 -1.45
C ALA A 65 -1.31 9.15 -0.35
N ALA A 66 -1.77 7.97 0.07
CA ALA A 66 -1.06 7.20 1.07
C ALA A 66 0.25 6.67 0.50
N ILE A 67 0.32 6.42 -0.81
CA ILE A 67 1.59 6.04 -1.43
C ILE A 67 2.55 7.24 -1.39
N ASP A 68 2.00 8.46 -1.50
CA ASP A 68 2.78 9.68 -1.42
C ASP A 68 3.15 10.11 0.01
N ASN A 69 2.52 9.52 1.03
CA ASN A 69 2.73 9.92 2.41
C ASN A 69 3.09 8.79 3.38
N MET A 70 3.03 7.53 2.94
CA MET A 70 3.33 6.40 3.82
C MET A 70 4.34 5.43 3.20
N ASN A 71 4.78 5.66 1.96
CA ASN A 71 5.78 4.81 1.35
C ASN A 71 7.10 4.97 2.10
N GLU A 72 7.77 3.85 2.42
CA GLU A 72 9.01 3.85 3.18
C GLU A 72 8.87 4.57 4.52
N SER A 73 7.64 4.66 5.04
CA SER A 73 7.36 5.27 6.34
C SER A 73 7.76 4.30 7.45
N GLU A 74 7.40 4.60 8.71
CA GLU A 74 7.82 3.80 9.85
C GLU A 74 6.63 3.50 10.77
N LEU A 75 6.52 2.23 11.18
CA LEU A 75 5.47 1.73 12.07
C LEU A 75 6.17 0.85 13.13
N PHE A 76 5.72 0.93 14.38
CA PHE A 76 6.29 0.12 15.45
C PHE A 76 7.80 0.19 15.67
N GLY A 77 8.45 1.24 15.16
CA GLY A 77 9.88 1.44 15.35
C GLY A 77 10.70 0.85 14.20
N ARG A 78 10.07 0.48 13.09
CA ARG A 78 10.76 -0.07 11.94
C ARG A 78 10.09 0.34 10.63
N THR A 79 10.86 0.36 9.55
CA THR A 79 10.39 0.76 8.24
C THR A 79 9.32 -0.14 7.62
N ILE A 80 8.39 0.45 6.86
CA ILE A 80 7.35 -0.29 6.17
C ILE A 80 7.20 0.23 4.74
N ARG A 81 6.64 -0.61 3.87
CA ARG A 81 6.43 -0.27 2.47
C ARG A 81 4.94 -0.08 2.21
N VAL A 82 4.57 0.84 1.32
CA VAL A 82 3.18 1.07 0.94
C VAL A 82 3.10 1.33 -0.56
N ASN A 83 2.27 0.55 -1.25
CA ASN A 83 2.09 0.67 -2.69
C ASN A 83 0.94 -0.23 -3.17
N LEU A 84 0.40 0.04 -4.35
CA LEU A 84 -0.62 -0.83 -4.94
C LEU A 84 0.04 -2.13 -5.39
N ALA A 85 -0.74 -3.23 -5.39
CA ALA A 85 -0.19 -4.56 -5.63
C ALA A 85 0.46 -4.69 -7.01
N LYS A 86 1.56 -5.46 -7.06
CA LYS A 86 2.29 -5.79 -8.28
C LYS A 86 1.46 -6.69 -9.18
N PRO A 87 1.82 -6.82 -10.47
CA PRO A 87 1.08 -7.63 -11.42
C PRO A 87 1.06 -9.10 -11.02
N MET A 88 -0.12 -9.54 -10.59
CA MET A 88 -0.43 -10.91 -10.20
C MET A 88 -1.96 -11.00 -10.08
N ARG A 89 -2.53 -12.20 -10.12
CA ARG A 89 -3.97 -12.32 -9.92
C ARG A 89 -4.29 -11.87 -8.51
N ILE A 90 -5.25 -10.95 -8.39
CA ILE A 90 -5.63 -10.33 -7.12
C ILE A 90 -6.99 -10.89 -6.68
N LYS A 91 -7.44 -10.44 -5.50
CA LYS A 91 -8.65 -10.90 -4.81
C LYS A 91 -9.96 -10.70 -5.58
N GLU A 92 -9.91 -10.27 -6.84
CA GLU A 92 -11.13 -10.06 -7.63
C GLU A 92 -10.94 -10.50 -9.09
N GLY A 93 -9.87 -11.27 -9.36
CA GLY A 93 -9.60 -11.81 -10.68
C GLY A 93 -8.85 -10.84 -11.59
N SER A 94 -8.64 -9.60 -11.14
CA SER A 94 -7.84 -8.64 -11.90
C SER A 94 -6.37 -9.02 -11.85
N SER A 95 -5.57 -8.51 -12.79
CA SER A 95 -4.14 -8.81 -12.87
C SER A 95 -3.28 -7.56 -12.67
N ARG A 96 -3.92 -6.38 -12.61
CA ARG A 96 -3.26 -5.08 -12.45
C ARG A 96 -2.25 -4.75 -13.56
N PRO A 97 -1.91 -3.46 -13.71
CA PRO A 97 -0.83 -3.00 -14.58
C PRO A 97 0.51 -3.54 -14.13
N VAL A 98 1.55 -3.26 -14.91
CA VAL A 98 2.88 -3.77 -14.64
C VAL A 98 3.53 -3.18 -13.39
N TRP A 99 3.16 -1.95 -13.00
CA TRP A 99 3.72 -1.31 -11.81
C TRP A 99 5.24 -1.39 -11.73
N SER A 100 5.92 -1.01 -12.83
CA SER A 100 7.37 -0.98 -12.88
C SER A 100 7.89 0.04 -11.86
N ASP A 101 8.56 -0.45 -10.82
CA ASP A 101 8.99 0.38 -9.70
C ASP A 101 10.05 1.42 -9.99
N ASP A 102 10.73 1.34 -11.14
CA ASP A 102 11.73 2.34 -11.49
C ASP A 102 11.15 3.70 -11.84
N ASP A 103 10.28 3.75 -12.86
CA ASP A 103 9.71 5.01 -13.31
C ASP A 103 8.58 5.52 -12.43
N TRP A 104 7.76 4.61 -11.90
CA TRP A 104 6.67 5.01 -11.00
C TRP A 104 7.21 5.56 -9.70
N LEU A 105 8.22 4.92 -9.09
CA LEU A 105 8.65 5.40 -7.79
C LEU A 105 9.57 6.62 -7.92
N LYS A 106 10.17 6.84 -9.10
CA LYS A 106 10.93 8.05 -9.34
C LYS A 106 10.03 9.29 -9.44
N LYS A 107 8.82 9.16 -10.03
CA LYS A 107 7.93 10.31 -10.14
C LYS A 107 7.15 10.55 -8.85
N PHE A 108 6.97 9.51 -8.03
CA PHE A 108 6.40 9.67 -6.70
C PHE A 108 7.34 10.23 -5.64
N SER A 109 8.64 10.04 -5.83
CA SER A 109 9.67 10.55 -4.93
C SER A 109 10.09 11.95 -5.33
N GLY A 110 9.87 12.32 -6.60
CA GLY A 110 10.22 13.65 -7.12
C GLY A 110 9.21 14.70 -6.69
N LYS A 111 9.55 15.96 -6.97
CA LYS A 111 8.71 17.10 -6.62
C LYS A 111 8.98 18.29 -7.53
N THR A 112 8.02 19.23 -7.56
CA THR A 112 8.15 20.47 -8.31
C THR A 112 7.39 21.64 -7.69
N LEU A 113 6.58 21.38 -6.66
CA LEU A 113 5.81 22.40 -5.96
C LEU A 113 6.72 23.35 -5.18
N GLU A 114 8.01 23.02 -5.06
CA GLU A 114 8.98 23.83 -4.36
C GLU A 114 9.62 24.87 -5.29
N GLU A 115 9.35 24.78 -6.59
CA GLU A 115 9.97 25.66 -7.59
C GLU A 115 8.99 26.03 -8.72
N ASN A 116 7.72 25.63 -8.59
CA ASN A 116 6.71 25.92 -9.59
C ASN A 116 5.33 25.92 -8.94
N LYS A 117 4.36 26.57 -9.59
CA LYS A 117 2.99 26.68 -9.10
C LYS A 117 2.03 26.90 -10.26
N ALA A 1 -0.87 12.75 -15.21
CA ALA A 1 -0.51 11.97 -16.41
C ALA A 1 0.67 11.05 -16.11
N GLY A 2 0.82 9.97 -16.91
CA GLY A 2 1.89 9.01 -16.73
C GLY A 2 1.68 8.12 -15.51
N HIS A 3 0.52 8.25 -14.86
CA HIS A 3 0.15 7.45 -13.71
C HIS A 3 -0.21 6.02 -14.13
N MET A 4 -0.22 5.10 -13.16
CA MET A 4 -0.55 3.70 -13.37
C MET A 4 -2.05 3.53 -13.66
N ALA A 5 -2.44 2.33 -14.08
CA ALA A 5 -3.80 2.00 -14.48
C ALA A 5 -4.80 2.17 -13.35
N THR A 6 -6.08 1.95 -13.68
CA THR A 6 -7.21 2.13 -12.77
C THR A 6 -7.24 1.26 -11.52
N THR A 7 -6.21 0.44 -11.27
CA THR A 7 -6.15 -0.35 -10.06
C THR A 7 -5.97 0.64 -8.92
N LYS A 8 -6.98 0.72 -8.05
CA LYS A 8 -7.05 1.69 -6.96
C LYS A 8 -7.86 1.13 -5.80
N ARG A 9 -8.06 1.95 -4.76
CA ARG A 9 -8.76 1.59 -3.53
C ARG A 9 -8.17 0.36 -2.84
N VAL A 10 -6.89 0.06 -3.07
CA VAL A 10 -6.24 -1.10 -2.47
C VAL A 10 -4.79 -0.74 -2.24
N LEU A 11 -4.18 -1.26 -1.17
CA LEU A 11 -2.77 -1.03 -0.91
C LEU A 11 -2.15 -2.22 -0.19
N TYR A 12 -0.97 -2.63 -0.66
CA TYR A 12 -0.13 -3.60 -0.01
C TYR A 12 0.74 -2.94 1.08
N VAL A 13 0.98 -3.65 2.18
CA VAL A 13 1.89 -3.17 3.21
C VAL A 13 2.87 -4.26 3.62
N GLY A 14 4.15 -3.91 3.75
CA GLY A 14 5.18 -4.90 4.09
C GLY A 14 6.17 -4.36 5.12
N GLY A 15 6.94 -5.26 5.71
CA GLY A 15 7.95 -4.90 6.69
C GLY A 15 7.36 -4.67 8.08
N LEU A 16 6.08 -5.04 8.27
CA LEU A 16 5.37 -4.81 9.51
C LEU A 16 6.03 -5.52 10.69
N ALA A 17 5.88 -4.95 11.88
CA ALA A 17 6.34 -5.57 13.11
C ALA A 17 5.41 -6.71 13.49
N GLU A 18 5.81 -7.51 14.48
CA GLU A 18 5.06 -8.69 14.93
C GLU A 18 3.78 -8.32 15.69
N GLU A 19 3.36 -7.05 15.66
CA GLU A 19 2.22 -6.58 16.44
C GLU A 19 1.29 -5.68 15.62
N VAL A 20 1.61 -5.43 14.35
CA VAL A 20 0.82 -4.55 13.49
C VAL A 20 -0.44 -5.22 12.92
N ASP A 21 -1.34 -5.64 13.83
CA ASP A 21 -2.59 -6.28 13.47
C ASP A 21 -3.58 -5.34 12.76
N ASP A 22 -4.74 -5.86 12.37
CA ASP A 22 -5.71 -5.09 11.60
C ASP A 22 -6.15 -3.76 12.22
N LYS A 23 -6.28 -3.70 13.55
CA LYS A 23 -6.69 -2.48 14.22
C LYS A 23 -5.57 -1.43 14.19
N VAL A 24 -4.32 -1.87 14.02
CA VAL A 24 -3.18 -0.97 13.97
C VAL A 24 -3.09 -0.29 12.61
N LEU A 25 -3.37 -1.03 11.54
CA LEU A 25 -3.37 -0.49 10.19
C LEU A 25 -4.57 0.44 10.00
N HIS A 26 -5.69 0.14 10.67
CA HIS A 26 -6.87 0.99 10.60
C HIS A 26 -6.57 2.35 11.19
N ALA A 27 -5.84 2.40 12.31
CA ALA A 27 -5.50 3.65 12.96
C ALA A 27 -4.33 4.35 12.26
N ALA A 28 -3.54 3.61 11.47
CA ALA A 28 -2.36 4.16 10.82
C ALA A 28 -2.64 4.68 9.41
N PHE A 29 -3.81 4.37 8.83
CA PHE A 29 -4.16 4.80 7.48
C PHE A 29 -5.42 5.63 7.33
N ILE A 30 -6.12 5.88 8.43
CA ILE A 30 -7.37 6.64 8.44
C ILE A 30 -7.20 8.15 8.22
N PRO A 31 -6.07 8.79 8.60
CA PRO A 31 -5.91 10.24 8.45
C PRO A 31 -5.94 10.71 6.99
N PHE A 32 -5.72 9.81 6.02
CA PHE A 32 -5.63 10.18 4.61
C PHE A 32 -7.01 10.11 3.94
N GLY A 33 -7.96 9.39 4.56
CA GLY A 33 -9.30 9.23 4.02
C GLY A 33 -9.99 8.04 4.67
N ASP A 34 -11.29 7.89 4.42
CA ASP A 34 -12.09 6.86 5.06
C ASP A 34 -11.78 5.43 4.63
N ILE A 35 -11.32 4.61 5.58
CA ILE A 35 -11.06 3.19 5.35
C ILE A 35 -12.39 2.44 5.29
N THR A 36 -12.39 1.29 4.61
CA THR A 36 -13.58 0.44 4.54
C THR A 36 -13.34 -1.05 4.75
N ASP A 37 -12.07 -1.49 4.72
CA ASP A 37 -11.75 -2.88 5.00
C ASP A 37 -10.23 -2.98 5.25
N ILE A 38 -9.82 -4.07 5.91
CA ILE A 38 -8.44 -4.39 6.23
C ILE A 38 -8.27 -5.90 6.10
N GLN A 39 -7.06 -6.38 5.78
CA GLN A 39 -6.84 -7.81 5.62
C GLN A 39 -5.52 -8.25 6.24
N ILE A 40 -5.56 -9.33 7.03
CA ILE A 40 -4.40 -9.90 7.69
C ILE A 40 -4.33 -11.41 7.43
N PRO A 41 -3.75 -11.82 6.30
CA PRO A 41 -3.48 -13.22 6.00
C PRO A 41 -2.28 -13.69 6.83
N LEU A 42 -2.10 -15.01 6.92
CA LEU A 42 -1.02 -15.59 7.72
C LEU A 42 0.14 -16.05 6.82
N ASP A 43 1.19 -16.59 7.42
CA ASP A 43 2.37 -17.09 6.72
C ASP A 43 2.03 -18.44 6.05
N TYR A 44 0.83 -18.98 6.32
CA TYR A 44 0.36 -20.27 5.85
C TYR A 44 1.32 -21.45 6.06
N GLU A 45 2.30 -21.31 6.94
CA GLU A 45 3.19 -22.40 7.31
C GLU A 45 3.12 -22.69 8.82
N THR A 46 2.87 -21.65 9.61
CA THR A 46 2.79 -21.72 11.06
C THR A 46 1.60 -20.96 11.66
N GLU A 47 0.70 -20.48 10.80
CA GLU A 47 -0.49 -19.75 11.18
C GLU A 47 -0.22 -18.47 11.98
N LYS A 48 0.94 -17.84 11.78
CA LYS A 48 1.26 -16.56 12.42
C LYS A 48 1.19 -15.43 11.39
N HIS A 49 1.15 -14.19 11.88
CA HIS A 49 1.18 -13.00 11.03
C HIS A 49 2.55 -12.93 10.35
N ARG A 50 2.53 -12.79 9.02
CA ARG A 50 3.71 -12.87 8.16
C ARG A 50 4.50 -11.56 8.12
N GLY A 51 3.93 -10.45 8.61
CA GLY A 51 4.61 -9.17 8.56
C GLY A 51 4.21 -8.34 7.34
N PHE A 52 3.07 -8.67 6.71
CA PHE A 52 2.58 -7.90 5.57
C PHE A 52 1.06 -7.95 5.71
N ALA A 53 0.39 -7.02 5.03
CA ALA A 53 -1.06 -6.87 5.12
C ALA A 53 -1.60 -6.08 3.91
N PHE A 54 -2.91 -5.85 3.89
CA PHE A 54 -3.56 -5.07 2.85
C PHE A 54 -4.60 -4.12 3.45
N VAL A 55 -4.95 -3.08 2.69
CA VAL A 55 -5.89 -2.05 3.10
C VAL A 55 -6.79 -1.67 1.93
N GLU A 56 -8.03 -1.23 2.22
CA GLU A 56 -8.98 -0.80 1.21
C GLU A 56 -9.82 0.36 1.73
N PHE A 57 -10.25 1.23 0.80
CA PHE A 57 -10.94 2.48 1.14
C PHE A 57 -12.05 2.62 0.12
N GLU A 58 -13.01 3.50 0.40
CA GLU A 58 -14.09 3.83 -0.52
C GLU A 58 -13.69 4.97 -1.46
N LEU A 59 -12.39 5.31 -1.51
CA LEU A 59 -11.88 6.39 -2.35
C LEU A 59 -10.62 5.95 -3.07
N ALA A 60 -10.52 6.28 -4.36
CA ALA A 60 -9.35 5.94 -5.16
C ALA A 60 -8.24 6.97 -5.00
N GLU A 61 -8.59 8.20 -4.64
CA GLU A 61 -7.60 9.26 -4.47
C GLU A 61 -6.91 9.13 -3.12
N ASP A 62 -7.55 8.46 -2.16
CA ASP A 62 -6.97 8.23 -0.85
C ASP A 62 -5.87 7.17 -0.93
N ALA A 63 -6.10 6.12 -1.73
CA ALA A 63 -5.12 5.06 -1.90
C ALA A 63 -3.83 5.60 -2.51
N ALA A 64 -3.96 6.42 -3.56
CA ALA A 64 -2.80 7.02 -4.21
C ALA A 64 -2.09 8.01 -3.29
N ALA A 65 -2.83 8.67 -2.41
CA ALA A 65 -2.24 9.64 -1.48
C ALA A 65 -1.43 8.93 -0.41
N ALA A 66 -1.84 7.73 0.00
CA ALA A 66 -1.07 6.97 0.98
C ALA A 66 0.24 6.46 0.36
N ILE A 67 0.26 6.21 -0.95
CA ILE A 67 1.52 5.88 -1.61
C ILE A 67 2.44 7.11 -1.57
N ASP A 68 1.85 8.31 -1.62
CA ASP A 68 2.60 9.57 -1.57
C ASP A 68 2.98 10.02 -0.15
N ASN A 69 2.39 9.41 0.89
CA ASN A 69 2.60 9.85 2.27
C ASN A 69 2.99 8.73 3.24
N MET A 70 2.96 7.47 2.83
CA MET A 70 3.27 6.35 3.72
C MET A 70 4.27 5.37 3.09
N ASN A 71 4.70 5.62 1.85
CA ASN A 71 5.71 4.79 1.23
C ASN A 71 7.04 4.97 1.96
N GLU A 72 7.72 3.86 2.25
CA GLU A 72 8.98 3.87 2.99
C GLU A 72 8.85 4.59 4.34
N SER A 73 7.64 4.65 4.89
CA SER A 73 7.38 5.26 6.19
C SER A 73 7.77 4.29 7.30
N GLU A 74 7.43 4.60 8.56
CA GLU A 74 7.85 3.80 9.71
C GLU A 74 6.67 3.49 10.62
N LEU A 75 6.58 2.22 11.04
CA LEU A 75 5.56 1.72 11.95
C LEU A 75 6.26 0.86 13.00
N PHE A 76 5.84 0.95 14.27
CA PHE A 76 6.40 0.14 15.34
C PHE A 76 7.92 0.20 15.55
N GLY A 77 8.58 1.26 15.06
CA GLY A 77 10.00 1.45 15.25
C GLY A 77 10.83 0.85 14.11
N ARG A 78 10.18 0.47 13.00
CA ARG A 78 10.86 -0.11 11.84
C ARG A 78 10.20 0.34 10.55
N THR A 79 10.98 0.40 9.47
CA THR A 79 10.50 0.80 8.16
C THR A 79 9.48 -0.13 7.52
N ILE A 80 8.53 0.43 6.76
CA ILE A 80 7.50 -0.34 6.07
C ILE A 80 7.38 0.13 4.63
N ARG A 81 6.55 -0.55 3.83
CA ARG A 81 6.32 -0.20 2.43
C ARG A 81 4.83 -0.05 2.17
N VAL A 82 4.47 0.83 1.23
CA VAL A 82 3.08 1.03 0.83
C VAL A 82 3.02 1.25 -0.67
N ASN A 83 2.22 0.41 -1.35
CA ASN A 83 2.06 0.49 -2.80
C ASN A 83 0.91 -0.40 -3.28
N LEU A 84 0.39 -0.15 -4.48
CA LEU A 84 -0.62 -1.01 -5.10
C LEU A 84 0.03 -2.33 -5.51
N ALA A 85 -0.78 -3.38 -5.65
CA ALA A 85 -0.28 -4.74 -5.86
C ALA A 85 0.55 -4.88 -7.14
N LYS A 86 1.57 -5.74 -7.07
CA LYS A 86 2.47 -6.08 -8.17
C LYS A 86 1.76 -6.99 -9.18
N PRO A 87 2.41 -7.30 -10.32
CA PRO A 87 1.81 -8.01 -11.45
C PRO A 87 1.13 -9.35 -11.13
N MET A 88 1.44 -10.00 -10.00
CA MET A 88 0.80 -11.26 -9.67
C MET A 88 -0.70 -11.04 -9.44
N ARG A 89 -1.52 -12.06 -9.71
CA ARG A 89 -2.96 -11.94 -9.57
C ARG A 89 -3.32 -11.61 -8.12
N ILE A 90 -4.27 -10.69 -7.97
CA ILE A 90 -4.73 -10.20 -6.67
C ILE A 90 -5.88 -11.07 -6.16
N LYS A 91 -6.36 -10.73 -4.96
CA LYS A 91 -7.40 -11.44 -4.21
C LYS A 91 -8.63 -11.89 -5.01
N GLU A 92 -8.84 -11.36 -6.22
CA GLU A 92 -10.02 -11.67 -7.03
C GLU A 92 -9.64 -12.20 -8.42
N GLY A 93 -8.39 -12.64 -8.57
CA GLY A 93 -7.90 -13.21 -9.82
C GLY A 93 -7.62 -12.15 -10.89
N SER A 94 -7.83 -10.87 -10.57
CA SER A 94 -7.60 -9.79 -11.51
C SER A 94 -6.11 -9.52 -11.68
N SER A 95 -5.68 -9.21 -12.89
CA SER A 95 -4.28 -8.92 -13.19
C SER A 95 -3.97 -7.45 -12.99
N ARG A 96 -2.70 -7.12 -12.74
CA ARG A 96 -2.24 -5.75 -12.49
C ARG A 96 -1.18 -5.36 -13.52
N PRO A 97 -0.94 -4.05 -13.68
CA PRO A 97 0.11 -3.52 -14.53
C PRO A 97 1.50 -4.00 -14.10
N VAL A 98 2.52 -3.57 -14.84
CA VAL A 98 3.90 -3.99 -14.58
C VAL A 98 4.48 -3.39 -13.29
N TRP A 99 4.06 -2.18 -12.91
CA TRP A 99 4.54 -1.53 -11.70
C TRP A 99 6.06 -1.49 -11.56
N SER A 100 6.75 -1.09 -12.62
CA SER A 100 8.21 -0.94 -12.61
C SER A 100 8.58 0.15 -11.60
N ASP A 101 9.27 -0.25 -10.54
CA ASP A 101 9.57 0.64 -9.43
C ASP A 101 10.53 1.78 -9.71
N ASP A 102 11.23 1.75 -10.85
CA ASP A 102 12.16 2.81 -11.19
C ASP A 102 11.49 4.12 -11.60
N ASP A 103 10.64 4.08 -12.63
CA ASP A 103 9.97 5.26 -13.12
C ASP A 103 8.77 5.68 -12.28
N TRP A 104 8.03 4.70 -11.73
CA TRP A 104 6.90 5.02 -10.88
C TRP A 104 7.36 5.68 -9.59
N LEU A 105 8.39 5.12 -8.94
CA LEU A 105 8.75 5.64 -7.64
C LEU A 105 9.56 6.93 -7.77
N LYS A 106 10.17 7.19 -8.93
CA LYS A 106 10.83 8.46 -9.18
C LYS A 106 9.82 9.61 -9.22
N LYS A 107 8.71 9.44 -9.94
CA LYS A 107 7.74 10.53 -10.06
C LYS A 107 6.93 10.67 -8.76
N PHE A 108 6.85 9.61 -7.96
CA PHE A 108 6.27 9.69 -6.62
C PHE A 108 7.18 10.26 -5.54
N SER A 109 8.49 10.32 -5.82
CA SER A 109 9.46 10.89 -4.88
C SER A 109 9.58 12.40 -5.09
N GLY A 110 9.33 12.87 -6.32
CA GLY A 110 9.36 14.29 -6.64
C GLY A 110 9.32 14.53 -8.13
N LYS A 111 9.38 15.81 -8.51
CA LYS A 111 9.33 16.22 -9.92
C LYS A 111 10.28 17.38 -10.20
N THR A 112 10.59 17.57 -11.48
CA THR A 112 11.47 18.65 -11.90
C THR A 112 10.77 20.01 -11.92
N LEU A 113 9.50 20.00 -12.35
CA LEU A 113 8.61 21.16 -12.42
C LEU A 113 9.26 22.43 -13.01
N GLU A 114 10.33 22.28 -13.79
CA GLU A 114 11.04 23.40 -14.37
C GLU A 114 11.53 24.37 -13.29
N GLU A 115 11.96 23.82 -12.15
CA GLU A 115 12.46 24.62 -11.03
C GLU A 115 13.78 25.30 -11.39
N ASN A 116 14.45 24.83 -12.45
CA ASN A 116 15.73 25.39 -12.89
C ASN A 116 15.53 26.79 -13.49
N LYS A 117 16.58 27.61 -13.44
CA LYS A 117 16.56 28.98 -13.94
C LYS A 117 17.91 29.32 -14.59
#